data_8E37
#
_entry.id   8E37
#
_cell.length_a   142.820
_cell.length_b   142.820
_cell.length_c   192.563
_cell.angle_alpha   90.000
_cell.angle_beta   90.000
_cell.angle_gamma   120.000
#
_symmetry.space_group_name_H-M   'P 31 2 1'
#
_entity_poly.entity_id   1
_entity_poly.type   'polypeptide(L)'
_entity_poly.pdbx_seq_one_letter_code
;SGSG(MSE)YRNFLKRVIDILGALFLLILTSPIIIATAIFIYFKVSRDVIFTQARPGLNEKIFKIYKFKT(MSE)SDERD
ANGELLPDDQRLGKFGKLIRSLSLDELPQLFNVLKGD(MSE)SFIGPRPLLVEYLPIYNETQKHRHDVRPGITGLAQVNG
RNAISWEKKFEYDVYYAKNLSF(MSE)LDVKIALQTIEKVLKRSGVSKEGQATTEKFNGKN
;
_entity_poly.pdbx_strand_id   B,A,C,D,E,F,G,H
#
# COMPACT_ATOMS: atom_id res chain seq x y z
N SER A 3 33.30 -29.39 20.60
CA SER A 3 34.10 -30.55 20.20
C SER A 3 35.55 -30.14 19.96
N GLY A 4 36.12 -30.63 18.86
CA GLY A 4 37.50 -30.29 18.54
C GLY A 4 38.33 -31.46 18.06
N MSE A 5 38.20 -32.61 18.72
CA MSE A 5 39.01 -33.78 18.36
C MSE A 5 38.57 -34.39 17.04
O MSE A 5 39.40 -34.78 16.22
CB MSE A 5 38.97 -34.82 19.48
CG MSE A 5 40.32 -35.43 19.77
SE MSE A 5 41.65 -34.06 20.20
CE MSE A 5 43.22 -34.89 19.39
N TYR A 6 37.25 -34.48 16.82
CA TYR A 6 36.74 -34.91 15.52
C TYR A 6 36.58 -33.75 14.54
N ARG A 7 36.23 -32.57 15.04
CA ARG A 7 35.93 -31.44 14.14
C ARG A 7 37.20 -30.94 13.46
N ASN A 8 38.31 -30.88 14.19
CA ASN A 8 39.54 -30.28 13.71
C ASN A 8 40.56 -31.29 13.22
N PHE A 9 40.24 -32.59 13.21
CA PHE A 9 41.25 -33.58 12.89
C PHE A 9 40.68 -34.83 12.21
N LEU A 10 39.83 -35.58 12.91
CA LEU A 10 39.43 -36.90 12.41
C LEU A 10 38.58 -36.81 11.15
N LYS A 11 37.77 -35.75 11.03
CA LYS A 11 36.94 -35.60 9.84
C LYS A 11 37.79 -35.46 8.58
N ARG A 12 38.93 -34.78 8.67
CA ARG A 12 39.81 -34.62 7.52
C ARG A 12 40.45 -35.94 7.11
N VAL A 13 40.78 -36.79 8.09
CA VAL A 13 41.40 -38.08 7.77
C VAL A 13 40.44 -38.96 6.99
N ILE A 14 39.18 -39.04 7.44
CA ILE A 14 38.18 -39.81 6.71
C ILE A 14 37.95 -39.22 5.33
N ASP A 15 38.07 -37.90 5.19
CA ASP A 15 37.97 -37.28 3.87
C ASP A 15 39.12 -37.67 2.97
N ILE A 16 40.35 -37.66 3.51
CA ILE A 16 41.52 -38.00 2.70
C ILE A 16 41.49 -39.48 2.31
N LEU A 17 41.34 -40.36 3.30
CA LEU A 17 41.32 -41.79 3.01
C LEU A 17 40.14 -42.16 2.11
N GLY A 18 38.96 -41.63 2.41
CA GLY A 18 37.79 -41.95 1.60
C GLY A 18 37.94 -41.52 0.16
N ALA A 19 38.44 -40.29 -0.05
CA ALA A 19 38.67 -39.81 -1.40
C ALA A 19 39.75 -40.64 -2.08
N LEU A 20 40.82 -40.97 -1.37
CA LEU A 20 41.89 -41.77 -1.95
C LEU A 20 41.40 -43.15 -2.32
N PHE A 21 40.63 -43.79 -1.43
CA PHE A 21 40.09 -45.11 -1.73
C PHE A 21 39.11 -45.05 -2.90
N LEU A 22 38.19 -44.09 -2.89
CA LEU A 22 37.21 -43.99 -3.96
C LEU A 22 37.86 -43.56 -5.29
N LEU A 23 38.95 -42.81 -5.24
CA LEU A 23 39.65 -42.47 -6.48
C LEU A 23 40.28 -43.70 -7.12
N ILE A 24 40.94 -44.53 -6.30
CA ILE A 24 41.50 -45.77 -6.82
C ILE A 24 40.39 -46.75 -7.20
N LEU A 25 39.25 -46.68 -6.52
CA LEU A 25 38.18 -47.65 -6.77
C LEU A 25 37.52 -47.43 -8.12
N THR A 26 37.32 -46.16 -8.51
CA THR A 26 36.66 -45.83 -9.76
C THR A 26 37.64 -45.37 -10.83
N SER A 27 38.93 -45.68 -10.68
CA SER A 27 39.95 -45.20 -11.59
C SER A 27 39.80 -45.75 -13.02
N PRO A 28 39.41 -47.01 -13.22
CA PRO A 28 39.15 -47.45 -14.61
C PRO A 28 38.03 -46.68 -15.27
N ILE A 29 36.96 -46.39 -14.53
CA ILE A 29 35.86 -45.59 -15.08
C ILE A 29 36.33 -44.16 -15.35
N ILE A 30 37.20 -43.63 -14.50
CA ILE A 30 37.72 -42.27 -14.71
C ILE A 30 38.53 -42.19 -15.99
N ILE A 31 39.43 -43.16 -16.20
CA ILE A 31 40.25 -43.14 -17.41
C ILE A 31 39.40 -43.41 -18.64
N ALA A 32 38.41 -44.31 -18.52
CA ALA A 32 37.51 -44.58 -19.64
C ALA A 32 36.71 -43.34 -20.01
N THR A 33 36.15 -42.65 -19.01
CA THR A 33 35.40 -41.43 -19.27
C THR A 33 36.25 -40.39 -19.98
N ALA A 34 37.45 -40.12 -19.44
CA ALA A 34 38.34 -39.13 -20.04
C ALA A 34 38.72 -39.50 -21.48
N ILE A 35 38.91 -40.80 -21.74
CA ILE A 35 39.26 -41.23 -23.09
C ILE A 35 38.11 -40.95 -24.06
N PHE A 36 36.89 -41.30 -23.67
CA PHE A 36 35.74 -41.06 -24.54
C PHE A 36 35.57 -39.57 -24.82
N ILE A 37 35.66 -38.74 -23.77
CA ILE A 37 35.52 -37.30 -23.94
C ILE A 37 36.63 -36.74 -24.83
N TYR A 38 37.84 -37.28 -24.67
CA TYR A 38 38.99 -36.79 -25.45
C TYR A 38 38.76 -36.95 -26.95
N PHE A 39 38.21 -38.09 -27.37
CA PHE A 39 38.12 -38.41 -28.79
C PHE A 39 36.80 -38.01 -29.42
N LYS A 40 35.74 -37.80 -28.63
CA LYS A 40 34.41 -37.55 -29.17
C LYS A 40 33.78 -36.25 -28.69
N VAL A 41 34.33 -35.60 -27.67
CA VAL A 41 33.76 -34.36 -27.17
C VAL A 41 34.80 -33.25 -27.29
N SER A 42 35.82 -33.31 -26.43
CA SER A 42 36.83 -32.26 -26.39
C SER A 42 38.11 -32.84 -25.83
N ARG A 43 39.24 -32.44 -26.40
CA ARG A 43 40.53 -32.90 -25.91
C ARG A 43 40.95 -32.17 -24.63
N ASP A 44 40.12 -31.28 -24.11
CA ASP A 44 40.36 -30.67 -22.81
C ASP A 44 39.77 -31.48 -21.68
N VAL A 45 38.70 -32.24 -21.95
CA VAL A 45 38.21 -33.30 -21.07
C VAL A 45 37.67 -32.73 -19.76
N ILE A 46 38.48 -31.93 -19.07
CA ILE A 46 38.15 -31.43 -17.74
C ILE A 46 37.94 -29.93 -17.82
N PHE A 47 36.91 -29.45 -17.14
CA PHE A 47 36.70 -28.02 -16.93
C PHE A 47 36.48 -27.76 -15.45
N THR A 48 36.84 -26.56 -15.03
CA THR A 48 36.80 -26.19 -13.62
C THR A 48 35.67 -25.21 -13.35
N GLN A 49 35.25 -25.15 -12.09
CA GLN A 49 34.18 -24.26 -11.66
C GLN A 49 34.62 -23.50 -10.42
N ALA A 50 34.68 -22.18 -10.51
CA ALA A 50 35.10 -21.35 -9.38
C ALA A 50 33.92 -21.13 -8.44
N ARG A 51 34.07 -21.56 -7.19
CA ARG A 51 33.02 -21.47 -6.18
C ARG A 51 33.66 -21.14 -4.84
N PRO A 52 32.94 -20.43 -3.97
CA PRO A 52 33.49 -20.12 -2.65
C PRO A 52 33.46 -21.33 -1.72
N GLY A 53 34.53 -21.49 -0.94
CA GLY A 53 34.67 -22.61 -0.05
C GLY A 53 34.92 -22.23 1.39
N LEU A 54 35.89 -22.87 2.03
CA LEU A 54 36.17 -22.61 3.44
C LEU A 54 36.62 -21.16 3.61
N ASN A 55 35.97 -20.47 4.55
CA ASN A 55 36.21 -19.04 4.78
C ASN A 55 35.96 -18.24 3.52
N GLU A 56 35.01 -18.70 2.70
CA GLU A 56 34.58 -18.07 1.45
C GLU A 56 35.70 -18.01 0.40
N LYS A 57 36.78 -18.75 0.60
CA LYS A 57 37.89 -18.73 -0.34
C LYS A 57 37.50 -19.46 -1.63
N ILE A 58 37.82 -18.85 -2.76
CA ILE A 58 37.41 -19.38 -4.05
C ILE A 58 38.32 -20.54 -4.44
N PHE A 59 37.73 -21.60 -5.00
CA PHE A 59 38.47 -22.72 -5.54
C PHE A 59 37.78 -23.22 -6.80
N LYS A 60 38.54 -23.96 -7.62
CA LYS A 60 38.01 -24.52 -8.85
C LYS A 60 37.53 -25.96 -8.61
N ILE A 61 36.27 -26.21 -8.97
CA ILE A 61 35.69 -27.54 -8.89
C ILE A 61 35.95 -28.29 -10.19
N TYR A 62 36.52 -29.49 -10.09
CA TYR A 62 36.86 -30.27 -11.27
C TYR A 62 35.67 -31.14 -11.69
N LYS A 63 35.43 -31.19 -12.99
CA LYS A 63 34.30 -31.91 -13.55
C LYS A 63 34.61 -32.25 -15.01
N PHE A 64 34.09 -33.37 -15.48
CA PHE A 64 34.29 -33.77 -16.86
C PHE A 64 33.46 -32.92 -17.81
N LYS A 65 34.04 -32.58 -18.95
CA LYS A 65 33.36 -31.80 -19.98
C LYS A 65 32.42 -32.71 -20.77
N THR A 66 31.15 -32.34 -20.84
CA THR A 66 30.14 -33.16 -21.52
C THR A 66 29.59 -32.54 -22.80
N MSE A 67 29.60 -31.22 -22.92
CA MSE A 67 29.11 -30.59 -24.15
C MSE A 67 30.28 -30.31 -25.08
O MSE A 67 31.37 -29.99 -24.63
CB MSE A 67 28.36 -29.31 -23.83
CG MSE A 67 27.43 -29.44 -22.64
SE MSE A 67 25.83 -28.35 -22.80
CE MSE A 67 26.60 -26.67 -22.19
N SER A 68 30.04 -30.44 -26.37
CA SER A 68 31.09 -30.15 -27.34
C SER A 68 31.46 -28.67 -27.30
N ASP A 69 32.53 -28.33 -28.02
CA ASP A 69 32.96 -26.95 -28.15
C ASP A 69 32.62 -26.40 -29.54
N GLU A 70 31.50 -26.87 -30.09
CA GLU A 70 31.08 -26.52 -31.44
C GLU A 70 30.63 -25.07 -31.53
N ARG A 71 30.90 -24.45 -32.67
CA ARG A 71 30.63 -23.05 -32.95
C ARG A 71 29.59 -22.95 -34.07
N ASP A 72 29.25 -21.72 -34.43
CA ASP A 72 28.26 -21.46 -35.45
C ASP A 72 28.89 -20.70 -36.60
N ALA A 73 28.12 -20.51 -37.67
CA ALA A 73 28.62 -19.72 -38.79
C ALA A 73 29.04 -18.33 -38.32
N ASN A 74 28.38 -17.79 -37.29
CA ASN A 74 28.78 -16.51 -36.72
C ASN A 74 29.65 -16.65 -35.48
N GLY A 75 29.69 -17.83 -34.84
CA GLY A 75 30.54 -18.05 -33.69
C GLY A 75 29.87 -18.07 -32.32
N GLU A 76 28.55 -17.93 -32.22
CA GLU A 76 27.88 -17.74 -30.94
C GLU A 76 27.52 -19.04 -30.22
N LEU A 77 28.16 -20.17 -30.57
CA LEU A 77 27.84 -21.49 -30.03
C LEU A 77 26.43 -21.93 -30.40
N LEU A 78 26.24 -23.22 -30.62
CA LEU A 78 24.91 -23.72 -30.90
C LEU A 78 24.12 -23.76 -29.61
N PRO A 79 22.78 -23.79 -29.69
CA PRO A 79 22.00 -23.95 -28.46
C PRO A 79 22.36 -25.27 -27.81
N ASP A 80 22.14 -25.34 -26.49
CA ASP A 80 22.54 -26.51 -25.73
C ASP A 80 21.90 -27.80 -26.22
N ASP A 81 20.87 -27.69 -27.07
CA ASP A 81 20.21 -28.88 -27.57
C ASP A 81 21.12 -29.71 -28.47
N GLN A 82 21.88 -29.05 -29.35
CA GLN A 82 22.63 -29.74 -30.40
C GLN A 82 24.07 -30.06 -30.03
N ARG A 83 24.59 -29.46 -28.96
CA ARG A 83 25.97 -29.69 -28.56
C ARG A 83 26.14 -30.82 -27.55
N LEU A 84 25.05 -31.40 -27.06
CA LEU A 84 25.08 -32.44 -26.05
C LEU A 84 24.53 -33.73 -26.66
N GLY A 85 25.42 -34.62 -27.08
CA GLY A 85 24.99 -35.87 -27.69
C GLY A 85 24.34 -36.81 -26.71
N LYS A 86 23.95 -37.97 -27.23
CA LYS A 86 23.30 -38.99 -26.41
C LYS A 86 24.24 -39.54 -25.35
N PHE A 87 25.48 -39.86 -25.73
CA PHE A 87 26.43 -40.41 -24.77
C PHE A 87 26.86 -39.37 -23.75
N GLY A 88 26.84 -38.09 -24.12
CA GLY A 88 27.14 -37.05 -23.15
C GLY A 88 26.08 -36.99 -22.06
N LYS A 89 24.81 -37.12 -22.44
CA LYS A 89 23.74 -37.20 -21.45
C LYS A 89 23.88 -38.46 -20.61
N LEU A 90 24.30 -39.57 -21.24
CA LEU A 90 24.48 -40.82 -20.51
C LEU A 90 25.56 -40.66 -19.45
N ILE A 91 26.65 -39.96 -19.79
CA ILE A 91 27.69 -39.69 -18.80
C ILE A 91 27.15 -38.82 -17.68
N ARG A 92 26.34 -37.81 -18.04
CA ARG A 92 25.70 -36.98 -17.02
C ARG A 92 24.72 -37.77 -16.19
N SER A 93 23.95 -38.66 -16.82
CA SER A 93 22.92 -39.41 -16.12
C SER A 93 23.53 -40.35 -15.08
N LEU A 94 24.63 -41.03 -15.44
CA LEU A 94 25.33 -41.91 -14.52
C LEU A 94 26.24 -41.16 -13.56
N SER A 95 26.22 -39.83 -13.60
CA SER A 95 27.01 -38.97 -12.72
C SER A 95 28.52 -39.23 -12.87
N LEU A 96 28.93 -39.75 -14.02
CA LEU A 96 30.35 -40.00 -14.26
C LEU A 96 31.13 -38.70 -14.36
N ASP A 97 30.51 -37.66 -14.92
CA ASP A 97 31.16 -36.36 -15.01
C ASP A 97 31.43 -35.76 -13.64
N GLU A 98 30.72 -36.19 -12.61
CA GLU A 98 30.89 -35.64 -11.27
C GLU A 98 32.10 -36.22 -10.54
N LEU A 99 32.66 -37.33 -11.05
CA LEU A 99 33.73 -38.03 -10.34
C LEU A 99 34.96 -37.19 -10.03
N PRO A 100 35.47 -36.29 -10.92
CA PRO A 100 36.69 -35.54 -10.59
C PRO A 100 36.63 -34.77 -9.28
N GLN A 101 35.42 -34.55 -8.74
CA GLN A 101 35.30 -33.87 -7.45
C GLN A 101 35.90 -34.66 -6.30
N LEU A 102 36.13 -35.96 -6.47
CA LEU A 102 36.85 -36.72 -5.46
C LEU A 102 38.24 -36.14 -5.22
N PHE A 103 38.88 -35.63 -6.29
CA PHE A 103 40.16 -34.96 -6.12
C PHE A 103 40.01 -33.66 -5.33
N ASN A 104 38.90 -32.95 -5.54
CA ASN A 104 38.60 -31.78 -4.72
C ASN A 104 38.52 -32.15 -3.25
N VAL A 105 37.84 -33.27 -2.93
CA VAL A 105 37.75 -33.73 -1.55
C VAL A 105 39.12 -34.12 -1.02
N LEU A 106 39.94 -34.75 -1.87
CA LEU A 106 41.24 -35.25 -1.42
C LEU A 106 42.19 -34.10 -1.09
N LYS A 107 42.18 -33.04 -1.89
CA LYS A 107 43.14 -31.95 -1.75
C LYS A 107 42.74 -30.91 -0.73
N GLY A 108 41.58 -31.07 -0.09
CA GLY A 108 41.15 -30.16 0.96
C GLY A 108 40.14 -29.12 0.53
N ASP A 109 39.84 -29.01 -0.76
CA ASP A 109 38.84 -28.05 -1.21
C ASP A 109 37.48 -28.33 -0.56
N MSE A 110 37.10 -29.60 -0.49
CA MSE A 110 35.78 -29.98 -0.02
C MSE A 110 35.89 -31.15 0.95
O MSE A 110 36.91 -31.82 1.04
CB MSE A 110 34.89 -30.36 -1.20
CG MSE A 110 34.87 -29.33 -2.32
SE MSE A 110 33.55 -29.72 -3.70
CE MSE A 110 32.19 -30.51 -2.55
N SER A 111 34.80 -31.39 1.69
CA SER A 111 34.64 -32.58 2.51
C SER A 111 33.63 -33.52 1.86
N PHE A 112 33.56 -34.74 2.39
CA PHE A 112 32.54 -35.67 1.91
C PHE A 112 31.15 -35.22 2.34
N ILE A 113 31.04 -34.63 3.52
CA ILE A 113 29.78 -34.13 4.05
C ILE A 113 29.96 -32.66 4.38
N GLY A 114 29.13 -31.81 3.77
CA GLY A 114 29.22 -30.38 3.96
C GLY A 114 28.24 -29.64 3.09
N PRO A 115 28.19 -28.31 3.23
CA PRO A 115 27.26 -27.51 2.43
C PRO A 115 27.56 -27.60 0.94
N ARG A 116 26.55 -27.30 0.15
CA ARG A 116 26.66 -27.40 -1.30
C ARG A 116 27.40 -26.18 -1.84
N PRO A 117 28.40 -26.35 -2.70
CA PRO A 117 29.12 -25.19 -3.25
C PRO A 117 28.20 -24.43 -4.21
N LEU A 118 27.93 -23.18 -3.87
CA LEU A 118 27.03 -22.32 -4.63
C LEU A 118 27.80 -21.19 -5.30
N LEU A 119 27.08 -20.41 -6.08
CA LEU A 119 27.68 -19.35 -6.88
C LEU A 119 28.41 -18.34 -5.98
N VAL A 120 29.35 -17.61 -6.59
CA VAL A 120 30.03 -16.53 -5.89
C VAL A 120 29.14 -15.31 -5.77
N GLU A 121 28.10 -15.22 -6.59
CA GLU A 121 27.18 -14.09 -6.55
C GLU A 121 26.48 -13.96 -5.19
N TYR A 122 26.21 -15.09 -4.52
CA TYR A 122 25.42 -15.05 -3.30
C TYR A 122 26.21 -14.60 -2.08
N LEU A 123 27.52 -14.39 -2.20
CA LEU A 123 28.32 -14.04 -1.02
C LEU A 123 27.90 -12.73 -0.38
N PRO A 124 27.70 -11.62 -1.10
CA PRO A 124 27.25 -10.40 -0.41
C PRO A 124 25.79 -10.44 0.03
N ILE A 125 25.02 -11.41 -0.46
CA ILE A 125 23.59 -11.49 -0.13
C ILE A 125 23.37 -12.20 1.21
N TYR A 126 24.29 -13.08 1.60
CA TYR A 126 24.14 -13.79 2.86
C TYR A 126 24.12 -12.82 4.04
N ASN A 127 23.25 -13.06 5.00
CA ASN A 127 23.21 -12.23 6.20
C ASN A 127 24.23 -12.74 7.22
N GLU A 128 24.28 -12.08 8.38
CA GLU A 128 25.27 -12.45 9.40
C GLU A 128 25.09 -13.88 9.90
N THR A 129 23.87 -14.43 9.81
CA THR A 129 23.68 -15.80 10.25
C THR A 129 23.96 -16.80 9.13
N GLN A 130 23.52 -16.49 7.91
CA GLN A 130 23.71 -17.41 6.79
C GLN A 130 25.16 -17.45 6.31
N LYS A 131 25.95 -16.41 6.59
CA LYS A 131 27.35 -16.40 6.18
C LYS A 131 28.15 -17.51 6.84
N HIS A 132 27.70 -17.99 8.00
CA HIS A 132 28.39 -19.03 8.74
C HIS A 132 28.43 -20.37 8.02
N ARG A 133 27.67 -20.55 6.94
CA ARG A 133 27.72 -21.80 6.19
C ARG A 133 29.09 -22.06 5.60
N HIS A 134 29.92 -21.02 5.43
CA HIS A 134 31.27 -21.18 4.92
C HIS A 134 32.30 -21.33 6.04
N ASP A 135 31.85 -21.60 7.27
CA ASP A 135 32.78 -21.88 8.36
C ASP A 135 33.32 -23.30 8.28
N VAL A 136 32.80 -24.14 7.37
CA VAL A 136 33.26 -25.49 7.14
C VAL A 136 33.40 -25.71 5.65
N ARG A 137 34.14 -26.74 5.28
CA ARG A 137 34.34 -27.07 3.89
C ARG A 137 33.03 -27.53 3.25
N PRO A 138 32.81 -27.20 1.98
CA PRO A 138 31.62 -27.70 1.28
C PRO A 138 31.71 -29.22 1.11
N GLY A 139 30.57 -29.80 0.72
CA GLY A 139 30.46 -31.24 0.69
C GLY A 139 29.75 -31.75 -0.55
N ILE A 140 30.04 -33.01 -0.89
CA ILE A 140 29.31 -33.71 -1.94
C ILE A 140 27.87 -33.94 -1.51
N THR A 141 27.67 -34.28 -0.24
CA THR A 141 26.36 -34.37 0.39
C THR A 141 26.42 -33.58 1.69
N GLY A 142 25.26 -33.36 2.29
CA GLY A 142 25.22 -32.60 3.52
C GLY A 142 23.86 -32.64 4.17
N LEU A 143 23.71 -31.81 5.21
CA LEU A 143 22.46 -31.77 5.96
C LEU A 143 21.33 -31.20 5.12
N ALA A 144 21.64 -30.31 4.18
CA ALA A 144 20.61 -29.73 3.33
C ALA A 144 20.24 -30.63 2.16
N GLN A 145 21.22 -31.37 1.63
CA GLN A 145 20.96 -32.20 0.46
C GLN A 145 20.04 -33.37 0.78
N VAL A 146 20.15 -33.93 1.99
CA VAL A 146 19.32 -35.07 2.36
C VAL A 146 17.92 -34.62 2.78
N ASN A 147 17.74 -33.35 3.14
CA ASN A 147 16.45 -32.82 3.56
C ASN A 147 15.75 -32.09 2.42
N GLY A 148 15.78 -32.63 1.21
CA GLY A 148 15.06 -32.03 0.10
C GLY A 148 13.59 -32.37 0.17
N ARG A 149 12.74 -31.35 0.08
CA ARG A 149 11.31 -31.54 0.26
C ARG A 149 10.51 -30.96 -0.92
N ASN A 150 11.11 -30.94 -2.10
CA ASN A 150 10.47 -30.40 -3.30
C ASN A 150 10.00 -28.97 -3.08
N ALA A 151 10.88 -28.16 -2.49
CA ALA A 151 10.58 -26.75 -2.24
C ALA A 151 11.89 -25.98 -2.23
N ILE A 152 11.91 -24.84 -2.90
CA ILE A 152 13.11 -24.02 -2.99
C ILE A 152 13.08 -22.94 -1.93
N SER A 153 13.26 -23.34 -0.67
CA SER A 153 13.33 -22.41 0.45
C SER A 153 14.82 -22.25 0.77
N TRP A 154 15.46 -21.29 0.11
CA TRP A 154 16.89 -21.07 0.31
C TRP A 154 17.21 -20.78 1.76
N GLU A 155 16.33 -20.03 2.44
CA GLU A 155 16.58 -19.67 3.82
C GLU A 155 16.56 -20.89 4.75
N LYS A 156 15.73 -21.88 4.44
CA LYS A 156 15.70 -23.10 5.23
C LYS A 156 16.88 -24.01 4.89
N LYS A 157 17.29 -24.03 3.62
CA LYS A 157 18.55 -24.70 3.27
C LYS A 157 19.70 -24.06 4.04
N PHE A 158 19.71 -22.73 4.12
CA PHE A 158 20.76 -22.03 4.86
C PHE A 158 20.62 -22.25 6.36
N GLU A 159 19.39 -22.45 6.84
CA GLU A 159 19.22 -22.80 8.26
C GLU A 159 19.87 -24.14 8.55
N TYR A 160 19.67 -25.12 7.67
CA TYR A 160 20.35 -26.40 7.82
C TYR A 160 21.87 -26.24 7.68
N ASP A 161 22.31 -25.37 6.77
CA ASP A 161 23.73 -25.16 6.56
C ASP A 161 24.39 -24.58 7.81
N VAL A 162 23.77 -23.57 8.42
CA VAL A 162 24.37 -22.91 9.57
C VAL A 162 24.34 -23.82 10.80
N TYR A 163 23.25 -24.56 10.99
CA TYR A 163 23.18 -25.50 12.11
C TYR A 163 24.23 -26.59 11.97
N TYR A 164 24.50 -27.04 10.74
CA TYR A 164 25.53 -28.06 10.55
C TYR A 164 26.92 -27.53 10.87
N ALA A 165 27.25 -26.32 10.43
CA ALA A 165 28.57 -25.77 10.69
C ALA A 165 28.79 -25.55 12.19
N LYS A 166 27.72 -25.24 12.93
CA LYS A 166 27.85 -25.01 14.36
C LYS A 166 27.90 -26.33 15.14
N ASN A 167 27.10 -27.33 14.75
CA ASN A 167 27.00 -28.55 15.53
C ASN A 167 27.54 -29.75 14.76
N LEU A 168 28.76 -29.65 14.25
CA LEU A 168 29.41 -30.77 13.57
C LEU A 168 29.78 -31.84 14.58
N SER A 169 29.28 -33.06 14.37
CA SER A 169 29.58 -34.18 15.25
C SER A 169 29.83 -35.42 14.42
N PHE A 170 30.53 -36.39 15.03
CA PHE A 170 30.71 -37.69 14.38
C PHE A 170 29.37 -38.42 14.28
N MSE A 171 28.53 -38.28 15.31
CA MSE A 171 27.14 -38.72 15.26
C MSE A 171 26.42 -38.13 14.05
O MSE A 171 25.83 -38.86 13.26
CB MSE A 171 26.42 -38.31 16.54
CG MSE A 171 26.96 -38.94 17.81
SE MSE A 171 27.20 -40.85 17.60
CE MSE A 171 25.33 -41.35 17.43
N LEU A 172 26.47 -36.80 13.93
CA LEU A 172 25.75 -36.12 12.87
C LEU A 172 26.26 -36.53 11.50
N ASP A 173 27.56 -36.73 11.36
CA ASP A 173 28.11 -37.17 10.07
C ASP A 173 27.61 -38.56 9.71
N VAL A 174 27.59 -39.48 10.67
CA VAL A 174 27.03 -40.80 10.43
C VAL A 174 25.55 -40.69 10.09
N LYS A 175 24.82 -39.83 10.81
CA LYS A 175 23.41 -39.62 10.51
C LYS A 175 23.20 -39.12 9.09
N ILE A 176 24.04 -38.18 8.64
CA ILE A 176 23.95 -37.70 7.26
C ILE A 176 24.29 -38.83 6.29
N ALA A 177 25.31 -39.61 6.59
CA ALA A 177 25.71 -40.70 5.71
C ALA A 177 24.60 -41.73 5.55
N LEU A 178 23.95 -42.10 6.66
CA LEU A 178 22.82 -43.03 6.58
C LEU A 178 21.65 -42.39 5.84
N GLN A 179 21.39 -41.11 6.08
CA GLN A 179 20.33 -40.42 5.37
C GLN A 179 20.65 -40.30 3.88
N THR A 180 21.93 -40.30 3.51
CA THR A 180 22.29 -40.20 2.10
C THR A 180 22.12 -41.53 1.38
N ILE A 181 22.52 -42.64 2.00
CA ILE A 181 22.34 -43.95 1.37
C ILE A 181 20.87 -44.35 1.39
N GLU A 182 20.13 -43.96 2.42
CA GLU A 182 18.69 -44.19 2.42
C GLU A 182 17.98 -43.26 1.44
N LYS A 183 18.58 -42.10 1.16
CA LYS A 183 18.05 -41.22 0.11
C LYS A 183 18.12 -41.88 -1.26
N VAL A 184 19.23 -42.56 -1.55
CA VAL A 184 19.42 -43.18 -2.86
C VAL A 184 18.72 -44.52 -3.00
N LEU A 185 18.19 -45.06 -1.91
CA LEU A 185 17.36 -46.26 -2.01
C LEU A 185 16.06 -45.97 -2.77
N LYS A 186 15.63 -44.72 -2.78
CA LYS A 186 14.48 -44.25 -3.53
C LYS A 186 14.97 -43.66 -4.84
N ARG A 187 14.03 -43.33 -5.73
CA ARG A 187 14.39 -42.83 -7.06
C ARG A 187 15.13 -41.50 -6.96
N SER B 3 1.20 9.79 -43.41
CA SER B 3 2.53 10.11 -42.90
C SER B 3 3.35 8.84 -42.65
N GLY B 4 4.02 8.79 -41.50
CA GLY B 4 4.82 7.63 -41.15
C GLY B 4 6.18 8.00 -40.59
N MSE B 5 6.77 9.07 -41.11
CA MSE B 5 8.08 9.53 -40.67
C MSE B 5 8.11 9.85 -39.18
O MSE B 5 9.00 9.39 -38.46
CB MSE B 5 8.51 10.76 -41.47
CG MSE B 5 9.24 10.44 -42.76
SE MSE B 5 10.63 9.09 -42.49
CE MSE B 5 12.08 10.26 -41.94
N TYR B 6 7.14 10.64 -38.72
CA TYR B 6 7.12 11.05 -37.32
C TYR B 6 6.72 9.89 -36.40
N ARG B 7 5.80 9.04 -36.86
CA ARG B 7 5.31 7.97 -35.99
C ARG B 7 6.35 6.87 -35.81
N ASN B 8 7.06 6.51 -36.87
CA ASN B 8 7.91 5.34 -36.85
C ASN B 8 9.37 5.66 -36.56
N PHE B 9 9.71 6.93 -36.34
CA PHE B 9 11.12 7.28 -36.17
C PHE B 9 11.29 8.52 -35.30
N LEU B 10 10.78 9.67 -35.78
CA LEU B 10 11.13 10.94 -35.17
C LEU B 10 10.56 11.06 -33.76
N LYS B 11 9.38 10.52 -33.53
CA LYS B 11 8.79 10.60 -32.19
C LYS B 11 9.63 9.83 -31.18
N ARG B 12 10.14 8.66 -31.57
CA ARG B 12 10.98 7.88 -30.67
C ARG B 12 12.34 8.54 -30.45
N VAL B 13 12.89 9.17 -31.49
CA VAL B 13 14.18 9.85 -31.35
C VAL B 13 14.06 11.00 -30.37
N ILE B 14 13.00 11.81 -30.51
CA ILE B 14 12.75 12.88 -29.55
C ILE B 14 12.48 12.32 -28.16
N ASP B 15 11.88 11.13 -28.09
CA ASP B 15 11.68 10.47 -26.80
C ASP B 15 13.01 10.09 -26.17
N ILE B 16 13.92 9.52 -26.96
CA ILE B 16 15.21 9.09 -26.42
C ILE B 16 16.03 10.29 -25.96
N LEU B 17 16.21 11.27 -26.85
CA LEU B 17 17.01 12.44 -26.52
C LEU B 17 16.37 13.24 -25.38
N GLY B 18 15.05 13.46 -25.45
CA GLY B 18 14.39 14.24 -24.42
C GLY B 18 14.49 13.61 -23.05
N ALA B 19 14.23 12.30 -22.96
CA ALA B 19 14.35 11.61 -21.69
C ALA B 19 15.79 11.59 -21.21
N LEU B 20 16.74 11.34 -22.12
CA LEU B 20 18.15 11.31 -21.73
C LEU B 20 18.63 12.67 -21.24
N PHE B 21 18.24 13.73 -21.94
CA PHE B 21 18.62 15.08 -21.54
C PHE B 21 18.02 15.43 -20.18
N LEU B 22 16.73 15.16 -20.00
CA LEU B 22 16.08 15.48 -18.72
C LEU B 22 16.60 14.60 -17.57
N LEU B 23 17.04 13.38 -17.87
CA LEU B 23 17.61 12.54 -16.82
C LEU B 23 18.91 13.12 -16.30
N ILE B 24 19.79 13.58 -17.21
CA ILE B 24 21.02 14.24 -16.79
C ILE B 24 20.72 15.60 -16.16
N LEU B 25 19.63 16.25 -16.60
CA LEU B 25 19.33 17.60 -16.13
C LEU B 25 18.89 17.60 -14.67
N THR B 26 18.10 16.61 -14.26
CA THR B 26 17.58 16.52 -12.90
C THR B 26 18.30 15.47 -12.07
N SER B 27 19.49 15.02 -12.50
CA SER B 27 20.23 13.95 -11.85
C SER B 27 20.67 14.29 -10.43
N PRO B 28 21.08 15.52 -10.12
CA PRO B 28 21.36 15.84 -8.72
C PRO B 28 20.12 15.71 -7.83
N ILE B 29 18.96 16.13 -8.34
CA ILE B 29 17.73 15.97 -7.58
C ILE B 29 17.40 14.49 -7.39
N ILE B 30 17.69 13.67 -8.40
CA ILE B 30 17.43 12.24 -8.30
C ILE B 30 18.27 11.61 -7.20
N ILE B 31 19.57 11.93 -7.18
CA ILE B 31 20.46 11.36 -6.18
C ILE B 31 20.11 11.87 -4.79
N ALA B 32 19.77 13.17 -4.68
CA ALA B 32 19.37 13.72 -3.39
C ALA B 32 18.09 13.08 -2.87
N THR B 33 17.07 12.96 -3.72
CA THR B 33 15.83 12.33 -3.31
C THR B 33 16.05 10.89 -2.85
N ALA B 34 16.75 10.10 -3.66
CA ALA B 34 17.01 8.70 -3.31
C ALA B 34 17.77 8.58 -2.00
N ILE B 35 18.74 9.47 -1.76
CA ILE B 35 19.51 9.44 -0.51
C ILE B 35 18.59 9.75 0.67
N PHE B 36 17.77 10.80 0.55
CA PHE B 36 16.86 11.14 1.64
C PHE B 36 15.91 10.00 1.93
N ILE B 37 15.34 9.39 0.88
CA ILE B 37 14.41 8.28 1.06
C ILE B 37 15.11 7.11 1.74
N TYR B 38 16.38 6.87 1.38
CA TYR B 38 17.12 5.74 1.94
C TYR B 38 17.25 5.85 3.45
N PHE B 39 17.56 7.04 3.96
CA PHE B 39 17.88 7.20 5.37
C PHE B 39 16.68 7.58 6.24
N LYS B 40 15.62 8.14 5.66
CA LYS B 40 14.53 8.65 6.46
C LYS B 40 13.16 8.05 6.13
N VAL B 41 13.02 7.33 5.02
CA VAL B 41 11.74 6.74 4.67
C VAL B 41 11.90 5.22 4.56
N SER B 42 12.55 4.76 3.50
CA SER B 42 12.67 3.34 3.25
C SER B 42 13.92 3.09 2.41
N ARG B 43 14.65 2.03 2.75
CA ARG B 43 15.87 1.67 2.04
C ARG B 43 15.63 0.97 0.71
N ASP B 44 14.37 0.81 0.29
CA ASP B 44 14.10 0.29 -1.05
C ASP B 44 14.00 1.39 -2.09
N VAL B 45 13.66 2.61 -1.69
CA VAL B 45 13.79 3.82 -2.48
C VAL B 45 12.84 3.80 -3.69
N ILE B 46 12.93 2.76 -4.52
CA ILE B 46 12.16 2.67 -5.76
C ILE B 46 11.18 1.52 -5.63
N PHE B 47 9.95 1.75 -6.08
CA PHE B 47 8.96 0.70 -6.23
C PHE B 47 8.36 0.77 -7.62
N THR B 48 7.91 -0.37 -8.11
CA THR B 48 7.42 -0.50 -9.47
C THR B 48 5.91 -0.65 -9.49
N GLN B 49 5.31 -0.30 -10.63
CA GLN B 49 3.87 -0.42 -10.83
C GLN B 49 3.63 -1.12 -12.16
N ALA B 50 2.99 -2.28 -12.13
CA ALA B 50 2.72 -3.05 -13.34
C ALA B 50 1.48 -2.48 -14.03
N ARG B 51 1.64 -2.05 -15.28
CA ARG B 51 0.58 -1.45 -16.05
C ARG B 51 0.64 -1.92 -17.49
N PRO B 52 -0.50 -2.02 -18.17
CA PRO B 52 -0.48 -2.41 -19.59
C PRO B 52 -0.04 -1.25 -20.46
N GLY B 53 0.78 -1.57 -21.46
CA GLY B 53 1.33 -0.55 -22.33
C GLY B 53 1.08 -0.81 -23.80
N LEU B 54 2.12 -0.66 -24.61
CA LEU B 54 2.00 -0.84 -26.05
C LEU B 54 1.60 -2.28 -26.37
N ASN B 55 0.56 -2.43 -27.18
CA ASN B 55 -0.02 -3.74 -27.50
C ASN B 55 -0.45 -4.47 -26.23
N GLU B 56 -0.83 -3.69 -25.22
CA GLU B 56 -1.31 -4.16 -23.91
C GLU B 56 -0.27 -4.95 -23.15
N LYS B 57 1.00 -4.90 -23.57
CA LYS B 57 2.06 -5.62 -22.88
C LYS B 57 2.38 -4.94 -21.56
N ILE B 58 2.52 -5.74 -20.51
CA ILE B 58 2.71 -5.23 -19.16
C ILE B 58 4.14 -4.75 -18.98
N PHE B 59 4.30 -3.62 -18.29
CA PHE B 59 5.60 -3.09 -17.93
C PHE B 59 5.51 -2.48 -16.53
N LYS B 60 6.67 -2.34 -15.88
CA LYS B 60 6.73 -1.76 -14.55
C LYS B 60 7.04 -0.27 -14.63
N ILE B 61 6.21 0.54 -13.98
CA ILE B 61 6.43 1.97 -13.87
C ILE B 61 7.28 2.24 -12.64
N TYR B 62 8.39 2.94 -12.82
CA TYR B 62 9.30 3.22 -11.73
C TYR B 62 8.92 4.54 -11.06
N LYS B 63 8.98 4.55 -9.73
CA LYS B 63 8.56 5.70 -8.93
C LYS B 63 9.25 5.64 -7.58
N PHE B 64 9.56 6.81 -7.02
CA PHE B 64 10.19 6.87 -5.72
C PHE B 64 9.21 6.53 -4.61
N LYS B 65 9.71 5.81 -3.60
CA LYS B 65 8.90 5.45 -2.45
C LYS B 65 8.76 6.64 -1.50
N THR B 66 7.52 7.00 -1.19
CA THR B 66 7.23 8.12 -0.30
C THR B 66 6.57 7.70 1.01
N MSE B 67 5.86 6.58 1.03
CA MSE B 67 5.25 6.08 2.25
C MSE B 67 6.18 5.14 3.00
O MSE B 67 6.98 4.43 2.37
CB MSE B 67 3.94 5.35 1.94
CG MSE B 67 2.83 6.24 1.41
SE MSE B 67 1.06 5.64 1.98
CE MSE B 67 0.68 4.42 0.50
N SER B 68 6.10 5.13 4.32
CA SER B 68 6.87 4.18 5.10
C SER B 68 6.28 2.78 4.97
N ASP B 69 7.01 1.80 5.49
CA ASP B 69 6.57 0.40 5.52
C ASP B 69 6.19 0.01 6.95
N GLU B 70 5.61 0.93 7.69
CA GLU B 70 5.32 0.74 9.11
C GLU B 70 4.23 -0.30 9.31
N ARG B 71 4.36 -1.07 10.38
CA ARG B 71 3.49 -2.20 10.68
C ARG B 71 2.71 -1.95 11.97
N ASP B 72 1.84 -2.90 12.31
CA ASP B 72 1.01 -2.81 13.50
C ASP B 72 1.22 -4.04 14.39
N ALA B 73 0.60 -4.00 15.58
CA ALA B 73 0.69 -5.11 16.52
C ALA B 73 0.24 -6.43 15.92
N ASN B 74 -0.63 -6.39 14.92
CA ASN B 74 -1.19 -7.59 14.30
C ASN B 74 -0.35 -8.11 13.14
N GLY B 75 0.66 -7.37 12.69
CA GLY B 75 1.44 -7.75 11.54
C GLY B 75 1.15 -6.92 10.31
N GLU B 76 -0.04 -6.33 10.22
CA GLU B 76 -0.53 -5.66 9.03
C GLU B 76 0.01 -4.24 8.95
N LEU B 77 -0.41 -3.51 7.93
CA LEU B 77 0.07 -2.16 7.66
C LEU B 77 -0.86 -1.13 8.30
N LEU B 78 -0.26 -0.02 8.71
CA LEU B 78 -1.02 1.08 9.27
C LEU B 78 -1.73 1.86 8.16
N PRO B 79 -2.77 2.62 8.49
CA PRO B 79 -3.42 3.45 7.47
C PRO B 79 -2.45 4.48 6.91
N ASP B 80 -2.77 4.96 5.70
CA ASP B 80 -1.89 5.90 5.00
C ASP B 80 -1.67 7.19 5.78
N ASP B 81 -2.48 7.45 6.82
CA ASP B 81 -2.33 8.66 7.59
C ASP B 81 -1.02 8.68 8.36
N GLN B 82 -0.64 7.56 8.98
CA GLN B 82 0.50 7.51 9.89
C GLN B 82 1.79 7.07 9.22
N ARG B 83 1.71 6.51 8.02
CA ARG B 83 2.89 6.03 7.31
C ARG B 83 3.48 7.05 6.35
N LEU B 84 2.83 8.20 6.16
CA LEU B 84 3.28 9.21 5.21
C LEU B 84 3.67 10.46 5.99
N GLY B 85 4.97 10.62 6.24
CA GLY B 85 5.45 11.77 6.98
C GLY B 85 5.32 13.06 6.18
N LYS B 86 5.78 14.15 6.81
CA LYS B 86 5.72 15.46 6.15
C LYS B 86 6.65 15.51 4.94
N PHE B 87 7.86 14.96 5.05
CA PHE B 87 8.79 15.00 3.92
C PHE B 87 8.31 14.13 2.77
N GLY B 88 7.58 13.06 3.06
CA GLY B 88 7.02 12.25 1.99
C GLY B 88 6.00 13.02 1.16
N LYS B 89 5.15 13.80 1.82
CA LYS B 89 4.19 14.63 1.10
C LYS B 89 4.90 15.70 0.27
N LEU B 90 5.97 16.29 0.81
CA LEU B 90 6.70 17.31 0.05
C LEU B 90 7.30 16.72 -1.21
N ILE B 91 7.85 15.50 -1.11
CA ILE B 91 8.39 14.84 -2.30
C ILE B 91 7.26 14.59 -3.29
N ARG B 92 6.09 14.17 -2.79
CA ARG B 92 4.92 13.99 -3.64
C ARG B 92 4.42 15.32 -4.19
N SER B 93 4.43 16.37 -3.35
CA SER B 93 3.87 17.66 -3.76
C SER B 93 4.68 18.29 -4.89
N LEU B 94 6.01 18.23 -4.80
CA LEU B 94 6.88 18.76 -5.84
C LEU B 94 7.03 17.80 -7.02
N SER B 95 6.30 16.69 -7.01
CA SER B 95 6.33 15.68 -8.08
C SER B 95 7.71 15.07 -8.23
N LEU B 96 8.53 15.12 -7.17
CA LEU B 96 9.85 14.52 -7.23
C LEU B 96 9.76 12.99 -7.31
N ASP B 97 8.76 12.41 -6.65
CA ASP B 97 8.58 10.96 -6.71
C ASP B 97 8.29 10.47 -8.12
N GLU B 98 7.82 11.35 -9.00
CA GLU B 98 7.46 10.99 -10.37
C GLU B 98 8.66 10.89 -11.30
N LEU B 99 9.82 11.40 -10.89
CA LEU B 99 10.97 11.49 -11.80
C LEU B 99 11.42 10.16 -12.40
N PRO B 100 11.46 9.02 -11.68
CA PRO B 100 11.95 7.78 -12.30
C PRO B 100 11.20 7.37 -13.55
N GLN B 101 10.02 7.94 -13.81
CA GLN B 101 9.29 7.63 -15.02
C GLN B 101 10.01 8.11 -16.28
N LEU B 102 10.97 9.04 -16.14
CA LEU B 102 11.79 9.42 -17.29
C LEU B 102 12.57 8.24 -17.84
N PHE B 103 13.02 7.32 -16.97
CA PHE B 103 13.70 6.14 -17.47
C PHE B 103 12.77 5.25 -18.28
N ASN B 104 11.49 5.18 -17.88
CA ASN B 104 10.50 4.48 -18.68
C ASN B 104 10.40 5.07 -20.08
N VAL B 105 10.45 6.40 -20.20
CA VAL B 105 10.42 7.05 -21.50
C VAL B 105 11.66 6.68 -22.31
N LEU B 106 12.81 6.61 -21.64
CA LEU B 106 14.07 6.36 -22.35
C LEU B 106 14.12 4.93 -22.90
N LYS B 107 13.65 3.95 -22.13
CA LYS B 107 13.77 2.54 -22.49
C LYS B 107 12.67 2.06 -23.41
N GLY B 108 11.71 2.90 -23.77
CA GLY B 108 10.67 2.54 -24.70
C GLY B 108 9.35 2.19 -24.08
N ASP B 109 9.29 2.03 -22.76
CA ASP B 109 8.03 1.73 -22.09
C ASP B 109 6.99 2.82 -22.35
N MSE B 110 7.41 4.08 -22.34
CA MSE B 110 6.50 5.19 -22.53
C MSE B 110 7.04 6.19 -23.53
O MSE B 110 8.21 6.14 -23.92
CB MSE B 110 6.23 5.90 -21.21
CG MSE B 110 5.72 5.02 -20.09
SE MSE B 110 4.98 6.09 -18.64
CE MSE B 110 5.64 5.04 -17.14
N SER B 111 6.17 7.10 -23.96
CA SER B 111 6.55 8.29 -24.70
C SER B 111 6.29 9.51 -23.83
N PHE B 112 6.77 10.67 -24.27
CA PHE B 112 6.47 11.90 -23.56
C PHE B 112 5.00 12.28 -23.70
N ILE B 113 4.40 11.98 -24.85
CA ILE B 113 3.00 12.30 -25.11
C ILE B 113 2.28 11.01 -25.50
N GLY B 114 1.23 10.67 -24.75
CA GLY B 114 0.48 9.47 -25.01
C GLY B 114 -0.61 9.25 -23.98
N PRO B 115 -1.41 8.20 -24.17
CA PRO B 115 -2.50 7.91 -23.22
C PRO B 115 -1.97 7.54 -21.84
N ARG B 116 -2.82 7.73 -20.85
CA ARG B 116 -2.45 7.53 -19.45
C ARG B 116 -2.48 6.04 -19.11
N PRO B 117 -1.43 5.50 -18.48
CA PRO B 117 -1.41 4.07 -18.12
C PRO B 117 -2.41 3.77 -17.00
N LEU B 118 -3.35 2.88 -17.29
CA LEU B 118 -4.40 2.51 -16.36
C LEU B 118 -4.20 1.07 -15.87
N LEU B 119 -5.06 0.66 -14.94
CA LEU B 119 -4.93 -0.64 -14.29
C LEU B 119 -5.03 -1.79 -15.30
N VAL B 120 -4.51 -2.95 -14.88
CA VAL B 120 -4.65 -4.16 -15.68
C VAL B 120 -6.05 -4.71 -15.60
N GLU B 121 -6.82 -4.35 -14.57
CA GLU B 121 -8.21 -4.78 -14.46
C GLU B 121 -9.05 -4.29 -15.64
N TYR B 122 -8.72 -3.11 -16.17
CA TYR B 122 -9.53 -2.49 -17.21
C TYR B 122 -9.30 -3.07 -18.59
N LEU B 123 -8.33 -3.97 -18.75
CA LEU B 123 -8.04 -4.51 -20.08
C LEU B 123 -9.22 -5.26 -20.69
N PRO B 124 -9.89 -6.19 -20.00
CA PRO B 124 -11.06 -6.84 -20.62
C PRO B 124 -12.28 -5.96 -20.71
N ILE B 125 -12.30 -4.81 -20.02
CA ILE B 125 -13.48 -3.96 -20.03
C ILE B 125 -13.52 -3.06 -21.27
N TYR B 126 -12.36 -2.72 -21.84
CA TYR B 126 -12.35 -1.88 -23.04
C TYR B 126 -13.09 -2.58 -24.18
N ASN B 127 -13.86 -1.80 -24.94
CA ASN B 127 -14.61 -2.31 -26.08
C ASN B 127 -13.70 -2.37 -27.30
N GLU B 128 -14.28 -2.71 -28.46
CA GLU B 128 -13.50 -2.83 -29.68
C GLU B 128 -12.82 -1.52 -30.05
N THR B 129 -13.37 -0.39 -29.62
CA THR B 129 -12.79 0.92 -29.90
C THR B 129 -11.79 1.35 -28.83
N GLN B 130 -12.10 1.11 -27.55
CA GLN B 130 -11.24 1.58 -26.47
C GLN B 130 -9.94 0.80 -26.37
N LYS B 131 -9.91 -0.45 -26.86
CA LYS B 131 -8.66 -1.21 -26.82
C LYS B 131 -7.58 -0.58 -27.68
N HIS B 132 -7.96 0.20 -28.70
CA HIS B 132 -6.98 0.82 -29.59
C HIS B 132 -6.11 1.86 -28.90
N ARG B 133 -6.47 2.29 -27.69
CA ARG B 133 -5.64 3.26 -26.98
C ARG B 133 -4.26 2.71 -26.65
N HIS B 134 -4.11 1.39 -26.59
CA HIS B 134 -2.82 0.78 -26.32
C HIS B 134 -2.05 0.44 -27.60
N ASP B 135 -2.49 0.98 -28.75
CA ASP B 135 -1.74 0.82 -29.99
C ASP B 135 -0.54 1.76 -30.07
N VAL B 136 -0.40 2.67 -29.11
CA VAL B 136 0.74 3.58 -29.04
C VAL B 136 1.28 3.54 -27.62
N ARG B 137 2.50 4.04 -27.46
CA ARG B 137 3.13 4.06 -26.15
C ARG B 137 2.39 5.01 -25.21
N PRO B 138 2.29 4.68 -23.93
CA PRO B 138 1.68 5.61 -22.97
C PRO B 138 2.55 6.84 -22.80
N GLY B 139 1.99 7.85 -22.12
CA GLY B 139 2.63 9.14 -22.04
C GLY B 139 2.55 9.72 -20.64
N ILE B 140 3.51 10.61 -20.35
CA ILE B 140 3.46 11.38 -19.13
C ILE B 140 2.28 12.35 -19.16
N THR B 141 2.07 12.99 -20.31
CA THR B 141 0.90 13.79 -20.59
C THR B 141 0.35 13.38 -21.95
N GLY B 142 -0.84 13.86 -22.29
CA GLY B 142 -1.43 13.49 -23.55
C GLY B 142 -2.66 14.31 -23.85
N LEU B 143 -3.35 13.90 -24.92
CA LEU B 143 -4.54 14.63 -25.36
C LEU B 143 -5.67 14.54 -24.35
N ALA B 144 -5.70 13.45 -23.57
CA ALA B 144 -6.74 13.29 -22.56
C ALA B 144 -6.38 14.02 -21.27
N GLN B 145 -5.08 14.09 -20.94
CA GLN B 145 -4.66 14.68 -19.68
C GLN B 145 -4.90 16.19 -19.64
N VAL B 146 -4.74 16.86 -20.78
CA VAL B 146 -4.89 18.31 -20.82
C VAL B 146 -6.35 18.74 -20.94
N ASN B 147 -7.25 17.83 -21.33
CA ASN B 147 -8.67 18.16 -21.54
C ASN B 147 -9.53 17.81 -20.33
N GLY B 148 -9.09 18.15 -19.12
CA GLY B 148 -9.92 17.90 -17.94
C GLY B 148 -11.00 18.97 -17.83
N ARG B 149 -12.25 18.52 -17.67
CA ARG B 149 -13.40 19.41 -17.67
C ARG B 149 -14.30 19.21 -16.44
N ASN B 150 -13.72 18.82 -15.31
CA ASN B 150 -14.48 18.59 -14.08
C ASN B 150 -15.58 17.54 -14.30
N ALA B 151 -15.22 16.46 -14.96
CA ALA B 151 -16.17 15.38 -15.23
C ALA B 151 -15.41 14.06 -15.35
N ILE B 152 -15.95 13.03 -14.73
CA ILE B 152 -15.35 11.70 -14.75
C ILE B 152 -15.96 10.92 -15.90
N SER B 153 -15.65 11.32 -17.14
CA SER B 153 -16.15 10.64 -18.33
C SER B 153 -15.06 9.74 -18.89
N TRP B 154 -15.02 8.49 -18.41
CA TRP B 154 -14.05 7.54 -18.92
C TRP B 154 -14.22 7.34 -20.42
N GLU B 155 -15.46 7.36 -20.89
CA GLU B 155 -15.73 7.14 -22.32
C GLU B 155 -15.17 8.27 -23.18
N LYS B 156 -15.17 9.50 -22.66
CA LYS B 156 -14.59 10.62 -23.41
C LYS B 156 -13.07 10.65 -23.30
N LYS B 157 -12.53 10.25 -22.14
CA LYS B 157 -11.08 10.10 -22.03
C LYS B 157 -10.56 9.08 -23.04
N PHE B 158 -11.28 7.97 -23.20
CA PHE B 158 -10.87 6.96 -24.16
C PHE B 158 -11.11 7.44 -25.60
N GLU B 159 -12.10 8.30 -25.80
CA GLU B 159 -12.30 8.90 -27.13
C GLU B 159 -11.08 9.75 -27.51
N TYR B 160 -10.60 10.56 -26.56
CA TYR B 160 -9.37 11.31 -26.80
C TYR B 160 -8.19 10.37 -26.98
N ASP B 161 -8.16 9.27 -26.22
CA ASP B 161 -7.09 8.30 -26.34
C ASP B 161 -7.10 7.65 -27.72
N VAL B 162 -8.29 7.25 -28.19
CA VAL B 162 -8.39 6.57 -29.48
C VAL B 162 -8.14 7.54 -30.63
N TYR B 163 -8.67 8.77 -30.52
CA TYR B 163 -8.42 9.75 -31.57
C TYR B 163 -6.94 10.10 -31.66
N TYR B 164 -6.25 10.13 -30.52
CA TYR B 164 -4.82 10.41 -30.56
C TYR B 164 -4.06 9.30 -31.26
N ALA B 165 -4.41 8.05 -30.98
CA ALA B 165 -3.76 6.93 -31.64
C ALA B 165 -4.07 6.91 -33.14
N LYS B 166 -5.23 7.42 -33.54
CA LYS B 166 -5.58 7.43 -34.95
C LYS B 166 -4.89 8.57 -35.70
N ASN B 167 -4.86 9.77 -35.10
CA ASN B 167 -4.30 10.91 -35.80
C ASN B 167 -3.08 11.45 -35.06
N LEU B 168 -2.13 10.58 -34.72
CA LEU B 168 -0.90 11.06 -34.10
C LEU B 168 -0.10 11.81 -35.15
N SER B 169 0.16 13.09 -34.88
CA SER B 169 0.89 13.94 -35.82
C SER B 169 1.85 14.82 -35.03
N PHE B 170 2.85 15.34 -35.74
CA PHE B 170 3.74 16.31 -35.12
C PHE B 170 2.97 17.58 -34.78
N MSE B 171 2.04 17.97 -35.64
CA MSE B 171 1.01 18.96 -35.35
C MSE B 171 0.35 18.74 -34.00
O MSE B 171 0.31 19.64 -33.15
CB MSE B 171 -0.05 18.96 -36.44
CG MSE B 171 -0.16 20.24 -37.24
SE MSE B 171 -0.52 21.76 -36.07
CE MSE B 171 -2.45 21.47 -35.84
N LEU B 172 -0.18 17.53 -33.79
CA LEU B 172 -0.97 17.27 -32.60
C LEU B 172 -0.09 17.16 -31.35
N ASP B 173 1.10 16.56 -31.47
CA ASP B 173 1.96 16.42 -30.31
C ASP B 173 2.45 17.76 -29.79
N VAL B 174 2.86 18.67 -30.69
CA VAL B 174 3.26 20.01 -30.24
C VAL B 174 2.10 20.70 -29.55
N LYS B 175 0.89 20.56 -30.08
CA LYS B 175 -0.29 21.14 -29.45
C LYS B 175 -0.49 20.58 -28.04
N ILE B 176 -0.24 19.28 -27.86
CA ILE B 176 -0.37 18.67 -26.54
C ILE B 176 0.64 19.27 -25.56
N ALA B 177 1.88 19.47 -26.01
CA ALA B 177 2.91 20.02 -25.15
C ALA B 177 2.55 21.45 -24.71
N LEU B 178 2.05 22.26 -25.65
CA LEU B 178 1.64 23.62 -25.30
C LEU B 178 0.46 23.62 -24.34
N GLN B 179 -0.50 22.72 -24.53
CA GLN B 179 -1.62 22.62 -23.61
C GLN B 179 -1.16 22.19 -22.23
N THR B 180 -0.04 21.49 -22.13
CA THR B 180 0.48 21.08 -20.83
C THR B 180 1.18 22.23 -20.11
N ILE B 181 1.93 23.06 -20.85
CA ILE B 181 2.59 24.18 -20.19
C ILE B 181 1.58 25.25 -19.77
N GLU B 182 0.49 25.40 -20.51
CA GLU B 182 -0.58 26.27 -20.03
C GLU B 182 -1.30 25.65 -18.84
N LYS B 183 -1.30 24.31 -18.75
CA LYS B 183 -1.84 23.65 -17.58
C LYS B 183 -1.04 24.00 -16.32
N VAL B 184 0.28 24.04 -16.43
CA VAL B 184 1.12 24.33 -15.28
C VAL B 184 1.25 25.81 -14.99
N LEU B 185 0.80 26.69 -15.89
CA LEU B 185 0.77 28.11 -15.58
C LEU B 185 -0.23 28.40 -14.48
N LYS B 186 -1.28 27.60 -14.36
CA LYS B 186 -2.22 27.69 -13.26
C LYS B 186 -1.89 26.64 -12.21
N ARG B 187 -2.54 26.76 -11.06
CA ARG B 187 -2.28 25.88 -9.92
C ARG B 187 -2.74 24.45 -10.19
N SER C 3 13.12 -3.88 17.84
CA SER C 3 12.94 -5.03 18.71
C SER C 3 11.89 -5.99 18.17
N GLY C 4 11.00 -6.44 19.05
CA GLY C 4 9.94 -7.35 18.70
C GLY C 4 9.85 -8.45 19.73
N MSE C 5 10.98 -8.71 20.38
CA MSE C 5 11.07 -9.69 21.43
C MSE C 5 10.29 -9.24 22.66
O MSE C 5 9.35 -9.91 23.09
CB MSE C 5 12.53 -9.94 21.81
CG MSE C 5 13.37 -10.54 20.70
SE MSE C 5 12.80 -12.32 20.15
CE MSE C 5 13.95 -13.36 21.34
N TYR C 6 10.66 -8.08 23.20
CA TYR C 6 10.03 -7.61 24.43
C TYR C 6 8.54 -7.37 24.25
N ARG C 7 8.13 -6.94 23.06
CA ARG C 7 6.74 -6.54 22.86
C ARG C 7 5.80 -7.73 22.90
N ASN C 8 6.16 -8.81 22.20
CA ASN C 8 5.31 -10.00 22.09
C ASN C 8 5.79 -11.18 22.93
N PHE C 9 6.85 -11.02 23.71
CA PHE C 9 7.45 -12.18 24.36
C PHE C 9 8.09 -11.83 25.71
N LEU C 10 9.13 -10.99 25.71
CA LEU C 10 9.92 -10.79 26.92
C LEU C 10 9.12 -10.07 28.01
N LYS C 11 8.21 -9.17 27.64
CA LYS C 11 7.42 -8.46 28.64
C LYS C 11 6.58 -9.45 29.45
N ARG C 12 6.05 -10.48 28.79
CA ARG C 12 5.32 -11.51 29.51
C ARG C 12 6.26 -12.35 30.36
N VAL C 13 7.50 -12.57 29.88
CA VAL C 13 8.48 -13.32 30.66
C VAL C 13 8.83 -12.57 31.95
N ILE C 14 9.09 -11.26 31.82
CA ILE C 14 9.34 -10.43 33.01
C ILE C 14 8.12 -10.43 33.92
N ASP C 15 6.92 -10.51 33.33
CA ASP C 15 5.70 -10.60 34.13
C ASP C 15 5.67 -11.91 34.92
N ILE C 16 6.02 -13.03 34.28
CA ILE C 16 5.98 -14.31 34.97
C ILE C 16 7.03 -14.37 36.07
N LEU C 17 8.29 -14.07 35.73
CA LEU C 17 9.36 -14.12 36.72
C LEU C 17 9.13 -13.12 37.85
N GLY C 18 8.77 -11.89 37.49
CA GLY C 18 8.56 -10.86 38.50
C GLY C 18 7.44 -11.19 39.46
N ALA C 19 6.30 -11.63 38.93
CA ALA C 19 5.19 -12.01 39.80
C ALA C 19 5.53 -13.21 40.67
N LEU C 20 6.24 -14.19 40.09
CA LEU C 20 6.61 -15.38 40.87
C LEU C 20 7.56 -15.02 41.99
N PHE C 21 8.55 -14.17 41.72
CA PHE C 21 9.51 -13.76 42.75
C PHE C 21 8.83 -12.98 43.87
N LEU C 22 7.98 -12.01 43.52
CA LEU C 22 7.33 -11.18 44.53
C LEU C 22 6.33 -11.98 45.36
N LEU C 23 5.72 -13.02 44.79
CA LEU C 23 4.83 -13.88 45.57
C LEU C 23 5.60 -14.64 46.64
N ILE C 24 6.78 -15.17 46.28
CA ILE C 24 7.62 -15.84 47.27
C ILE C 24 8.14 -14.85 48.30
N LEU C 25 8.35 -13.60 47.89
CA LEU C 25 8.95 -12.62 48.79
C LEU C 25 7.97 -12.19 49.88
N THR C 26 6.69 -12.02 49.52
CA THR C 26 5.68 -11.56 50.46
C THR C 26 4.75 -12.67 50.94
N SER C 27 5.15 -13.93 50.76
CA SER C 27 4.32 -15.08 51.10
C SER C 27 4.03 -15.20 52.59
N PRO C 28 4.98 -14.88 53.49
CA PRO C 28 4.62 -14.90 54.92
C PRO C 28 3.55 -13.87 55.26
N ILE C 29 3.63 -12.68 54.68
CA ILE C 29 2.57 -11.68 54.90
C ILE C 29 1.26 -12.17 54.32
N ILE C 30 1.31 -12.85 53.17
CA ILE C 30 0.10 -13.36 52.54
C ILE C 30 -0.57 -14.40 53.42
N ILE C 31 0.21 -15.36 53.93
CA ILE C 31 -0.35 -16.40 54.79
C ILE C 31 -0.79 -15.81 56.13
N ALA C 32 -0.02 -14.86 56.67
CA ALA C 32 -0.42 -14.21 57.91
C ALA C 32 -1.70 -13.42 57.73
N THR C 33 -1.79 -12.63 56.66
CA THR C 33 -3.00 -11.88 56.38
C THR C 33 -4.21 -12.80 56.21
N ALA C 34 -4.05 -13.85 55.39
CA ALA C 34 -5.15 -14.79 55.17
C ALA C 34 -5.58 -15.46 56.47
N ILE C 35 -4.63 -15.80 57.33
CA ILE C 35 -4.96 -16.40 58.62
C ILE C 35 -5.72 -15.41 59.49
N PHE C 36 -5.22 -14.18 59.61
CA PHE C 36 -5.90 -13.18 60.42
C PHE C 36 -7.29 -12.88 59.88
N ILE C 37 -7.41 -12.71 58.56
CA ILE C 37 -8.72 -12.43 57.96
C ILE C 37 -9.67 -13.58 58.22
N TYR C 38 -9.16 -14.81 58.15
CA TYR C 38 -10.01 -15.98 58.38
C TYR C 38 -10.61 -15.97 59.78
N PHE C 39 -9.82 -15.62 60.79
CA PHE C 39 -10.26 -15.74 62.17
C PHE C 39 -10.86 -14.46 62.73
N LYS C 40 -10.57 -13.30 62.14
CA LYS C 40 -11.01 -12.02 62.70
C LYS C 40 -11.84 -11.18 61.76
N VAL C 41 -11.88 -11.49 60.47
CA VAL C 41 -12.66 -10.70 59.52
C VAL C 41 -13.72 -11.54 58.84
N SER C 42 -13.29 -12.41 57.92
CA SER C 42 -14.22 -13.20 57.12
C SER C 42 -13.52 -14.48 56.68
N ARG C 43 -14.24 -15.59 56.76
CA ARG C 43 -13.70 -16.88 56.38
C ARG C 43 -13.69 -17.13 54.86
N ASP C 44 -14.11 -16.15 54.06
CA ASP C 44 -13.96 -16.25 52.62
C ASP C 44 -12.64 -15.66 52.13
N VAL C 45 -12.06 -14.73 52.89
CA VAL C 45 -10.68 -14.28 52.73
C VAL C 45 -10.50 -13.50 51.42
N ILE C 46 -10.89 -14.09 50.30
CA ILE C 46 -10.67 -13.50 48.99
C ILE C 46 -12.02 -13.15 48.38
N PHE C 47 -12.09 -11.96 47.76
CA PHE C 47 -13.24 -11.57 46.96
C PHE C 47 -12.76 -11.10 45.60
N THR C 48 -13.59 -11.32 44.58
CA THR C 48 -13.23 -11.01 43.21
C THR C 48 -14.06 -9.84 42.67
N GLN C 49 -13.50 -9.18 41.66
CA GLN C 49 -14.16 -8.09 40.95
C GLN C 49 -13.93 -8.30 39.46
N ALA C 50 -15.01 -8.37 38.70
CA ALA C 50 -14.93 -8.63 37.26
C ALA C 50 -14.50 -7.36 36.54
N ARG C 51 -13.42 -7.45 35.78
CA ARG C 51 -12.84 -6.31 35.08
C ARG C 51 -12.41 -6.75 33.68
N PRO C 52 -12.49 -5.86 32.70
CA PRO C 52 -12.06 -6.21 31.33
C PRO C 52 -10.54 -6.19 31.17
N GLY C 53 -10.03 -7.13 30.39
CA GLY C 53 -8.59 -7.25 30.20
C GLY C 53 -8.14 -7.20 28.76
N LEU C 54 -7.22 -8.10 28.40
CA LEU C 54 -6.67 -8.12 27.05
C LEU C 54 -7.74 -8.43 26.01
N ASN C 55 -7.82 -7.58 24.99
CA ASN C 55 -8.84 -7.70 23.95
C ASN C 55 -10.25 -7.69 24.53
N GLU C 56 -10.44 -6.94 25.61
CA GLU C 56 -11.69 -6.76 26.34
C GLU C 56 -12.20 -8.03 27.00
N LYS C 57 -11.38 -9.09 27.08
CA LYS C 57 -11.83 -10.32 27.71
C LYS C 57 -11.87 -10.15 29.23
N ILE C 58 -12.95 -10.61 29.84
CA ILE C 58 -13.19 -10.41 31.27
C ILE C 58 -12.36 -11.39 32.09
N PHE C 59 -11.82 -10.90 33.20
CA PHE C 59 -11.12 -11.73 34.16
C PHE C 59 -11.47 -11.25 35.57
N LYS C 60 -11.24 -12.11 36.54
CA LYS C 60 -11.52 -11.81 37.94
C LYS C 60 -10.28 -11.27 38.63
N ILE C 61 -10.41 -10.10 39.26
CA ILE C 61 -9.33 -9.53 40.06
C ILE C 61 -9.45 -10.02 41.50
N TYR C 62 -8.37 -10.60 42.01
CA TYR C 62 -8.32 -11.13 43.36
C TYR C 62 -7.84 -10.07 44.34
N LYS C 63 -8.48 -10.03 45.50
CA LYS C 63 -8.16 -9.04 46.53
C LYS C 63 -8.62 -9.61 47.87
N PHE C 64 -7.91 -9.27 48.93
CA PHE C 64 -8.26 -9.78 50.25
C PHE C 64 -9.52 -9.10 50.78
N LYS C 65 -10.37 -9.90 51.42
CA LYS C 65 -11.58 -9.37 52.03
C LYS C 65 -11.24 -8.75 53.38
N THR C 66 -11.61 -7.48 53.56
CA THR C 66 -11.31 -6.77 54.79
C THR C 66 -12.55 -6.42 55.60
N MSE C 67 -13.73 -6.45 54.99
CA MSE C 67 -14.97 -6.17 55.70
C MSE C 67 -15.66 -7.48 56.06
O MSE C 67 -15.63 -8.45 55.29
CB MSE C 67 -15.90 -5.30 54.85
CG MSE C 67 -15.73 -3.81 55.09
SE MSE C 67 -16.76 -2.74 53.83
CE MSE C 67 -15.84 -1.04 54.06
N SER C 68 -16.29 -7.51 57.23
CA SER C 68 -16.99 -8.71 57.68
C SER C 68 -18.32 -8.86 56.96
N ASP C 69 -18.94 -10.01 57.15
CA ASP C 69 -20.27 -10.29 56.60
C ASP C 69 -21.32 -10.27 57.71
N GLU C 70 -21.13 -9.38 58.68
CA GLU C 70 -22.00 -9.31 59.86
C GLU C 70 -23.38 -8.79 59.49
N ARG C 71 -24.37 -9.28 60.20
CA ARG C 71 -25.76 -8.94 59.99
C ARG C 71 -26.27 -8.20 61.23
N ASP C 72 -27.53 -7.77 61.19
CA ASP C 72 -28.12 -7.01 62.28
C ASP C 72 -29.33 -7.75 62.82
N ALA C 73 -29.90 -7.19 63.91
CA ALA C 73 -31.06 -7.79 64.54
C ALA C 73 -32.21 -8.04 63.57
N ASN C 74 -32.28 -7.27 62.48
CA ASN C 74 -33.33 -7.42 61.48
C ASN C 74 -32.97 -8.40 60.38
N GLY C 75 -31.73 -8.88 60.33
CA GLY C 75 -31.30 -9.77 59.28
C GLY C 75 -30.39 -9.13 58.26
N GLU C 76 -30.50 -7.82 58.07
CA GLU C 76 -29.87 -7.15 56.96
C GLU C 76 -28.39 -6.86 57.26
N LEU C 77 -27.74 -6.16 56.35
CA LEU C 77 -26.31 -5.90 56.44
C LEU C 77 -26.05 -4.58 57.15
N LEU C 78 -24.95 -4.55 57.88
CA LEU C 78 -24.56 -3.31 58.54
C LEU C 78 -23.97 -2.36 57.49
N PRO C 79 -23.99 -1.06 57.76
CA PRO C 79 -23.34 -0.12 56.85
C PRO C 79 -21.84 -0.42 56.75
N ASP C 80 -21.24 0.01 55.65
CA ASP C 80 -19.81 -0.27 55.45
C ASP C 80 -18.95 0.33 56.56
N ASP C 81 -19.52 1.25 57.33
CA ASP C 81 -18.80 1.88 58.44
C ASP C 81 -18.53 0.88 59.57
N GLN C 82 -19.50 0.04 59.90
CA GLN C 82 -19.45 -0.78 61.11
C GLN C 82 -18.89 -2.17 60.89
N ARG C 83 -18.73 -2.61 59.64
CA ARG C 83 -18.22 -3.94 59.36
C ARG C 83 -16.70 -3.98 59.23
N LEU C 84 -16.04 -2.83 59.31
CA LEU C 84 -14.59 -2.71 59.16
C LEU C 84 -13.99 -2.30 60.51
N GLY C 85 -13.47 -3.27 61.24
CA GLY C 85 -12.88 -3.01 62.54
C GLY C 85 -11.57 -2.24 62.42
N LYS C 86 -10.93 -2.04 63.58
CA LYS C 86 -9.65 -1.33 63.59
C LYS C 86 -8.59 -2.08 62.79
N PHE C 87 -8.54 -3.41 62.93
CA PHE C 87 -7.56 -4.19 62.19
C PHE C 87 -7.85 -4.17 60.70
N GLY C 88 -9.12 -4.06 60.33
CA GLY C 88 -9.46 -3.94 58.92
C GLY C 88 -8.97 -2.65 58.30
N LYS C 89 -9.08 -1.54 59.03
CA LYS C 89 -8.58 -0.26 58.55
C LYS C 89 -7.07 -0.30 58.36
N LEU C 90 -6.36 -0.98 59.26
CA LEU C 90 -4.90 -1.09 59.14
C LEU C 90 -4.50 -1.90 57.92
N ILE C 91 -5.23 -2.98 57.62
CA ILE C 91 -4.87 -3.84 56.50
C ILE C 91 -4.95 -3.07 55.18
N ARG C 92 -6.00 -2.28 55.00
CA ARG C 92 -6.08 -1.47 53.78
C ARG C 92 -5.02 -0.38 53.75
N SER C 93 -4.65 0.18 54.90
CA SER C 93 -3.70 1.28 54.93
C SER C 93 -2.33 0.84 54.41
N LEU C 94 -1.85 -0.32 54.82
CA LEU C 94 -0.58 -0.86 54.35
C LEU C 94 -0.67 -1.53 52.98
N SER C 95 -1.84 -1.48 52.34
CA SER C 95 -2.07 -2.06 51.02
C SER C 95 -1.86 -3.58 50.99
N LEU C 96 -2.00 -4.24 52.14
CA LEU C 96 -1.83 -5.69 52.17
C LEU C 96 -2.95 -6.40 51.43
N ASP C 97 -4.18 -5.86 51.47
CA ASP C 97 -5.29 -6.49 50.76
C ASP C 97 -5.08 -6.52 49.26
N GLU C 98 -4.21 -5.67 48.72
CA GLU C 98 -3.97 -5.61 47.28
C GLU C 98 -3.03 -6.71 46.80
N LEU C 99 -2.36 -7.40 47.73
CA LEU C 99 -1.35 -8.39 47.34
C LEU C 99 -1.85 -9.50 46.42
N PRO C 100 -3.06 -10.08 46.60
CA PRO C 100 -3.47 -11.18 45.72
C PRO C 100 -3.47 -10.84 44.24
N GLN C 101 -3.42 -9.56 43.87
CA GLN C 101 -3.37 -9.18 42.46
C GLN C 101 -2.05 -9.60 41.80
N LEU C 102 -1.02 -9.91 42.58
CA LEU C 102 0.21 -10.46 42.00
C LEU C 102 -0.06 -11.77 41.27
N PHE C 103 -0.99 -12.59 41.77
CA PHE C 103 -1.34 -13.82 41.07
C PHE C 103 -1.99 -13.55 39.72
N ASN C 104 -2.77 -12.48 39.62
CA ASN C 104 -3.33 -12.08 38.33
C ASN C 104 -2.24 -11.90 37.28
N VAL C 105 -1.13 -11.26 37.66
CA VAL C 105 -0.02 -11.05 36.73
C VAL C 105 0.60 -12.39 36.33
N LEU C 106 0.72 -13.33 37.27
CA LEU C 106 1.40 -14.57 36.97
C LEU C 106 0.66 -15.41 35.94
N LYS C 107 -0.66 -15.48 36.04
CA LYS C 107 -1.45 -16.33 35.15
C LYS C 107 -1.81 -15.65 33.84
N GLY C 108 -1.37 -14.41 33.62
CA GLY C 108 -1.61 -13.72 32.37
C GLY C 108 -2.72 -12.70 32.40
N ASP C 109 -3.47 -12.62 33.52
CA ASP C 109 -4.56 -11.64 33.61
C ASP C 109 -4.04 -10.22 33.42
N MSE C 110 -2.96 -9.86 34.10
CA MSE C 110 -2.39 -8.53 33.95
C MSE C 110 -0.89 -8.55 33.67
O MSE C 110 -0.22 -9.56 33.86
CB MSE C 110 -2.63 -7.68 35.20
CG MSE C 110 -4.04 -7.67 35.73
SE MSE C 110 -4.08 -6.64 37.38
CE MSE C 110 -5.56 -7.53 38.29
N SER C 111 -0.38 -7.41 33.22
CA SER C 111 1.04 -7.14 33.19
C SER C 111 1.40 -6.22 34.34
N PHE C 112 2.70 -6.06 34.58
CA PHE C 112 3.14 -5.11 35.59
C PHE C 112 2.90 -3.67 35.17
N ILE C 113 3.01 -3.38 33.87
CA ILE C 113 2.80 -2.04 33.35
C ILE C 113 1.71 -2.09 32.28
N GLY C 114 0.66 -1.30 32.48
CA GLY C 114 -0.46 -1.26 31.57
C GLY C 114 -1.56 -0.35 32.09
N PRO C 115 -2.63 -0.18 31.32
CA PRO C 115 -3.73 0.67 31.78
C PRO C 115 -4.40 0.10 33.02
N ARG C 116 -5.06 0.98 33.75
CA ARG C 116 -5.66 0.60 35.02
C ARG C 116 -6.97 -0.15 34.79
N PRO C 117 -7.17 -1.30 35.44
CA PRO C 117 -8.42 -2.06 35.22
C PRO C 117 -9.61 -1.33 35.81
N LEU C 118 -10.56 -0.96 34.96
CA LEU C 118 -11.73 -0.20 35.35
C LEU C 118 -13.00 -1.05 35.20
N LEU C 119 -14.11 -0.48 35.65
CA LEU C 119 -15.38 -1.20 35.70
C LEU C 119 -15.85 -1.63 34.31
N VAL C 120 -16.72 -2.64 34.30
CA VAL C 120 -17.34 -3.11 33.07
C VAL C 120 -18.43 -2.18 32.55
N GLU C 121 -18.97 -1.30 33.39
CA GLU C 121 -19.98 -0.36 32.90
C GLU C 121 -19.44 0.51 31.79
N TYR C 122 -18.13 0.79 31.82
CA TYR C 122 -17.51 1.70 30.87
C TYR C 122 -17.27 1.06 29.50
N LEU C 123 -17.52 -0.25 29.38
CA LEU C 123 -17.23 -0.95 28.12
C LEU C 123 -18.00 -0.40 26.94
N PRO C 124 -19.32 -0.18 26.99
CA PRO C 124 -20.00 0.42 25.84
C PRO C 124 -19.71 1.90 25.68
N ILE C 125 -19.12 2.55 26.67
CA ILE C 125 -18.88 3.98 26.60
C ILE C 125 -17.61 4.30 25.82
N TYR C 126 -16.62 3.40 25.82
CA TYR C 126 -15.39 3.67 25.08
C TYR C 126 -15.64 3.79 23.59
N ASN C 127 -14.97 4.75 22.96
CA ASN C 127 -15.06 4.94 21.52
C ASN C 127 -14.04 4.02 20.83
N GLU C 128 -13.93 4.14 19.49
CA GLU C 128 -13.01 3.29 18.75
C GLU C 128 -11.56 3.51 19.18
N THR C 129 -11.23 4.69 19.70
CA THR C 129 -9.87 4.95 20.16
C THR C 129 -9.67 4.50 21.60
N GLN C 130 -10.66 4.73 22.47
CA GLN C 130 -10.52 4.35 23.86
C GLN C 130 -10.58 2.85 24.06
N LYS C 131 -11.21 2.11 23.13
CA LYS C 131 -11.24 0.66 23.24
C LYS C 131 -9.85 0.06 23.13
N HIS C 132 -8.93 0.75 22.45
CA HIS C 132 -7.58 0.23 22.28
C HIS C 132 -6.80 0.13 23.59
N ARG C 133 -7.28 0.73 24.67
CA ARG C 133 -6.60 0.56 25.95
C ARG C 133 -6.60 -0.89 26.41
N HIS C 134 -7.56 -1.68 25.94
CA HIS C 134 -7.64 -3.10 26.25
C HIS C 134 -7.02 -3.96 25.15
N ASP C 135 -6.28 -3.36 24.22
CA ASP C 135 -5.53 -4.14 23.24
C ASP C 135 -4.27 -4.75 23.83
N VAL C 136 -3.93 -4.39 25.07
CA VAL C 136 -2.81 -4.95 25.80
C VAL C 136 -3.33 -5.33 27.19
N ARG C 137 -2.54 -6.13 27.89
CA ARG C 137 -2.95 -6.56 29.22
C ARG C 137 -2.98 -5.36 30.17
N PRO C 138 -3.91 -5.34 31.11
CA PRO C 138 -3.93 -4.28 32.12
C PRO C 138 -2.70 -4.37 33.02
N GLY C 139 -2.51 -3.33 33.83
CA GLY C 139 -1.30 -3.20 34.60
C GLY C 139 -1.58 -2.79 36.03
N ILE C 140 -0.63 -3.15 36.91
CA ILE C 140 -0.69 -2.68 38.29
C ILE C 140 -0.47 -1.17 38.35
N THR C 141 0.51 -0.69 37.59
CA THR C 141 0.74 0.73 37.38
C THR C 141 0.90 0.95 35.88
N GLY C 142 0.93 2.23 35.48
CA GLY C 142 1.04 2.52 34.07
C GLY C 142 1.32 3.98 33.82
N LEU C 143 1.22 4.34 32.53
CA LEU C 143 1.52 5.70 32.10
C LEU C 143 0.52 6.71 32.66
N ALA C 144 -0.71 6.28 32.95
CA ALA C 144 -1.72 7.20 33.49
C ALA C 144 -1.59 7.42 34.99
N GLN C 145 -1.16 6.39 35.75
CA GLN C 145 -1.13 6.52 37.20
C GLN C 145 -0.06 7.51 37.67
N VAL C 146 1.08 7.57 36.98
CA VAL C 146 2.17 8.43 37.41
C VAL C 146 2.01 9.89 37.00
N ASN C 147 1.13 10.18 36.03
CA ASN C 147 0.95 11.53 35.51
C ASN C 147 -0.21 12.28 36.15
N GLY C 148 -0.32 12.27 37.48
CA GLY C 148 -1.36 13.03 38.15
C GLY C 148 -0.99 14.50 38.21
N ARG C 149 -1.91 15.36 37.76
CA ARG C 149 -1.66 16.80 37.61
C ARG C 149 -2.75 17.63 38.30
N ASN C 150 -3.28 17.16 39.42
CA ASN C 150 -4.36 17.83 40.15
C ASN C 150 -5.58 18.03 39.26
N ALA C 151 -5.93 16.99 38.50
CA ALA C 151 -7.12 17.04 37.66
C ALA C 151 -7.62 15.62 37.42
N ILE C 152 -8.92 15.41 37.60
CA ILE C 152 -9.53 14.10 37.36
C ILE C 152 -10.11 14.13 35.95
N SER C 153 -9.23 14.12 34.95
CA SER C 153 -9.62 14.15 33.54
C SER C 153 -9.56 12.74 32.97
N TRP C 154 -10.70 12.05 33.01
CA TRP C 154 -10.76 10.69 32.48
C TRP C 154 -10.32 10.63 31.03
N GLU C 155 -10.64 11.68 30.25
CA GLU C 155 -10.30 11.69 28.84
C GLU C 155 -8.79 11.75 28.62
N LYS C 156 -8.06 12.42 29.52
CA LYS C 156 -6.60 12.46 29.42
C LYS C 156 -5.95 11.19 29.92
N LYS C 157 -6.55 10.54 30.93
CA LYS C 157 -6.07 9.22 31.36
C LYS C 157 -6.11 8.22 30.21
N PHE C 158 -7.19 8.22 29.43
CA PHE C 158 -7.31 7.27 28.33
C PHE C 158 -6.37 7.61 27.19
N GLU C 159 -6.03 8.89 27.02
CA GLU C 159 -5.05 9.28 26.01
C GLU C 159 -3.69 8.67 26.31
N TYR C 160 -3.26 8.72 27.56
CA TYR C 160 -2.02 8.05 27.96
C TYR C 160 -2.13 6.54 27.77
N ASP C 161 -3.30 5.97 28.06
CA ASP C 161 -3.49 4.54 27.90
C ASP C 161 -3.32 4.11 26.45
N VAL C 162 -3.91 4.86 25.52
CA VAL C 162 -3.85 4.49 24.11
C VAL C 162 -2.44 4.70 23.56
N TYR C 163 -1.77 5.78 23.99
CA TYR C 163 -0.39 6.00 23.54
C TYR C 163 0.52 4.88 24.00
N TYR C 164 0.27 4.34 25.19
CA TYR C 164 1.07 3.22 25.68
C TYR C 164 0.84 1.98 24.83
N ALA C 165 -0.43 1.69 24.49
CA ALA C 165 -0.74 0.53 23.66
C ALA C 165 -0.16 0.66 22.26
N LYS C 166 -0.02 1.89 21.76
CA LYS C 166 0.52 2.08 20.42
C LYS C 166 2.04 1.94 20.39
N ASN C 167 2.73 2.49 21.39
CA ASN C 167 4.19 2.47 21.38
C ASN C 167 4.74 1.71 22.58
N LEU C 168 4.28 0.47 22.78
CA LEU C 168 4.82 -0.35 23.85
C LEU C 168 6.26 -0.71 23.53
N SER C 169 7.18 -0.32 24.40
CA SER C 169 8.60 -0.56 24.21
C SER C 169 9.23 -0.94 25.54
N PHE C 170 10.40 -1.56 25.46
CA PHE C 170 11.15 -1.86 26.68
C PHE C 170 11.57 -0.58 27.39
N MSE C 171 11.97 0.43 26.63
CA MSE C 171 12.43 1.68 27.21
C MSE C 171 11.30 2.51 27.80
O MSE C 171 11.48 3.19 28.81
CB MSE C 171 13.18 2.51 26.17
CG MSE C 171 14.53 1.93 25.78
SE MSE C 171 15.72 1.74 27.31
CE MSE C 171 15.84 3.61 27.86
N LEU C 172 10.13 2.46 27.17
CA LEU C 172 8.97 3.15 27.73
C LEU C 172 8.56 2.53 29.06
N ASP C 173 8.63 1.20 29.17
CA ASP C 173 8.29 0.54 30.43
C ASP C 173 9.29 0.88 31.52
N VAL C 174 10.59 0.92 31.18
CA VAL C 174 11.59 1.34 32.16
C VAL C 174 11.31 2.76 32.62
N LYS C 175 10.92 3.65 31.71
CA LYS C 175 10.56 5.01 32.09
C LYS C 175 9.39 5.02 33.06
N ILE C 176 8.39 4.16 32.83
CA ILE C 176 7.24 4.10 33.74
C ILE C 176 7.67 3.60 35.12
N ALA C 177 8.53 2.58 35.15
CA ALA C 177 8.97 2.02 36.44
C ALA C 177 9.74 3.04 37.25
N LEU C 178 10.65 3.79 36.60
CA LEU C 178 11.40 4.82 37.31
C LEU C 178 10.49 5.95 37.78
N GLN C 179 9.51 6.33 36.97
CA GLN C 179 8.57 7.37 37.38
C GLN C 179 7.71 6.92 38.57
N THR C 180 7.50 5.61 38.71
CA THR C 180 6.69 5.11 39.82
C THR C 180 7.48 5.05 41.12
N ILE C 181 8.75 4.66 41.06
CA ILE C 181 9.56 4.62 42.29
C ILE C 181 9.85 6.04 42.75
N GLU C 182 9.95 6.99 41.83
CA GLU C 182 10.04 8.38 42.24
C GLU C 182 8.72 8.88 42.81
N LYS C 183 7.60 8.29 42.39
CA LYS C 183 6.31 8.58 43.02
C LYS C 183 6.31 8.10 44.46
N VAL C 184 6.87 6.92 44.72
CA VAL C 184 6.86 6.36 46.07
C VAL C 184 7.95 6.97 46.94
N LEU C 185 8.82 7.80 46.35
CA LEU C 185 9.77 8.57 47.16
C LEU C 185 9.05 9.54 48.08
N LYS C 186 7.83 9.94 47.72
CA LYS C 186 6.99 10.77 48.57
C LYS C 186 6.04 9.86 49.35
N ARG C 187 5.39 10.44 50.35
CA ARG C 187 4.47 9.66 51.18
C ARG C 187 3.23 9.23 50.39
N SER D 3 -35.49 38.25 30.14
CA SER D 3 -36.52 38.73 29.23
C SER D 3 -37.89 38.17 29.60
N GLY D 4 -38.64 37.71 28.60
CA GLY D 4 -39.96 37.16 28.83
C GLY D 4 -40.99 37.60 27.82
N MSE D 5 -41.00 38.89 27.48
CA MSE D 5 -41.97 39.40 26.52
C MSE D 5 -41.54 39.04 25.09
O MSE D 5 -42.38 38.76 24.24
CB MSE D 5 -42.11 40.92 26.66
CG MSE D 5 -43.44 41.44 26.14
SE MSE D 5 -44.96 40.48 26.93
CE MSE D 5 -46.39 41.21 25.82
N TYR D 6 -40.23 39.05 24.85
CA TYR D 6 -39.71 38.46 23.62
C TYR D 6 -39.72 36.95 23.69
N ARG D 7 -39.54 36.39 24.89
CA ARG D 7 -39.44 34.95 25.06
C ARG D 7 -40.78 34.27 24.85
N ASN D 8 -41.86 34.85 25.37
CA ASN D 8 -43.17 34.20 25.36
C ASN D 8 -44.11 34.73 24.27
N PHE D 9 -43.69 35.69 23.46
CA PHE D 9 -44.65 36.31 22.55
C PHE D 9 -44.02 36.88 21.27
N LEU D 10 -43.14 37.86 21.42
CA LEU D 10 -42.70 38.67 20.28
C LEU D 10 -41.91 37.86 19.27
N LYS D 11 -41.15 36.85 19.73
CA LYS D 11 -40.36 36.04 18.80
C LYS D 11 -41.25 35.31 17.81
N ARG D 12 -42.41 34.83 18.26
CA ARG D 12 -43.35 34.15 17.36
C ARG D 12 -43.96 35.14 16.36
N VAL D 13 -44.19 36.38 16.78
CA VAL D 13 -44.72 37.40 15.87
C VAL D 13 -43.73 37.68 14.74
N ILE D 14 -42.45 37.84 15.10
CA ILE D 14 -41.41 38.04 14.09
C ILE D 14 -41.30 36.82 13.17
N ASP D 15 -41.54 35.63 13.71
CA ASP D 15 -41.54 34.43 12.88
C ASP D 15 -42.71 34.45 11.89
N ILE D 16 -43.90 34.85 12.34
CA ILE D 16 -45.06 34.85 11.47
C ILE D 16 -44.88 35.89 10.37
N LEU D 17 -44.58 37.13 10.74
CA LEU D 17 -44.41 38.20 9.76
C LEU D 17 -43.21 37.92 8.86
N GLY D 18 -42.08 37.53 9.45
CA GLY D 18 -40.88 37.32 8.65
C GLY D 18 -41.04 36.21 7.62
N ALA D 19 -41.59 35.07 8.04
CA ALA D 19 -41.80 33.98 7.09
C ALA D 19 -42.82 34.36 6.03
N LEU D 20 -43.89 35.05 6.43
CA LEU D 20 -44.91 35.46 5.48
C LEU D 20 -44.36 36.44 4.45
N PHE D 21 -43.57 37.41 4.88
CA PHE D 21 -42.99 38.37 3.96
C PHE D 21 -42.04 37.68 2.98
N LEU D 22 -41.18 36.79 3.48
CA LEU D 22 -40.22 36.10 2.61
C LEU D 22 -40.92 35.13 1.68
N LEU D 23 -42.06 34.55 2.09
CA LEU D 23 -42.81 33.68 1.19
C LEU D 23 -43.39 34.46 0.02
N ILE D 24 -43.93 35.65 0.28
CA ILE D 24 -44.43 36.50 -0.79
C ILE D 24 -43.28 37.00 -1.66
N LEU D 25 -42.09 37.18 -1.07
CA LEU D 25 -40.98 37.76 -1.80
C LEU D 25 -40.45 36.79 -2.85
N THR D 26 -40.37 35.50 -2.53
CA THR D 26 -39.82 34.50 -3.43
C THR D 26 -40.89 33.65 -4.09
N SER D 27 -42.14 34.11 -4.09
CA SER D 27 -43.23 33.29 -4.63
C SER D 27 -43.11 33.00 -6.12
N PRO D 28 -42.66 33.91 -6.99
CA PRO D 28 -42.47 33.50 -8.39
C PRO D 28 -41.42 32.40 -8.54
N ILE D 29 -40.32 32.48 -7.79
CA ILE D 29 -39.32 31.42 -7.84
C ILE D 29 -39.89 30.12 -7.29
N ILE D 30 -40.74 30.22 -6.25
CA ILE D 30 -41.36 29.02 -5.70
C ILE D 30 -42.28 28.38 -6.74
N ILE D 31 -43.12 29.20 -7.38
CA ILE D 31 -44.04 28.66 -8.39
C ILE D 31 -43.27 28.20 -9.62
N ALA D 32 -42.24 28.93 -10.02
CA ALA D 32 -41.42 28.50 -11.16
C ALA D 32 -40.72 27.17 -10.86
N THR D 33 -40.11 27.07 -9.69
CA THR D 33 -39.47 25.81 -9.30
C THR D 33 -40.49 24.67 -9.25
N ALA D 34 -41.62 24.90 -8.58
CA ALA D 34 -42.65 23.87 -8.47
C ALA D 34 -43.15 23.44 -9.84
N ILE D 35 -43.30 24.39 -10.77
CA ILE D 35 -43.72 24.06 -12.12
C ILE D 35 -42.67 23.21 -12.82
N PHE D 36 -41.40 23.63 -12.74
CA PHE D 36 -40.34 22.88 -13.39
C PHE D 36 -40.22 21.47 -12.82
N ILE D 37 -40.26 21.34 -11.49
CA ILE D 37 -40.15 20.02 -10.87
C ILE D 37 -41.31 19.14 -11.29
N TYR D 38 -42.52 19.72 -11.37
CA TYR D 38 -43.69 18.93 -11.72
C TYR D 38 -43.56 18.33 -13.12
N PHE D 39 -43.06 19.11 -14.08
CA PHE D 39 -43.04 18.68 -15.47
C PHE D 39 -41.73 18.03 -15.88
N LYS D 40 -40.65 18.28 -15.16
CA LYS D 40 -39.32 17.83 -15.58
C LYS D 40 -38.62 16.96 -14.54
N VAL D 41 -39.10 16.91 -13.30
CA VAL D 41 -38.46 16.10 -12.27
C VAL D 41 -39.46 15.08 -11.74
N SER D 42 -40.44 15.55 -10.97
CA SER D 42 -41.40 14.66 -10.34
C SER D 42 -42.70 15.41 -10.12
N ARG D 43 -43.81 14.74 -10.39
CA ARG D 43 -45.13 15.34 -10.20
C ARG D 43 -45.60 15.30 -8.74
N ASP D 44 -44.77 14.81 -7.83
CA ASP D 44 -45.07 14.90 -6.40
C ASP D 44 -44.51 16.17 -5.77
N VAL D 45 -43.45 16.75 -6.36
CA VAL D 45 -42.97 18.09 -6.04
C VAL D 45 -42.40 18.19 -4.64
N ILE D 46 -43.17 17.80 -3.63
CA ILE D 46 -42.79 17.97 -2.23
C ILE D 46 -42.57 16.61 -1.58
N PHE D 47 -41.52 16.51 -0.77
CA PHE D 47 -41.31 15.36 0.09
C PHE D 47 -41.06 15.85 1.52
N THR D 48 -41.52 15.06 2.49
CA THR D 48 -41.44 15.43 3.90
C THR D 48 -40.54 14.49 4.68
N GLN D 49 -40.00 15.01 5.78
CA GLN D 49 -39.18 14.24 6.72
C GLN D 49 -39.61 14.60 8.13
N ALA D 50 -39.99 13.59 8.92
CA ALA D 50 -40.48 13.80 10.27
C ALA D 50 -39.34 14.08 11.24
N ARG D 51 -39.44 15.18 11.98
CA ARG D 51 -38.41 15.62 12.91
C ARG D 51 -39.04 16.16 14.19
N PRO D 52 -38.38 15.99 15.33
CA PRO D 52 -38.92 16.50 16.60
C PRO D 52 -38.72 18.00 16.74
N GLY D 53 -39.73 18.67 17.30
CA GLY D 53 -39.69 20.11 17.46
C GLY D 53 -39.89 20.53 18.90
N LEU D 54 -40.71 21.57 19.07
CA LEU D 54 -40.96 22.14 20.39
C LEU D 54 -41.67 21.15 21.30
N ASN D 55 -41.14 20.98 22.51
CA ASN D 55 -41.66 20.00 23.48
C ASN D 55 -41.63 18.58 22.91
N GLU D 56 -40.62 18.30 22.08
CA GLU D 56 -40.37 17.00 21.47
C GLU D 56 -41.45 16.56 20.49
N LYS D 57 -42.37 17.45 20.12
CA LYS D 57 -43.45 17.09 19.21
C LYS D 57 -42.93 16.96 17.77
N ILE D 58 -43.35 15.89 17.10
CA ILE D 58 -42.89 15.58 15.74
C ILE D 58 -43.65 16.44 14.74
N PHE D 59 -42.94 16.93 13.72
CA PHE D 59 -43.56 17.64 12.61
C PHE D 59 -42.83 17.28 11.32
N LYS D 60 -43.49 17.56 10.20
CA LYS D 60 -42.94 17.28 8.87
C LYS D 60 -42.18 18.49 8.33
N ILE D 61 -40.95 18.25 7.89
CA ILE D 61 -40.14 19.26 7.21
C ILE D 61 -40.47 19.23 5.73
N TYR D 62 -40.87 20.36 5.18
CA TYR D 62 -41.22 20.46 3.76
C TYR D 62 -40.00 20.85 2.95
N LYS D 63 -39.84 20.21 1.79
CA LYS D 63 -38.70 20.45 0.93
C LYS D 63 -39.08 20.02 -0.48
N PHE D 64 -38.51 20.70 -1.47
CA PHE D 64 -38.81 20.36 -2.86
C PHE D 64 -38.12 19.05 -3.23
N LYS D 65 -38.82 18.26 -4.04
CA LYS D 65 -38.28 16.99 -4.50
C LYS D 65 -37.29 17.25 -5.63
N THR D 66 -36.08 16.73 -5.49
CA THR D 66 -35.03 16.94 -6.49
C THR D 66 -34.65 15.69 -7.26
N MSE D 67 -34.96 14.51 -6.73
CA MSE D 67 -34.70 13.26 -7.44
C MSE D 67 -35.96 12.78 -8.13
O MSE D 67 -37.05 12.82 -7.56
CB MSE D 67 -34.18 12.20 -6.48
CG MSE D 67 -32.79 12.44 -5.95
SE MSE D 67 -32.17 11.02 -4.79
CE MSE D 67 -30.51 11.82 -4.17
N SER D 68 -35.82 12.32 -9.37
CA SER D 68 -36.94 11.76 -10.08
C SER D 68 -37.31 10.41 -9.49
N ASP D 69 -38.46 9.88 -9.92
CA ASP D 69 -38.92 8.55 -9.52
C ASP D 69 -38.78 7.56 -10.67
N GLU D 70 -37.75 7.72 -11.49
CA GLU D 70 -37.58 6.89 -12.67
C GLU D 70 -37.24 5.47 -12.26
N ARG D 71 -37.74 4.51 -13.04
CA ARG D 71 -37.58 3.10 -12.76
C ARG D 71 -36.73 2.48 -13.87
N ASP D 72 -36.45 1.19 -13.74
CA ASP D 72 -35.64 0.49 -14.72
C ASP D 72 -36.43 -0.65 -15.33
N ALA D 73 -35.82 -1.30 -16.33
CA ALA D 73 -36.46 -2.42 -17.01
C ALA D 73 -36.94 -3.50 -16.05
N ASN D 74 -36.30 -3.60 -14.88
CA ASN D 74 -36.64 -4.64 -13.90
C ASN D 74 -37.74 -4.24 -12.94
N GLY D 75 -38.16 -2.97 -12.92
CA GLY D 75 -39.16 -2.51 -11.98
C GLY D 75 -38.60 -1.66 -10.86
N GLU D 76 -37.32 -1.84 -10.54
CA GLU D 76 -36.71 -1.27 -9.35
C GLU D 76 -36.33 0.19 -9.60
N LEU D 77 -35.85 0.82 -8.54
CA LEU D 77 -35.52 2.24 -8.58
C LEU D 77 -34.09 2.40 -9.04
N LEU D 78 -33.84 3.49 -9.75
CA LEU D 78 -32.49 3.76 -10.21
C LEU D 78 -31.64 4.23 -9.04
N PRO D 79 -30.33 4.09 -9.12
CA PRO D 79 -29.46 4.64 -8.07
C PRO D 79 -29.62 6.15 -8.02
N ASP D 80 -29.30 6.73 -6.86
CA ASP D 80 -29.45 8.17 -6.71
C ASP D 80 -28.58 8.93 -7.70
N ASP D 81 -27.61 8.25 -8.32
CA ASP D 81 -26.76 8.89 -9.32
C ASP D 81 -27.56 9.28 -10.56
N GLN D 82 -28.45 8.41 -11.03
CA GLN D 82 -29.16 8.63 -12.28
C GLN D 82 -30.52 9.28 -12.08
N ARG D 83 -31.02 9.33 -10.85
CA ARG D 83 -32.31 9.96 -10.60
C ARG D 83 -32.19 11.45 -10.33
N LEU D 84 -30.97 11.96 -10.25
CA LEU D 84 -30.69 13.36 -10.01
C LEU D 84 -30.03 13.88 -11.28
N GLY D 85 -30.82 14.47 -12.17
CA GLY D 85 -30.31 14.96 -13.42
C GLY D 85 -29.44 16.20 -13.26
N LYS D 86 -28.99 16.71 -14.41
CA LYS D 86 -28.18 17.92 -14.41
C LYS D 86 -28.96 19.11 -13.88
N PHE D 87 -30.22 19.25 -14.32
CA PHE D 87 -31.04 20.35 -13.81
C PHE D 87 -31.41 20.12 -12.35
N GLY D 88 -31.53 18.86 -11.93
CA GLY D 88 -31.78 18.58 -10.52
C GLY D 88 -30.62 18.95 -9.63
N LYS D 89 -29.39 18.67 -10.08
CA LYS D 89 -28.21 19.06 -9.32
C LYS D 89 -28.09 20.57 -9.21
N LEU D 90 -28.45 21.29 -10.28
CA LEU D 90 -28.37 22.75 -10.26
C LEU D 90 -29.33 23.35 -9.23
N ILE D 91 -30.54 22.79 -9.10
CA ILE D 91 -31.51 23.30 -8.14
C ILE D 91 -31.00 23.15 -6.72
N ARG D 92 -30.37 22.00 -6.41
CA ARG D 92 -29.81 21.82 -5.08
C ARG D 92 -28.66 22.79 -4.81
N SER D 93 -27.87 23.10 -5.84
CA SER D 93 -26.72 23.98 -5.63
C SER D 93 -27.17 25.38 -5.22
N LEU D 94 -28.21 25.90 -5.87
CA LEU D 94 -28.75 27.21 -5.51
C LEU D 94 -29.70 27.14 -4.30
N SER D 95 -29.86 25.97 -3.70
CA SER D 95 -30.67 25.80 -2.48
C SER D 95 -32.13 26.19 -2.65
N LEU D 96 -32.66 26.16 -3.88
CA LEU D 96 -34.06 26.49 -4.09
C LEU D 96 -35.00 25.46 -3.46
N ASP D 97 -34.59 24.19 -3.42
CA ASP D 97 -35.44 23.15 -2.84
C ASP D 97 -35.72 23.37 -1.37
N GLU D 98 -34.91 24.17 -0.67
CA GLU D 98 -35.09 24.41 0.75
C GLU D 98 -36.20 25.41 1.06
N LEU D 99 -36.70 26.13 0.06
CA LEU D 99 -37.66 27.20 0.30
C LEU D 99 -38.91 26.78 1.06
N PRO D 100 -39.53 25.62 0.81
CA PRO D 100 -40.77 25.29 1.55
C PRO D 100 -40.64 25.32 3.06
N GLN D 101 -39.43 25.30 3.61
CA GLN D 101 -39.28 25.38 5.06
C GLN D 101 -39.70 26.73 5.62
N LEU D 102 -39.82 27.76 4.78
CA LEU D 102 -40.40 29.02 5.24
C LEU D 102 -41.82 28.81 5.74
N PHE D 103 -42.56 27.88 5.12
CA PHE D 103 -43.90 27.55 5.60
C PHE D 103 -43.86 26.90 6.97
N ASN D 104 -42.83 26.10 7.24
CA ASN D 104 -42.64 25.53 8.57
C ASN D 104 -42.53 26.63 9.63
N VAL D 105 -41.77 27.68 9.34
CA VAL D 105 -41.62 28.78 10.28
C VAL D 105 -42.95 29.51 10.45
N LEU D 106 -43.71 29.66 9.36
CA LEU D 106 -44.95 30.43 9.42
C LEU D 106 -46.01 29.74 10.30
N LYS D 107 -46.12 28.42 10.20
CA LYS D 107 -47.17 27.69 10.90
C LYS D 107 -46.80 27.33 12.34
N GLY D 108 -45.61 27.67 12.80
CA GLY D 108 -45.23 27.43 14.16
C GLY D 108 -44.33 26.22 14.37
N ASP D 109 -44.13 25.40 13.34
CA ASP D 109 -43.25 24.24 13.48
C ASP D 109 -41.84 24.66 13.89
N MSE D 110 -41.26 25.60 13.16
CA MSE D 110 -39.95 26.11 13.50
C MSE D 110 -39.97 27.60 13.78
O MSE D 110 -40.99 28.27 13.60
CB MSE D 110 -38.94 25.84 12.38
CG MSE D 110 -38.80 24.39 11.97
SE MSE D 110 -38.07 24.31 10.17
CE MSE D 110 -37.55 22.45 10.14
N SER D 111 -38.83 28.11 14.22
CA SER D 111 -38.57 29.53 14.33
C SER D 111 -37.44 29.89 13.37
N PHE D 112 -37.21 31.19 13.19
CA PHE D 112 -36.05 31.61 12.40
C PHE D 112 -34.75 31.30 13.11
N ILE D 113 -34.74 31.41 14.44
CA ILE D 113 -33.56 31.13 15.24
C ILE D 113 -33.93 30.11 16.31
N GLY D 114 -33.22 28.99 16.32
CA GLY D 114 -33.45 27.92 17.26
C GLY D 114 -32.53 26.76 16.97
N PRO D 115 -32.58 25.72 17.80
CA PRO D 115 -31.71 24.56 17.57
C PRO D 115 -32.06 23.87 16.25
N ARG D 116 -31.08 23.15 15.72
CA ARG D 116 -31.25 22.52 14.42
C ARG D 116 -32.07 21.24 14.57
N PRO D 117 -33.07 21.01 13.71
CA PRO D 117 -33.89 19.80 13.81
C PRO D 117 -33.07 18.56 13.45
N LEU D 118 -32.98 17.64 14.40
CA LEU D 118 -32.20 16.42 14.25
C LEU D 118 -33.13 15.21 14.14
N LEU D 119 -32.53 14.05 13.88
CA LEU D 119 -33.30 12.84 13.63
C LEU D 119 -34.14 12.47 14.84
N VAL D 120 -35.19 11.69 14.59
CA VAL D 120 -36.01 11.14 15.67
C VAL D 120 -35.30 9.99 16.38
N GLU D 121 -34.31 9.38 15.72
CA GLU D 121 -33.53 8.32 16.36
C GLU D 121 -32.80 8.80 17.59
N TYR D 122 -32.44 10.09 17.62
CA TYR D 122 -31.61 10.65 18.68
C TYR D 122 -32.38 10.90 19.97
N LEU D 123 -33.69 10.67 19.97
CA LEU D 123 -34.50 10.97 21.16
C LEU D 123 -34.06 10.22 22.40
N PRO D 124 -33.82 8.90 22.39
CA PRO D 124 -33.33 8.25 23.61
C PRO D 124 -31.89 8.57 23.96
N ILE D 125 -31.14 9.19 23.06
CA ILE D 125 -29.73 9.47 23.32
C ILE D 125 -29.56 10.73 24.15
N TYR D 126 -30.50 11.68 24.07
CA TYR D 126 -30.40 12.90 24.86
C TYR D 126 -30.41 12.59 26.35
N ASN D 127 -29.56 13.30 27.10
CA ASN D 127 -29.50 13.14 28.53
C ASN D 127 -30.52 14.04 29.23
N GLU D 128 -30.51 14.03 30.57
CA GLU D 128 -31.44 14.84 31.34
C GLU D 128 -31.25 16.33 31.09
N THR D 129 -30.04 16.74 30.71
CA THR D 129 -29.74 18.14 30.44
C THR D 129 -30.03 18.53 29.00
N GLN D 130 -29.75 17.64 28.04
CA GLN D 130 -29.91 17.95 26.63
C GLN D 130 -31.38 18.04 26.22
N LYS D 131 -32.31 17.47 26.99
CA LYS D 131 -33.72 17.54 26.63
C LYS D 131 -34.21 18.99 26.58
N HIS D 132 -33.57 19.89 27.34
CA HIS D 132 -34.00 21.28 27.40
C HIS D 132 -33.78 22.04 26.09
N ARG D 133 -33.02 21.48 25.13
CA ARG D 133 -32.85 22.15 23.85
C ARG D 133 -34.16 22.28 23.10
N HIS D 134 -35.14 21.42 23.39
CA HIS D 134 -36.45 21.47 22.76
C HIS D 134 -37.48 22.26 23.56
N ASP D 135 -37.03 23.08 24.52
CA ASP D 135 -37.94 23.96 25.23
C ASP D 135 -38.36 25.16 24.39
N VAL D 136 -37.76 25.33 23.20
CA VAL D 136 -38.13 26.37 22.26
C VAL D 136 -38.28 25.71 20.90
N ARG D 137 -38.91 26.44 19.98
CA ARG D 137 -39.10 25.92 18.64
C ARG D 137 -37.75 25.78 17.94
N PRO D 138 -37.57 24.76 17.10
CA PRO D 138 -36.32 24.65 16.33
C PRO D 138 -36.20 25.79 15.35
N GLY D 139 -35.01 25.90 14.75
CA GLY D 139 -34.69 27.05 13.93
C GLY D 139 -34.00 26.65 12.65
N ILE D 140 -34.14 27.52 11.66
CA ILE D 140 -33.38 27.36 10.41
C ILE D 140 -31.90 27.57 10.69
N THR D 141 -31.57 28.57 11.49
CA THR D 141 -30.22 28.79 11.99
C THR D 141 -30.27 29.01 13.49
N GLY D 142 -29.10 29.02 14.11
CA GLY D 142 -29.03 29.18 15.55
C GLY D 142 -27.61 29.40 16.00
N LEU D 143 -27.43 29.36 17.32
CA LEU D 143 -26.11 29.59 17.91
C LEU D 143 -25.13 28.49 17.54
N ALA D 144 -25.61 27.27 17.29
CA ALA D 144 -24.73 26.17 16.94
C ALA D 144 -24.37 26.15 15.46
N GLN D 145 -25.27 26.60 14.59
CA GLN D 145 -25.03 26.51 13.15
C GLN D 145 -23.89 27.41 12.70
N VAL D 146 -23.74 28.58 13.33
CA VAL D 146 -22.70 29.52 12.92
C VAL D 146 -21.33 29.18 13.49
N ASN D 147 -21.26 28.34 14.53
CA ASN D 147 -20.00 28.01 15.19
C ASN D 147 -19.36 26.73 14.68
N GLY D 148 -19.30 26.52 13.36
CA GLY D 148 -18.62 25.36 12.82
C GLY D 148 -17.12 25.59 12.82
N ARG D 149 -16.37 24.63 13.36
CA ARG D 149 -14.92 24.76 13.55
C ARG D 149 -14.17 23.58 12.98
N ASN D 150 -14.68 22.99 11.89
CA ASN D 150 -14.09 21.82 11.25
C ASN D 150 -13.97 20.66 12.24
N ALA D 151 -15.04 20.44 13.01
CA ALA D 151 -15.09 19.35 13.98
C ALA D 151 -16.55 18.95 14.19
N ILE D 152 -16.82 17.66 14.16
CA ILE D 152 -18.18 17.15 14.34
C ILE D 152 -18.37 16.76 15.80
N SER D 153 -18.45 17.76 16.68
CA SER D 153 -18.68 17.54 18.10
C SER D 153 -20.16 17.79 18.38
N TRP D 154 -20.97 16.74 18.27
CA TRP D 154 -22.41 16.86 18.51
C TRP D 154 -22.68 17.37 19.92
N GLU D 155 -21.89 16.90 20.90
CA GLU D 155 -22.12 17.30 22.29
C GLU D 155 -21.82 18.77 22.53
N LYS D 156 -20.84 19.33 21.81
CA LYS D 156 -20.54 20.76 21.96
C LYS D 156 -21.55 21.61 21.21
N LYS D 157 -22.04 21.12 20.06
CA LYS D 157 -23.17 21.76 19.40
C LYS D 157 -24.38 21.81 20.31
N PHE D 158 -24.61 20.74 21.08
CA PHE D 158 -25.72 20.72 22.01
C PHE D 158 -25.49 21.70 23.16
N GLU D 159 -24.23 21.97 23.51
CA GLU D 159 -23.94 22.98 24.52
C GLU D 159 -24.43 24.35 24.07
N TYR D 160 -24.18 24.70 22.80
CA TYR D 160 -24.68 25.95 22.25
C TYR D 160 -26.20 25.97 22.24
N ASP D 161 -26.83 24.83 21.96
CA ASP D 161 -28.29 24.77 21.91
C ASP D 161 -28.90 25.05 23.27
N VAL D 162 -28.36 24.44 24.33
CA VAL D 162 -28.92 24.61 25.65
C VAL D 162 -28.65 26.02 26.18
N TYR D 163 -27.46 26.56 25.91
CA TYR D 163 -27.16 27.91 26.34
C TYR D 163 -28.09 28.92 25.66
N TYR D 164 -28.45 28.65 24.40
CA TYR D 164 -29.41 29.50 23.71
C TYR D 164 -30.80 29.37 24.32
N ALA D 165 -31.23 28.13 24.59
CA ALA D 165 -32.54 27.91 25.20
C ALA D 165 -32.60 28.51 26.61
N LYS D 166 -31.46 28.61 27.27
CA LYS D 166 -31.42 29.16 28.63
C LYS D 166 -31.52 30.68 28.62
N ASN D 167 -30.83 31.33 27.69
CA ASN D 167 -30.80 32.80 27.65
C ASN D 167 -31.38 33.33 26.35
N LEU D 168 -32.58 32.90 25.98
CA LEU D 168 -33.22 33.41 24.77
C LEU D 168 -33.58 34.88 24.97
N SER D 169 -33.02 35.75 24.13
CA SER D 169 -33.25 37.17 24.23
C SER D 169 -33.38 37.77 22.83
N PHE D 170 -33.99 38.96 22.76
CA PHE D 170 -34.06 39.66 21.50
C PHE D 170 -32.67 40.07 21.01
N MSE D 171 -31.80 40.48 21.93
CA MSE D 171 -30.45 40.88 21.58
C MSE D 171 -29.62 39.69 21.11
O MSE D 171 -28.81 39.82 20.18
CB MSE D 171 -29.77 41.55 22.77
CG MSE D 171 -30.70 42.37 23.64
SE MSE D 171 -31.10 44.11 22.88
CE MSE D 171 -29.34 44.94 23.06
N LEU D 172 -29.82 38.54 21.74
CA LEU D 172 -29.08 37.35 21.35
C LEU D 172 -29.50 36.87 19.96
N ASP D 173 -30.79 36.95 19.64
CA ASP D 173 -31.26 36.53 18.33
C ASP D 173 -30.69 37.43 17.23
N VAL D 174 -30.68 38.74 17.45
CA VAL D 174 -30.09 39.65 16.48
C VAL D 174 -28.61 39.34 16.29
N LYS D 175 -27.90 39.07 17.39
CA LYS D 175 -26.49 38.72 17.29
C LYS D 175 -26.27 37.46 16.45
N ILE D 176 -27.13 36.45 16.63
CA ILE D 176 -27.02 35.24 15.82
C ILE D 176 -27.35 35.55 14.36
N ALA D 177 -28.38 36.36 14.12
CA ALA D 177 -28.78 36.68 12.76
C ALA D 177 -27.69 37.42 12.00
N LEU D 178 -27.03 38.39 12.66
CA LEU D 178 -25.93 39.10 12.02
C LEU D 178 -24.76 38.18 11.73
N GLN D 179 -24.48 37.24 12.65
CA GLN D 179 -23.43 36.26 12.38
C GLN D 179 -23.81 35.35 11.22
N THR D 180 -25.10 35.21 10.95
CA THR D 180 -25.57 34.36 9.85
C THR D 180 -25.41 35.02 8.48
N ILE D 181 -25.64 36.34 8.38
CA ILE D 181 -25.46 36.98 7.09
C ILE D 181 -23.99 36.99 6.70
N GLU D 182 -23.09 37.08 7.69
CA GLU D 182 -21.67 36.93 7.38
C GLU D 182 -21.33 35.49 7.01
N LYS D 183 -22.11 34.52 7.51
CA LYS D 183 -21.92 33.14 7.08
C LYS D 183 -22.21 32.97 5.59
N VAL D 184 -23.29 33.59 5.10
CA VAL D 184 -23.65 33.46 3.70
C VAL D 184 -22.90 34.44 2.81
N LEU D 185 -22.19 35.41 3.39
CA LEU D 185 -21.31 36.25 2.60
C LEU D 185 -20.13 35.47 2.05
N LYS D 186 -19.76 34.37 2.69
CA LYS D 186 -18.70 33.50 2.21
C LYS D 186 -19.28 32.34 1.42
N ARG D 187 -18.38 31.60 0.77
CA ARG D 187 -18.75 30.51 -0.13
C ARG D 187 -19.42 29.34 0.61
N SER E 3 -34.99 -16.72 25.81
CA SER E 3 -34.32 -17.70 24.97
C SER E 3 -32.82 -17.47 24.95
N GLY E 4 -32.22 -17.55 23.76
CA GLY E 4 -30.79 -17.33 23.63
C GLY E 4 -30.10 -18.33 22.73
N MSE E 5 -30.36 -19.62 22.92
CA MSE E 5 -29.74 -20.65 22.11
C MSE E 5 -30.19 -20.54 20.65
O MSE E 5 -29.40 -20.16 19.78
CB MSE E 5 -30.06 -22.05 22.64
CG MSE E 5 -29.76 -22.25 24.12
SE MSE E 5 -31.18 -21.62 25.29
CE MSE E 5 -32.55 -22.93 24.84
N TYR E 6 -31.45 -20.88 20.39
CA TYR E 6 -31.97 -20.79 19.04
C TYR E 6 -32.05 -19.35 18.55
N ARG E 7 -32.33 -18.41 19.44
CA ARG E 7 -32.56 -17.03 19.00
C ARG E 7 -31.27 -16.36 18.54
N ASN E 8 -30.16 -16.58 19.25
CA ASN E 8 -28.94 -15.83 18.98
C ASN E 8 -27.93 -16.58 18.13
N PHE E 9 -28.19 -17.85 17.77
CA PHE E 9 -27.19 -18.60 17.05
C PHE E 9 -27.78 -19.71 16.20
N LEU E 10 -28.50 -20.65 16.83
CA LEU E 10 -28.87 -21.89 16.16
C LEU E 10 -29.79 -21.63 14.97
N LYS E 11 -30.62 -20.58 15.04
CA LYS E 11 -31.44 -20.22 13.89
C LYS E 11 -30.57 -19.84 12.71
N ARG E 12 -29.45 -19.15 12.97
CA ARG E 12 -28.51 -18.79 11.92
C ARG E 12 -27.78 -20.01 11.37
N VAL E 13 -27.47 -20.99 12.23
CA VAL E 13 -26.79 -22.20 11.78
C VAL E 13 -27.69 -22.99 10.82
N ILE E 14 -28.95 -23.17 11.18
CA ILE E 14 -29.90 -23.85 10.28
C ILE E 14 -30.08 -23.06 8.99
N ASP E 15 -30.00 -21.74 9.07
CA ASP E 15 -30.08 -20.92 7.86
C ASP E 15 -28.87 -21.16 6.96
N ILE E 16 -27.68 -21.25 7.54
CA ILE E 16 -26.46 -21.45 6.74
C ILE E 16 -26.49 -22.82 6.08
N LEU E 17 -26.72 -23.87 6.86
CA LEU E 17 -26.75 -25.23 6.32
C LEU E 17 -27.88 -25.37 5.30
N GLY E 18 -29.07 -24.88 5.65
CA GLY E 18 -30.20 -25.00 4.75
C GLY E 18 -29.99 -24.29 3.43
N ALA E 19 -29.47 -23.06 3.47
CA ALA E 19 -29.20 -22.34 2.24
C ALA E 19 -28.12 -23.04 1.42
N LEU E 20 -27.06 -23.52 2.08
CA LEU E 20 -26.00 -24.23 1.36
C LEU E 20 -26.52 -25.51 0.75
N PHE E 21 -27.31 -26.29 1.50
CA PHE E 21 -27.86 -27.54 0.98
C PHE E 21 -28.80 -27.27 -0.19
N LEU E 22 -29.71 -26.31 -0.02
CA LEU E 22 -30.68 -26.02 -1.08
C LEU E 22 -30.01 -25.41 -2.31
N LEU E 23 -28.90 -24.68 -2.11
CA LEU E 23 -28.17 -24.15 -3.26
C LEU E 23 -27.54 -25.27 -4.09
N ILE E 24 -26.93 -26.26 -3.43
CA ILE E 24 -26.38 -27.40 -4.14
C ILE E 24 -27.49 -28.25 -4.73
N LEU E 25 -28.66 -28.30 -4.08
CA LEU E 25 -29.72 -29.20 -4.55
C LEU E 25 -30.33 -28.71 -5.85
N THR E 26 -30.52 -27.39 -5.98
CA THR E 26 -31.12 -26.81 -7.18
C THR E 26 -30.08 -26.13 -8.06
N SER E 27 -28.81 -26.43 -7.87
CA SER E 27 -27.72 -25.79 -8.60
C SER E 27 -27.74 -26.09 -10.10
N PRO E 28 -28.08 -27.30 -10.55
CA PRO E 28 -28.21 -27.50 -12.01
C PRO E 28 -29.31 -26.66 -12.63
N ILE E 29 -30.44 -26.51 -11.93
CA ILE E 29 -31.52 -25.67 -12.43
C ILE E 29 -31.09 -24.21 -12.49
N ILE E 30 -30.29 -23.77 -11.51
CA ILE E 30 -29.81 -22.39 -11.50
C ILE E 30 -28.91 -22.14 -12.72
N ILE E 31 -27.99 -23.07 -12.99
CA ILE E 31 -27.09 -22.89 -14.13
C ILE E 31 -27.89 -22.96 -15.43
N ALA E 32 -28.88 -23.85 -15.50
CA ALA E 32 -29.76 -23.90 -16.65
C ALA E 32 -30.56 -22.61 -16.78
N THR E 33 -31.12 -22.12 -15.68
CA THR E 33 -31.87 -20.88 -15.69
C THR E 33 -31.00 -19.72 -16.18
N ALA E 34 -29.81 -19.56 -15.59
CA ALA E 34 -28.92 -18.47 -15.97
C ALA E 34 -28.53 -18.55 -17.44
N ILE E 35 -28.27 -19.76 -17.94
CA ILE E 35 -27.92 -19.92 -19.35
C ILE E 35 -29.08 -19.53 -20.26
N PHE E 36 -30.28 -20.04 -19.96
CA PHE E 36 -31.44 -19.72 -20.79
C PHE E 36 -31.73 -18.23 -20.76
N ILE E 37 -31.71 -17.62 -19.57
CA ILE E 37 -31.96 -16.19 -19.45
C ILE E 37 -30.91 -15.40 -20.23
N TYR E 38 -29.66 -15.86 -20.17
CA TYR E 38 -28.58 -15.17 -20.86
C TYR E 38 -28.80 -15.14 -22.37
N PHE E 39 -29.26 -16.27 -22.93
CA PHE E 39 -29.37 -16.40 -24.38
C PHE E 39 -30.73 -16.02 -24.93
N LYS E 40 -31.77 -16.01 -24.09
CA LYS E 40 -33.13 -15.78 -24.56
C LYS E 40 -33.81 -14.58 -23.91
N VAL E 41 -33.26 -14.05 -22.83
CA VAL E 41 -33.86 -12.89 -22.17
C VAL E 41 -32.88 -11.73 -22.13
N SER E 42 -31.84 -11.85 -21.30
CA SER E 42 -30.91 -10.75 -21.10
C SER E 42 -29.57 -11.29 -20.63
N ARG E 43 -28.49 -10.68 -21.12
CA ARG E 43 -27.14 -11.04 -20.71
C ARG E 43 -26.78 -10.50 -19.34
N ASP E 44 -27.72 -9.85 -18.65
CA ASP E 44 -27.49 -9.42 -17.27
C ASP E 44 -27.90 -10.49 -16.27
N VAL E 45 -28.86 -11.34 -16.62
CA VAL E 45 -29.17 -12.58 -15.91
C VAL E 45 -29.70 -12.30 -14.51
N ILE E 46 -28.93 -11.57 -13.70
CA ILE E 46 -29.26 -11.30 -12.31
C ILE E 46 -29.50 -9.81 -12.14
N PHE E 47 -30.55 -9.46 -11.42
CA PHE E 47 -30.81 -8.10 -10.97
C PHE E 47 -31.10 -8.09 -9.48
N THR E 48 -30.77 -6.98 -8.84
CA THR E 48 -30.87 -6.86 -7.39
C THR E 48 -32.02 -5.93 -7.01
N GLN E 49 -32.49 -6.08 -5.77
CA GLN E 49 -33.56 -5.26 -5.23
C GLN E 49 -33.13 -4.76 -3.86
N ALA E 50 -33.03 -3.44 -3.72
CA ALA E 50 -32.61 -2.82 -2.46
C ALA E 50 -33.80 -2.71 -1.53
N ARG E 51 -33.69 -3.32 -0.35
CA ARG E 51 -34.76 -3.33 0.65
C ARG E 51 -34.17 -3.20 2.03
N PRO E 52 -34.90 -2.59 2.96
CA PRO E 52 -34.41 -2.50 4.34
C PRO E 52 -34.58 -3.82 5.05
N GLY E 53 -33.58 -4.19 5.82
CA GLY E 53 -33.58 -5.48 6.50
C GLY E 53 -33.39 -5.32 8.00
N LEU E 54 -32.53 -6.18 8.54
CA LEU E 54 -32.28 -6.22 9.98
C LEU E 54 -31.64 -4.91 10.46
N ASN E 55 -32.21 -4.34 11.51
CA ASN E 55 -31.74 -3.07 12.09
C ASN E 55 -31.78 -1.93 11.06
N GLU E 56 -32.79 -1.97 10.20
CA GLU E 56 -33.06 -0.96 9.16
C GLU E 56 -31.99 -0.91 8.09
N LYS E 57 -31.05 -1.85 8.08
CA LYS E 57 -29.96 -1.84 7.12
C LYS E 57 -30.42 -2.30 5.74
N ILE E 58 -30.03 -1.56 4.72
CA ILE E 58 -30.40 -1.87 3.34
C ILE E 58 -29.50 -2.99 2.83
N PHE E 59 -30.08 -3.93 2.09
CA PHE E 59 -29.31 -5.00 1.47
C PHE E 59 -29.88 -5.29 0.08
N LYS E 60 -29.08 -5.96 -0.75
CA LYS E 60 -29.48 -6.31 -2.10
C LYS E 60 -30.12 -7.69 -2.11
N ILE E 61 -31.34 -7.77 -2.62
CA ILE E 61 -32.00 -9.06 -2.83
C ILE E 61 -31.64 -9.52 -4.24
N TYR E 62 -31.07 -10.71 -4.36
CA TYR E 62 -30.66 -11.23 -5.65
C TYR E 62 -31.80 -12.03 -6.28
N LYS E 63 -32.00 -11.81 -7.59
CA LYS E 63 -33.11 -12.43 -8.29
C LYS E 63 -32.81 -12.49 -9.77
N PHE E 64 -33.32 -13.53 -10.43
CA PHE E 64 -33.14 -13.69 -11.87
C PHE E 64 -34.01 -12.73 -12.65
N LYS E 65 -33.46 -12.23 -13.75
CA LYS E 65 -34.19 -11.33 -14.65
C LYS E 65 -35.14 -12.12 -15.52
N THR E 66 -36.42 -11.73 -15.55
CA THR E 66 -37.42 -12.45 -16.31
C THR E 66 -37.99 -11.68 -17.49
N MSE E 67 -37.87 -10.35 -17.52
CA MSE E 67 -38.33 -9.58 -18.67
C MSE E 67 -37.17 -9.03 -19.49
O MSE E 67 -36.08 -8.80 -18.98
CB MSE E 67 -39.24 -8.43 -18.25
CG MSE E 67 -40.09 -8.71 -17.03
SE MSE E 67 -41.30 -7.24 -16.61
CE MSE E 67 -40.15 -6.25 -15.38
N SER E 68 -37.43 -8.82 -20.79
CA SER E 68 -36.42 -8.24 -21.66
C SER E 68 -36.26 -6.75 -21.37
N ASP E 69 -35.23 -6.17 -21.96
CA ASP E 69 -34.95 -4.74 -21.85
C ASP E 69 -35.23 -4.00 -23.15
N GLU E 70 -36.25 -4.43 -23.90
CA GLU E 70 -36.56 -3.87 -25.21
C GLU E 70 -37.12 -2.46 -25.14
N ARG E 71 -37.98 -2.12 -26.12
CA ARG E 71 -38.64 -0.84 -26.39
C ARG E 71 -37.96 -0.08 -27.51
N ASP E 72 -38.52 1.07 -27.87
CA ASP E 72 -38.02 1.89 -28.97
C ASP E 72 -37.69 3.29 -28.46
N ALA E 73 -37.04 4.06 -29.34
CA ALA E 73 -36.60 5.46 -29.18
C ALA E 73 -36.41 5.99 -27.76
N ASN E 74 -37.18 5.51 -26.78
CA ASN E 74 -37.03 5.99 -25.42
C ASN E 74 -36.04 5.17 -24.60
N GLY E 75 -35.68 3.98 -25.06
CA GLY E 75 -34.75 3.17 -24.31
C GLY E 75 -35.37 2.06 -23.49
N GLU E 76 -35.15 2.12 -22.19
CA GLU E 76 -35.46 1.06 -21.24
C GLU E 76 -36.87 1.14 -20.65
N LEU E 77 -37.72 2.06 -21.10
CA LEU E 77 -39.00 2.27 -20.44
C LEU E 77 -40.19 2.17 -21.39
N LEU E 78 -41.31 1.69 -20.81
CA LEU E 78 -42.67 1.49 -21.32
C LEU E 78 -43.29 0.40 -20.44
N PRO E 79 -44.62 0.28 -20.35
CA PRO E 79 -45.22 -0.74 -19.48
C PRO E 79 -44.87 -2.18 -19.87
N ASP E 80 -44.97 -3.04 -18.85
CA ASP E 80 -44.65 -4.47 -18.85
C ASP E 80 -45.48 -5.31 -19.82
N ASP E 81 -46.53 -4.73 -20.42
CA ASP E 81 -47.47 -5.55 -21.20
C ASP E 81 -46.78 -6.29 -22.35
N GLN E 82 -45.90 -5.62 -23.08
CA GLN E 82 -45.32 -6.19 -24.29
C GLN E 82 -43.94 -6.81 -24.08
N ARG E 83 -43.31 -6.59 -22.92
CA ARG E 83 -41.94 -7.00 -22.66
C ARG E 83 -41.78 -8.37 -22.00
N LEU E 84 -42.85 -9.06 -21.65
CA LEU E 84 -42.73 -10.32 -20.90
C LEU E 84 -43.15 -11.51 -21.76
N GLY E 85 -42.15 -12.21 -22.29
CA GLY E 85 -42.40 -13.34 -23.16
C GLY E 85 -42.98 -14.56 -22.44
N LYS E 86 -43.13 -15.64 -23.22
CA LYS E 86 -43.70 -16.87 -22.70
C LYS E 86 -42.81 -17.51 -21.65
N PHE E 87 -41.50 -17.63 -21.93
CA PHE E 87 -40.59 -18.27 -20.99
C PHE E 87 -40.38 -17.44 -19.73
N GLY E 88 -40.47 -16.11 -19.84
CA GLY E 88 -40.38 -15.29 -18.65
C GLY E 88 -41.53 -15.52 -17.70
N LYS E 89 -42.74 -15.66 -18.23
CA LYS E 89 -43.90 -16.01 -17.41
C LYS E 89 -43.76 -17.41 -16.84
N LEU E 90 -43.22 -18.35 -17.63
CA LEU E 90 -43.04 -19.71 -17.15
C LEU E 90 -42.05 -19.77 -16.00
N ILE E 91 -40.95 -19.00 -16.10
CA ILE E 91 -39.97 -18.97 -15.01
C ILE E 91 -40.61 -18.37 -13.76
N ARG E 92 -41.43 -17.32 -13.94
CA ARG E 92 -42.12 -16.73 -12.80
C ARG E 92 -43.11 -17.72 -12.18
N SER E 93 -43.79 -18.51 -13.02
CA SER E 93 -44.76 -19.46 -12.49
C SER E 93 -44.08 -20.56 -11.70
N LEU E 94 -42.97 -21.09 -12.20
CA LEU E 94 -42.22 -22.12 -11.51
C LEU E 94 -41.30 -21.57 -10.42
N SER E 95 -41.31 -20.25 -10.19
CA SER E 95 -40.52 -19.61 -9.14
C SER E 95 -39.02 -19.86 -9.28
N LEU E 96 -38.55 -20.16 -10.50
CA LEU E 96 -37.11 -20.39 -10.68
C LEU E 96 -36.33 -19.10 -10.48
N ASP E 97 -36.90 -17.97 -10.89
CA ASP E 97 -36.23 -16.68 -10.70
C ASP E 97 -36.06 -16.35 -9.22
N GLU E 98 -36.83 -16.97 -8.33
CA GLU E 98 -36.75 -16.70 -6.91
C GLU E 98 -35.58 -17.42 -6.24
N LEU E 99 -34.97 -18.39 -6.93
CA LEU E 99 -33.92 -19.20 -6.32
C LEU E 99 -32.73 -18.39 -5.80
N PRO E 100 -32.22 -17.36 -6.50
CA PRO E 100 -31.03 -16.65 -5.97
C PRO E 100 -31.21 -16.08 -4.57
N GLN E 101 -32.44 -15.96 -4.06
CA GLN E 101 -32.62 -15.48 -2.71
C GLN E 101 -32.08 -16.45 -1.67
N LEU E 102 -31.85 -17.71 -2.05
CA LEU E 102 -31.17 -18.64 -1.16
C LEU E 102 -29.77 -18.14 -0.81
N PHE E 103 -29.10 -17.47 -1.75
CA PHE E 103 -27.78 -16.91 -1.48
C PHE E 103 -27.85 -15.80 -0.44
N ASN E 104 -28.92 -15.00 -0.46
CA ASN E 104 -29.15 -14.00 0.59
C ASN E 104 -29.21 -14.68 1.96
N VAL E 105 -29.91 -15.81 2.04
CA VAL E 105 -29.98 -16.54 3.30
C VAL E 105 -28.61 -17.04 3.72
N LEU E 106 -27.81 -17.50 2.75
CA LEU E 106 -26.50 -18.06 3.08
C LEU E 106 -25.56 -16.99 3.64
N LYS E 107 -25.58 -15.80 3.07
CA LYS E 107 -24.65 -14.75 3.45
C LYS E 107 -25.12 -13.92 4.64
N GLY E 108 -26.32 -14.21 5.17
CA GLY E 108 -26.82 -13.54 6.35
C GLY E 108 -27.83 -12.45 6.09
N ASP E 109 -28.04 -12.07 4.83
CA ASP E 109 -29.01 -11.02 4.51
C ASP E 109 -30.42 -11.40 4.98
N MSE E 110 -30.80 -12.66 4.79
CA MSE E 110 -32.14 -13.09 5.18
C MSE E 110 -32.11 -14.40 5.95
O MSE E 110 -31.12 -15.15 5.91
CB MSE E 110 -33.03 -13.25 3.93
CG MSE E 110 -33.42 -11.93 3.28
SE MSE E 110 -34.46 -12.19 1.65
CE MSE E 110 -36.15 -12.75 2.46
N SER E 111 -33.19 -14.68 6.67
CA SER E 111 -33.41 -15.98 7.30
C SER E 111 -34.39 -16.79 6.46
N PHE E 112 -34.51 -18.07 6.79
CA PHE E 112 -35.51 -18.89 6.12
C PHE E 112 -36.92 -18.51 6.55
N ILE E 113 -37.08 -18.13 7.82
CA ILE E 113 -38.37 -17.74 8.37
C ILE E 113 -38.23 -16.36 8.99
N GLY E 114 -39.05 -15.41 8.54
CA GLY E 114 -39.00 -14.07 9.04
C GLY E 114 -39.94 -13.12 8.32
N PRO E 115 -40.00 -11.87 8.78
CA PRO E 115 -40.90 -10.89 8.16
C PRO E 115 -40.50 -10.60 6.72
N ARG E 116 -41.48 -10.10 5.96
CA ARG E 116 -41.29 -9.85 4.54
C ARG E 116 -40.56 -8.52 4.30
N PRO E 117 -39.53 -8.51 3.45
CA PRO E 117 -38.84 -7.24 3.15
C PRO E 117 -39.76 -6.33 2.33
N LEU E 118 -40.02 -5.14 2.85
CA LEU E 118 -40.96 -4.22 2.23
C LEU E 118 -40.23 -3.03 1.62
N LEU E 119 -41.00 -2.18 0.94
CA LEU E 119 -40.45 -1.06 0.19
C LEU E 119 -39.70 -0.10 1.10
N VAL E 120 -38.80 0.68 0.50
CA VAL E 120 -38.12 1.72 1.23
C VAL E 120 -39.01 2.94 1.47
N GLU E 121 -40.08 3.11 0.66
CA GLU E 121 -41.02 4.19 0.90
C GLU E 121 -41.71 4.05 2.25
N TYR E 122 -41.95 2.82 2.69
CA TYR E 122 -42.69 2.53 3.90
C TYR E 122 -41.86 2.69 5.16
N LEU E 123 -40.58 3.03 5.03
CA LEU E 123 -39.70 3.15 6.20
C LEU E 123 -40.15 4.21 7.21
N PRO E 124 -40.49 5.44 6.81
CA PRO E 124 -40.92 6.44 7.82
C PRO E 124 -42.31 6.22 8.39
N ILE E 125 -43.13 5.34 7.80
CA ILE E 125 -44.51 5.22 8.27
C ILE E 125 -44.62 4.38 9.53
N TYR E 126 -43.69 3.45 9.76
CA TYR E 126 -43.76 2.64 10.97
C TYR E 126 -43.65 3.53 12.20
N ASN E 127 -44.48 3.24 13.20
CA ASN E 127 -44.45 3.95 14.48
C ASN E 127 -43.41 3.32 15.39
N GLU E 128 -43.35 3.80 16.65
CA GLU E 128 -42.40 3.23 17.60
C GLU E 128 -42.64 1.75 17.84
N THR E 129 -43.86 1.28 17.62
CA THR E 129 -44.20 -0.14 17.78
C THR E 129 -43.95 -0.95 16.51
N GLN E 130 -44.31 -0.40 15.35
CA GLN E 130 -44.16 -1.14 14.10
C GLN E 130 -42.71 -1.24 13.63
N LYS E 131 -41.84 -0.31 14.04
CA LYS E 131 -40.44 -0.38 13.63
C LYS E 131 -39.74 -1.64 14.16
N HIS E 132 -40.21 -2.21 15.26
CA HIS E 132 -39.58 -3.38 15.84
C HIS E 132 -39.63 -4.62 14.96
N ARG E 133 -40.42 -4.62 13.89
CA ARG E 133 -40.46 -5.76 13.00
C ARG E 133 -39.11 -6.01 12.32
N HIS E 134 -38.24 -5.01 12.26
CA HIS E 134 -36.91 -5.17 11.68
C HIS E 134 -35.86 -5.54 12.72
N ASP E 135 -36.28 -5.97 13.91
CA ASP E 135 -35.35 -6.46 14.91
C ASP E 135 -34.85 -7.87 14.61
N VAL E 136 -35.38 -8.52 13.58
CA VAL E 136 -34.93 -9.85 13.16
C VAL E 136 -34.70 -9.82 11.66
N ARG E 137 -33.94 -10.81 11.18
CA ARG E 137 -33.68 -10.89 9.75
C ARG E 137 -34.96 -11.24 8.99
N PRO E 138 -35.13 -10.71 7.79
CA PRO E 138 -36.31 -11.06 6.98
C PRO E 138 -36.28 -12.53 6.57
N GLY E 139 -37.42 -12.98 6.06
CA GLY E 139 -37.61 -14.38 5.77
C GLY E 139 -38.33 -14.59 4.45
N ILE E 140 -38.12 -15.78 3.88
CA ILE E 140 -38.87 -16.16 2.70
C ILE E 140 -40.35 -16.35 3.04
N THR E 141 -40.63 -16.97 4.18
CA THR E 141 -41.98 -17.07 4.73
C THR E 141 -41.97 -16.65 6.19
N GLY E 142 -43.15 -16.52 6.76
CA GLY E 142 -43.25 -16.09 8.14
C GLY E 142 -44.65 -16.26 8.69
N LEU E 143 -44.85 -15.71 9.89
CA LEU E 143 -46.13 -15.87 10.58
C LEU E 143 -47.25 -15.12 9.87
N ALA E 144 -46.93 -14.05 9.14
CA ALA E 144 -47.96 -13.29 8.44
C ALA E 144 -48.32 -13.92 7.10
N GLN E 145 -47.35 -14.54 6.42
CA GLN E 145 -47.62 -15.09 5.09
C GLN E 145 -48.56 -16.29 5.16
N VAL E 146 -48.44 -17.10 6.22
CA VAL E 146 -49.30 -18.27 6.34
C VAL E 146 -50.67 -17.89 6.88
N ASN E 147 -50.80 -16.74 7.52
CA ASN E 147 -52.07 -16.24 8.03
C ASN E 147 -52.67 -15.21 7.09
N GLY E 148 -52.61 -15.48 5.79
CA GLY E 148 -53.22 -14.59 4.81
C GLY E 148 -54.72 -14.80 4.75
N ARG E 149 -55.47 -13.71 4.81
CA ARG E 149 -56.93 -13.81 4.91
C ARG E 149 -57.64 -13.01 3.82
N ASN E 150 -56.99 -12.83 2.67
CA ASN E 150 -57.58 -12.12 1.53
C ASN E 150 -58.10 -10.74 1.95
N ALA E 151 -57.28 -10.03 2.72
CA ALA E 151 -57.65 -8.71 3.22
C ALA E 151 -56.38 -7.88 3.39
N ILE E 152 -56.45 -6.61 3.00
CA ILE E 152 -55.30 -5.72 3.08
C ILE E 152 -55.32 -4.99 4.42
N SER E 153 -55.10 -5.74 5.50
CA SER E 153 -55.01 -5.17 6.84
C SER E 153 -53.54 -5.08 7.21
N TRP E 154 -52.91 -3.95 6.87
CA TRP E 154 -51.50 -3.76 7.20
C TRP E 154 -51.28 -3.85 8.70
N GLU E 155 -52.23 -3.35 9.49
CA GLU E 155 -52.09 -3.36 10.94
C GLU E 155 -52.07 -4.77 11.51
N LYS E 156 -52.82 -5.69 10.91
CA LYS E 156 -52.84 -7.07 11.38
C LYS E 156 -51.62 -7.84 10.90
N LYS E 157 -51.13 -7.55 9.70
CA LYS E 157 -49.85 -8.12 9.26
C LYS E 157 -48.73 -7.67 10.19
N PHE E 158 -48.72 -6.40 10.58
CA PHE E 158 -47.67 -5.91 11.47
C PHE E 158 -47.84 -6.45 12.89
N GLU E 159 -49.07 -6.71 13.32
CA GLU E 159 -49.28 -7.33 14.64
C GLU E 159 -48.68 -8.73 14.69
N TYR E 160 -48.93 -9.53 13.65
CA TYR E 160 -48.30 -10.84 13.57
C TYR E 160 -46.78 -10.72 13.43
N ASP E 161 -46.32 -9.73 12.65
CA ASP E 161 -44.88 -9.56 12.47
C ASP E 161 -44.19 -9.21 13.78
N VAL E 162 -44.79 -8.29 14.56
CA VAL E 162 -44.19 -7.90 15.83
C VAL E 162 -44.30 -9.04 16.84
N TYR E 163 -45.42 -9.77 16.82
CA TYR E 163 -45.56 -10.93 17.69
C TYR E 163 -44.51 -12.00 17.38
N TYR E 164 -44.16 -12.16 16.10
CA TYR E 164 -43.14 -13.13 15.74
C TYR E 164 -41.77 -12.70 16.27
N ALA E 165 -41.42 -11.42 16.08
CA ALA E 165 -40.15 -10.93 16.57
C ALA E 165 -40.10 -10.93 18.09
N LYS E 166 -41.26 -10.79 18.75
CA LYS E 166 -41.31 -10.75 20.20
C LYS E 166 -41.20 -12.16 20.79
N ASN E 167 -41.88 -13.13 20.19
CA ASN E 167 -41.86 -14.49 20.70
C ASN E 167 -41.27 -15.45 19.67
N LEU E 168 -40.10 -15.10 19.14
CA LEU E 168 -39.42 -15.96 18.18
C LEU E 168 -38.93 -17.22 18.88
N SER E 169 -39.35 -18.38 18.38
CA SER E 169 -38.96 -19.66 18.96
C SER E 169 -38.68 -20.65 17.84
N PHE E 170 -37.93 -21.70 18.19
CA PHE E 170 -37.70 -22.78 17.25
C PHE E 170 -38.99 -23.50 16.91
N MSE E 171 -39.85 -23.71 17.90
CA MSE E 171 -41.12 -24.38 17.68
C MSE E 171 -42.09 -23.51 16.90
O MSE E 171 -42.90 -24.02 16.12
CB MSE E 171 -41.74 -24.80 19.03
CG MSE E 171 -40.74 -25.42 19.99
SE MSE E 171 -40.07 -27.15 19.38
CE MSE E 171 -41.77 -27.94 18.81
N LEU E 172 -42.02 -22.20 17.12
CA LEU E 172 -42.83 -21.28 16.32
C LEU E 172 -42.36 -21.29 14.86
N ASP E 173 -41.05 -21.36 14.63
CA ASP E 173 -40.53 -21.42 13.27
C ASP E 173 -40.96 -22.72 12.58
N VAL E 174 -40.89 -23.84 13.30
CA VAL E 174 -41.39 -25.09 12.74
C VAL E 174 -42.88 -24.97 12.44
N LYS E 175 -43.62 -24.30 13.32
CA LYS E 175 -45.05 -24.06 13.07
C LYS E 175 -45.25 -23.30 11.77
N ILE E 176 -44.40 -22.31 11.49
CA ILE E 176 -44.52 -21.55 10.25
C ILE E 176 -44.24 -22.43 9.05
N ALA E 177 -43.22 -23.30 9.14
CA ALA E 177 -42.87 -24.16 8.03
C ALA E 177 -44.01 -25.13 7.72
N LEU E 178 -44.62 -25.72 8.75
CA LEU E 178 -45.75 -26.60 8.53
C LEU E 178 -46.95 -25.84 7.94
N GLN E 179 -47.19 -24.62 8.44
CA GLN E 179 -48.26 -23.81 7.86
C GLN E 179 -47.93 -23.40 6.43
N THR E 180 -46.65 -23.35 6.09
CA THR E 180 -46.25 -22.98 4.73
C THR E 180 -46.42 -24.13 3.76
N ILE E 181 -46.06 -25.35 4.17
CA ILE E 181 -46.25 -26.50 3.29
C ILE E 181 -47.72 -26.86 3.15
N GLU E 182 -48.52 -26.62 4.19
CA GLU E 182 -49.96 -26.81 4.07
C GLU E 182 -50.56 -25.73 3.18
N LYS E 183 -49.93 -24.55 3.12
CA LYS E 183 -50.36 -23.50 2.20
C LYS E 183 -50.17 -23.92 0.75
N VAL E 184 -49.05 -24.58 0.43
CA VAL E 184 -48.74 -24.96 -0.95
C VAL E 184 -49.39 -26.26 -1.39
N LEU E 185 -50.03 -27.01 -0.48
CA LEU E 185 -50.75 -28.21 -0.91
C LEU E 185 -51.95 -27.87 -1.78
N LYS E 186 -52.53 -26.68 -1.62
CA LYS E 186 -53.60 -26.26 -2.51
C LYS E 186 -53.05 -25.34 -3.59
N ARG E 187 -53.87 -25.10 -4.61
CA ARG E 187 -53.48 -24.28 -5.74
C ARG E 187 -53.30 -22.81 -5.37
N SER F 3 22.45 34.28 22.94
CA SER F 3 23.13 33.37 22.03
C SER F 3 24.54 33.85 21.71
N GLY F 4 24.90 33.79 20.43
CA GLY F 4 26.22 34.22 19.98
C GLY F 4 26.80 33.22 19.00
N MSE F 5 26.56 31.94 19.26
CA MSE F 5 26.95 30.87 18.36
C MSE F 5 26.20 30.97 17.05
O MSE F 5 26.75 31.32 16.02
CB MSE F 5 26.73 29.51 19.01
CG MSE F 5 27.90 29.03 19.85
SE MSE F 5 29.50 28.71 18.80
CE MSE F 5 29.70 26.80 19.17
N TYR F 6 24.89 30.67 17.10
CA TYR F 6 24.09 30.69 15.88
C TYR F 6 23.90 32.11 15.36
N ARG F 7 23.82 33.10 16.24
CA ARG F 7 23.52 34.46 15.81
C ARG F 7 24.70 35.08 15.07
N ASN F 8 25.90 34.93 15.60
CA ASN F 8 27.09 35.59 15.07
C ASN F 8 28.00 34.66 14.27
N PHE F 9 27.62 33.39 14.11
CA PHE F 9 28.55 32.43 13.53
C PHE F 9 27.84 31.31 12.76
N LEU F 10 27.03 30.50 13.45
CA LEU F 10 26.52 29.27 12.84
C LEU F 10 25.51 29.55 11.72
N LYS F 11 24.69 30.59 11.85
CA LYS F 11 23.68 30.87 10.82
C LYS F 11 24.33 31.20 9.49
N ARG F 12 25.45 31.93 9.50
CA ARG F 12 26.12 32.26 8.24
C ARG F 12 26.75 31.02 7.62
N VAL F 13 27.24 30.11 8.45
CA VAL F 13 27.83 28.86 7.93
C VAL F 13 26.75 28.02 7.25
N ILE F 14 25.59 27.88 7.89
CA ILE F 14 24.47 27.15 7.28
C ILE F 14 24.03 27.83 6.00
N ASP F 15 24.12 29.16 5.94
CA ASP F 15 23.80 29.88 4.71
C ASP F 15 24.81 29.58 3.61
N ILE F 16 26.10 29.57 3.95
CA ILE F 16 27.13 29.34 2.95
C ILE F 16 27.05 27.91 2.41
N LEU F 17 27.09 26.92 3.31
CA LEU F 17 27.03 25.53 2.87
C LEU F 17 25.71 25.23 2.16
N GLY F 18 24.59 25.68 2.72
CA GLY F 18 23.31 25.42 2.09
C GLY F 18 23.21 26.02 0.70
N ALA F 19 23.63 27.28 0.55
CA ALA F 19 23.63 27.90 -0.76
C ALA F 19 24.61 27.19 -1.70
N LEU F 20 25.79 26.84 -1.19
CA LEU F 20 26.77 26.13 -2.00
C LEU F 20 26.24 24.77 -2.42
N PHE F 21 25.61 24.04 -1.49
CA PHE F 21 25.04 22.75 -1.81
C PHE F 21 23.91 22.88 -2.83
N LEU F 22 23.01 23.84 -2.61
CA LEU F 22 21.88 24.01 -3.52
C LEU F 22 22.33 24.52 -4.88
N LEU F 23 23.43 25.28 -4.93
CA LEU F 23 23.96 25.71 -6.22
C LEU F 23 24.47 24.52 -7.03
N ILE F 24 25.19 23.61 -6.38
CA ILE F 24 25.62 22.39 -7.08
C ILE F 24 24.42 21.50 -7.37
N LEU F 25 23.39 21.55 -6.51
CA LEU F 25 22.23 20.66 -6.68
C LEU F 25 21.40 21.07 -7.89
N THR F 26 21.24 22.37 -8.11
CA THR F 26 20.46 22.90 -9.22
C THR F 26 21.32 23.44 -10.35
N SER F 27 22.60 23.05 -10.38
CA SER F 27 23.51 23.59 -11.38
C SER F 27 23.17 23.23 -12.82
N PRO F 28 22.68 22.02 -13.15
CA PRO F 28 22.23 21.80 -14.54
C PRO F 28 21.08 22.69 -14.95
N ILE F 29 20.12 22.93 -14.04
CA ILE F 29 19.00 23.82 -14.33
C ILE F 29 19.48 25.26 -14.52
N ILE F 30 20.48 25.67 -13.73
CA ILE F 30 21.01 27.03 -13.86
C ILE F 30 21.64 27.24 -15.23
N ILE F 31 22.47 26.29 -15.67
CA ILE F 31 23.13 26.43 -16.96
C ILE F 31 22.10 26.32 -18.10
N ALA F 32 21.11 25.43 -17.95
CA ALA F 32 20.07 25.30 -18.97
C ALA F 32 19.25 26.58 -19.11
N THR F 33 18.83 27.16 -17.97
CA THR F 33 18.07 28.41 -18.00
C THR F 33 18.87 29.51 -18.69
N ALA F 34 20.13 29.69 -18.28
CA ALA F 34 20.97 30.71 -18.88
C ALA F 34 21.13 30.49 -20.38
N ILE F 35 21.22 29.22 -20.80
CA ILE F 35 21.34 28.91 -22.21
C ILE F 35 20.08 29.33 -22.98
N PHE F 36 18.91 28.95 -22.45
CA PHE F 36 17.66 29.31 -23.12
C PHE F 36 17.48 30.82 -23.20
N ILE F 37 17.73 31.52 -22.09
CA ILE F 37 17.56 32.97 -22.07
C ILE F 37 18.52 33.62 -23.06
N TYR F 38 19.73 33.08 -23.18
CA TYR F 38 20.73 33.64 -24.08
C TYR F 38 20.25 33.64 -25.53
N PHE F 39 19.61 32.54 -25.96
CA PHE F 39 19.28 32.38 -27.36
C PHE F 39 17.89 32.85 -27.75
N LYS F 40 16.94 32.97 -26.80
CA LYS F 40 15.56 33.27 -27.15
C LYS F 40 15.00 34.52 -26.48
N VAL F 41 15.67 35.08 -25.49
CA VAL F 41 15.16 36.27 -24.82
C VAL F 41 16.17 37.40 -24.99
N SER F 42 17.29 37.30 -24.30
CA SER F 42 18.30 38.35 -24.31
C SER F 42 19.65 37.75 -24.01
N ARG F 43 20.67 38.26 -24.71
CA ARG F 43 22.03 37.79 -24.49
C ARG F 43 22.64 38.32 -23.21
N ASP F 44 21.87 39.07 -22.41
CA ASP F 44 22.34 39.54 -21.11
C ASP F 44 22.05 38.56 -19.98
N VAL F 45 21.00 37.75 -20.11
CA VAL F 45 20.76 36.59 -19.25
C VAL F 45 20.45 37.02 -17.82
N ILE F 46 21.35 37.79 -17.21
CA ILE F 46 21.25 38.18 -15.80
C ILE F 46 21.05 39.68 -15.71
N PHE F 47 20.12 40.09 -14.84
CA PHE F 47 19.96 41.49 -14.47
C PHE F 47 19.92 41.60 -12.95
N THR F 48 20.37 42.74 -12.44
CA THR F 48 20.50 42.97 -11.01
C THR F 48 19.47 43.96 -10.51
N GLN F 49 19.19 43.89 -9.21
CA GLN F 49 18.22 44.77 -8.55
C GLN F 49 18.83 45.33 -7.28
N ALA F 50 18.92 46.66 -7.20
CA ALA F 50 19.50 47.33 -6.04
C ALA F 50 18.46 47.44 -4.92
N ARG F 51 18.79 46.88 -3.76
CA ARG F 51 17.90 46.87 -2.60
C ARG F 51 18.72 47.07 -1.33
N PRO F 52 18.14 47.67 -0.29
CA PRO F 52 18.88 47.83 0.97
C PRO F 52 18.92 46.51 1.73
N GLY F 53 20.08 46.23 2.32
CA GLY F 53 20.28 44.97 3.01
C GLY F 53 20.77 45.19 4.44
N LEU F 54 21.78 44.40 4.82
CA LEU F 54 22.33 44.46 6.17
C LEU F 54 22.96 45.82 6.44
N ASN F 55 22.58 46.41 7.57
CA ASN F 55 23.01 47.76 7.95
C ASN F 55 22.61 48.79 6.89
N GLU F 56 21.47 48.55 6.24
CA GLU F 56 20.88 49.43 5.23
C GLU F 56 21.75 49.59 3.99
N LYS F 57 22.79 48.78 3.85
CA LYS F 57 23.69 48.89 2.71
C LYS F 57 23.05 48.31 1.45
N ILE F 58 23.18 49.03 0.34
CA ILE F 58 22.57 48.63 -0.92
C ILE F 58 23.39 47.51 -1.55
N PHE F 59 22.69 46.52 -2.12
CA PHE F 59 23.34 45.44 -2.83
C PHE F 59 22.52 45.08 -4.06
N LYS F 60 23.18 44.40 -5.01
CA LYS F 60 22.54 43.98 -6.25
C LYS F 60 22.01 42.56 -6.10
N ILE F 61 20.73 42.39 -6.37
CA ILE F 61 20.09 41.08 -6.35
C ILE F 61 20.22 40.45 -7.74
N TYR F 62 20.73 39.23 -7.80
CA TYR F 62 20.93 38.57 -9.08
C TYR F 62 19.68 37.79 -9.45
N LYS F 63 19.28 37.89 -10.71
CA LYS F 63 18.05 37.28 -11.19
C LYS F 63 18.15 37.11 -12.70
N PHE F 64 17.49 36.06 -13.20
CA PHE F 64 17.50 35.80 -14.63
C PHE F 64 16.61 36.78 -15.37
N LYS F 65 17.07 37.20 -16.55
CA LYS F 65 16.31 38.09 -17.42
C LYS F 65 15.25 37.26 -18.14
N THR F 66 13.98 37.66 -18.01
CA THR F 66 12.89 36.90 -18.61
C THR F 66 12.19 37.65 -19.73
N MSE F 67 12.12 38.97 -19.66
CA MSE F 67 11.56 39.75 -20.75
C MSE F 67 12.67 40.17 -21.71
O MSE F 67 13.82 40.35 -21.30
CB MSE F 67 10.85 40.99 -20.22
CG MSE F 67 10.08 40.78 -18.94
SE MSE F 67 8.91 42.30 -18.63
CE MSE F 67 8.23 42.49 -20.45
N SER F 68 12.32 40.32 -22.98
CA SER F 68 13.28 40.85 -23.93
C SER F 68 13.48 42.34 -23.69
N ASP F 69 14.48 42.90 -24.38
CA ASP F 69 14.75 44.32 -24.38
C ASP F 69 14.30 44.92 -25.71
N GLU F 70 13.21 44.38 -26.24
CA GLU F 70 12.76 44.75 -27.58
C GLU F 70 12.24 46.18 -27.59
N ARG F 71 12.56 46.88 -28.66
CA ARG F 71 12.22 48.28 -28.86
C ARG F 71 11.35 48.40 -30.10
N ASP F 72 10.96 49.63 -30.41
CA ASP F 72 10.17 49.92 -31.58
C ASP F 72 10.92 50.91 -32.46
N ALA F 73 10.39 51.14 -33.66
CA ALA F 73 11.02 52.08 -34.59
C ALA F 73 11.24 53.46 -33.98
N ASN F 74 10.44 53.83 -32.97
CA ASN F 74 10.53 55.13 -32.34
C ASN F 74 11.52 55.19 -31.19
N GLY F 75 12.07 54.06 -30.75
CA GLY F 75 12.97 54.03 -29.62
C GLY F 75 12.39 53.45 -28.36
N GLU F 76 11.07 53.51 -28.19
CA GLU F 76 10.43 53.19 -26.93
C GLU F 76 10.22 51.68 -26.79
N LEU F 77 9.85 51.26 -25.59
CA LEU F 77 9.64 49.87 -25.25
C LEU F 77 8.18 49.50 -25.43
N LEU F 78 7.96 48.25 -25.82
CA LEU F 78 6.61 47.74 -25.92
C LEU F 78 6.09 47.45 -24.52
N PRO F 79 4.76 47.42 -24.34
CA PRO F 79 4.22 47.04 -23.03
C PRO F 79 4.64 45.63 -22.68
N ASP F 80 4.63 45.33 -21.37
CA ASP F 80 5.08 44.04 -20.90
C ASP F 80 4.29 42.88 -21.49
N ASP F 81 3.16 43.15 -22.13
CA ASP F 81 2.35 42.10 -22.73
C ASP F 81 3.08 41.44 -23.91
N GLN F 82 3.73 42.24 -24.76
CA GLN F 82 4.28 41.72 -26.01
C GLN F 82 5.75 41.35 -25.92
N ARG F 83 6.47 41.80 -24.90
CA ARG F 83 7.88 41.49 -24.76
C ARG F 83 8.16 40.27 -23.88
N LEU F 84 7.13 39.70 -23.27
CA LEU F 84 7.28 38.56 -22.36
C LEU F 84 6.60 37.36 -23.00
N GLY F 85 7.40 36.50 -23.63
CA GLY F 85 6.86 35.36 -24.34
C GLY F 85 6.26 34.30 -23.42
N LYS F 86 5.81 33.22 -24.05
CA LYS F 86 5.20 32.11 -23.32
C LYS F 86 6.20 31.43 -22.40
N PHE F 87 7.40 31.15 -22.91
CA PHE F 87 8.42 30.49 -22.08
C PHE F 87 8.94 31.42 -20.99
N GLY F 88 8.89 32.74 -21.21
CA GLY F 88 9.26 33.65 -20.15
C GLY F 88 8.28 33.56 -18.99
N LYS F 89 6.99 33.43 -19.30
CA LYS F 89 5.99 33.19 -18.26
C LYS F 89 6.22 31.82 -17.61
N LEU F 90 6.60 30.81 -18.40
CA LEU F 90 6.86 29.49 -17.84
C LEU F 90 8.05 29.52 -16.90
N ILE F 91 9.11 30.24 -17.27
CA ILE F 91 10.27 30.34 -16.40
C ILE F 91 9.90 31.04 -15.09
N ARG F 92 9.09 32.09 -15.19
CA ARG F 92 8.60 32.76 -13.99
C ARG F 92 7.67 31.86 -13.19
N SER F 93 6.85 31.06 -13.87
CA SER F 93 5.89 30.21 -13.18
C SER F 93 6.58 29.16 -12.32
N LEU F 94 7.62 28.53 -12.86
CA LEU F 94 8.39 27.55 -12.11
C LEU F 94 9.41 28.18 -11.18
N SER F 95 9.46 29.51 -11.10
CA SER F 95 10.36 30.26 -10.24
C SER F 95 11.83 29.96 -10.53
N LEU F 96 12.14 29.50 -11.75
CA LEU F 96 13.53 29.24 -12.11
C LEU F 96 14.33 30.53 -12.22
N ASP F 97 13.69 31.63 -12.65
CA ASP F 97 14.38 32.90 -12.75
C ASP F 97 14.89 33.41 -11.40
N GLU F 98 14.35 32.90 -10.30
CA GLU F 98 14.74 33.31 -8.95
C GLU F 98 16.03 32.65 -8.48
N LEU F 99 16.50 31.62 -9.19
CA LEU F 99 17.62 30.81 -8.72
C LEU F 99 18.90 31.58 -8.40
N PRO F 100 19.33 32.58 -9.19
CA PRO F 100 20.60 33.25 -8.88
C PRO F 100 20.69 33.84 -7.48
N GLN F 101 19.58 34.00 -6.76
CA GLN F 101 19.65 34.55 -5.40
C GLN F 101 20.38 33.62 -4.44
N LEU F 102 20.54 32.34 -4.77
CA LEU F 102 21.39 31.48 -3.96
C LEU F 102 22.81 32.02 -3.90
N PHE F 103 23.27 32.62 -5.00
CA PHE F 103 24.58 33.25 -5.02
C PHE F 103 24.62 34.45 -4.09
N ASN F 104 23.52 35.22 -4.04
CA ASN F 104 23.39 36.29 -3.05
C ASN F 104 23.50 35.73 -1.63
N VAL F 105 22.85 34.60 -1.38
CA VAL F 105 22.95 33.97 -0.06
C VAL F 105 24.38 33.53 0.18
N LEU F 106 25.06 33.03 -0.86
CA LEU F 106 26.42 32.51 -0.70
C LEU F 106 27.41 33.62 -0.37
N LYS F 107 27.29 34.77 -1.03
CA LYS F 107 28.27 35.84 -0.89
C LYS F 107 28.00 36.76 0.29
N GLY F 108 26.94 36.53 1.05
CA GLY F 108 26.67 37.29 2.24
C GLY F 108 25.62 38.37 2.09
N ASP F 109 25.18 38.66 0.87
CA ASP F 109 24.13 39.66 0.68
C ASP F 109 22.85 39.27 1.41
N MSE F 110 22.50 37.99 1.39
CA MSE F 110 21.30 37.52 2.05
C MSE F 110 21.55 36.31 2.93
O MSE F 110 22.66 35.78 2.98
CB MSE F 110 20.22 37.16 1.03
CG MSE F 110 20.08 38.12 -0.13
SE MSE F 110 18.31 37.93 -0.93
CE MSE F 110 18.62 38.87 -2.59
N SER F 111 20.51 35.89 3.62
CA SER F 111 20.47 34.65 4.38
C SER F 111 19.36 33.76 3.82
N PHE F 112 19.34 32.50 4.27
CA PHE F 112 18.23 31.63 3.91
C PHE F 112 16.96 32.07 4.59
N ILE F 113 17.07 32.58 5.81
CA ILE F 113 15.93 33.05 6.59
C ILE F 113 16.22 34.49 7.01
N GLY F 114 15.34 35.40 6.63
CA GLY F 114 15.51 36.80 6.94
C GLY F 114 14.42 37.68 6.35
N PRO F 115 14.47 38.97 6.66
CA PRO F 115 13.45 39.90 6.16
C PRO F 115 13.47 40.04 4.64
N ARG F 116 12.33 40.45 4.10
CA ARG F 116 12.13 40.57 2.67
C ARG F 116 12.74 41.87 2.16
N PRO F 117 13.56 41.82 1.10
CA PRO F 117 14.17 43.05 0.56
C PRO F 117 13.13 43.91 -0.14
N LEU F 118 12.97 45.14 0.33
CA LEU F 118 11.97 46.06 -0.22
C LEU F 118 12.65 47.20 -0.95
N LEU F 119 11.81 48.01 -1.61
CA LEU F 119 12.28 49.11 -2.43
C LEU F 119 13.06 50.14 -1.61
N VAL F 120 13.88 50.93 -2.30
CA VAL F 120 14.56 52.02 -1.64
C VAL F 120 13.62 53.18 -1.36
N GLU F 121 12.48 53.24 -2.06
CA GLU F 121 11.49 54.28 -1.78
C GLU F 121 10.98 54.16 -0.34
N TYR F 122 10.89 52.95 0.17
CA TYR F 122 10.32 52.69 1.49
C TYR F 122 11.28 52.99 2.63
N LEU F 123 12.53 53.36 2.32
CA LEU F 123 13.53 53.61 3.36
C LEU F 123 13.14 54.75 4.30
N PRO F 124 12.68 55.92 3.83
CA PRO F 124 12.32 56.99 4.78
C PRO F 124 11.01 56.76 5.52
N ILE F 125 10.19 55.77 5.15
CA ILE F 125 8.90 55.62 5.81
C ILE F 125 9.04 54.88 7.14
N TYR F 126 10.04 54.01 7.27
CA TYR F 126 10.24 53.29 8.53
C TYR F 126 10.56 54.25 9.66
N ASN F 127 9.99 53.98 10.83
CA ASN F 127 10.25 54.78 12.02
C ASN F 127 11.54 54.33 12.70
N GLU F 128 11.84 54.94 13.84
CA GLU F 128 13.06 54.59 14.57
C GLU F 128 13.06 53.13 15.02
N THR F 129 11.89 52.52 15.18
CA THR F 129 11.79 51.13 15.59
C THR F 129 11.83 50.18 14.40
N GLN F 130 11.18 50.53 13.29
CA GLN F 130 11.12 49.64 12.14
C GLN F 130 12.45 49.53 11.40
N LYS F 131 13.36 50.50 11.58
CA LYS F 131 14.65 50.43 10.92
C LYS F 131 15.44 49.20 11.33
N HIS F 132 15.15 48.62 12.50
CA HIS F 132 15.88 47.46 12.98
C HIS F 132 15.71 46.23 12.10
N ARG F 133 14.75 46.25 11.17
CA ARG F 133 14.61 45.14 10.25
C ARG F 133 15.84 44.97 9.36
N HIS F 134 16.63 46.02 9.19
CA HIS F 134 17.88 45.95 8.43
C HIS F 134 19.09 45.69 9.32
N ASP F 135 18.87 45.29 10.58
CA ASP F 135 19.97 44.89 11.45
C ASP F 135 20.48 43.49 11.15
N VAL F 136 19.79 42.75 10.27
CA VAL F 136 20.20 41.41 9.88
C VAL F 136 20.14 41.31 8.36
N ARG F 137 20.78 40.28 7.84
CA ARG F 137 20.79 40.06 6.41
C ARG F 137 19.39 39.71 5.92
N PRO F 138 19.00 40.14 4.73
CA PRO F 138 17.71 39.75 4.17
C PRO F 138 17.68 38.25 3.88
N GLY F 139 16.47 37.76 3.58
CA GLY F 139 16.28 36.34 3.46
C GLY F 139 15.42 35.98 2.26
N ILE F 140 15.60 34.74 1.79
CA ILE F 140 14.72 34.21 0.75
C ILE F 140 13.31 34.03 1.30
N THR F 141 13.21 33.49 2.51
CA THR F 141 11.97 33.41 3.27
C THR F 141 12.24 33.91 4.68
N GLY F 142 11.19 34.09 5.47
CA GLY F 142 11.40 34.59 6.81
C GLY F 142 10.14 34.47 7.65
N LEU F 143 10.22 35.09 8.85
CA LEU F 143 9.12 35.01 9.80
C LEU F 143 7.88 35.74 9.29
N ALA F 144 8.06 36.77 8.46
CA ALA F 144 6.90 37.49 7.94
C ALA F 144 6.30 36.78 6.74
N GLN F 145 7.12 36.13 5.93
CA GLN F 145 6.60 35.47 4.73
C GLN F 145 5.77 34.24 5.08
N VAL F 146 6.15 33.52 6.14
CA VAL F 146 5.42 32.31 6.49
C VAL F 146 4.15 32.62 7.26
N ASN F 147 4.06 33.79 7.89
CA ASN F 147 2.84 34.23 8.55
C ASN F 147 2.08 35.19 7.65
N GLY F 148 2.04 34.86 6.36
CA GLY F 148 1.30 35.66 5.39
C GLY F 148 -0.17 35.35 5.50
N ARG F 149 -0.99 36.41 5.55
CA ARG F 149 -2.41 36.27 5.81
C ARG F 149 -3.24 36.90 4.70
N ASN F 150 -2.69 36.93 3.48
CA ASN F 150 -3.36 37.49 2.32
C ASN F 150 -3.83 38.92 2.60
N ALA F 151 -2.94 39.71 3.21
CA ALA F 151 -3.26 41.09 3.56
C ALA F 151 -1.97 41.89 3.60
N ILE F 152 -2.02 43.08 3.00
CA ILE F 152 -0.84 43.94 2.94
C ILE F 152 -0.86 44.93 4.10
N SER F 153 -0.66 44.42 5.31
CA SER F 153 -0.56 45.27 6.50
C SER F 153 0.93 45.39 6.79
N TRP F 154 1.55 46.40 6.18
CA TRP F 154 3.00 46.58 6.32
C TRP F 154 3.42 46.75 7.77
N GLU F 155 2.59 47.44 8.58
CA GLU F 155 3.00 47.74 9.95
C GLU F 155 3.15 46.48 10.79
N LYS F 156 2.28 45.49 10.57
CA LYS F 156 2.40 44.23 11.30
C LYS F 156 3.43 43.30 10.65
N LYS F 157 3.57 43.34 9.32
CA LYS F 157 4.68 42.66 8.68
C LYS F 157 6.01 43.17 9.21
N PHE F 158 6.12 44.48 9.42
CA PHE F 158 7.35 45.05 9.96
C PHE F 158 7.52 44.68 11.43
N GLU F 159 6.42 44.47 12.14
CA GLU F 159 6.48 44.01 13.53
C GLU F 159 7.10 42.61 13.61
N TYR F 160 6.68 41.70 12.73
CA TYR F 160 7.30 40.39 12.67
C TYR F 160 8.76 40.51 12.28
N ASP F 161 9.09 41.47 11.41
CA ASP F 161 10.47 41.66 10.99
C ASP F 161 11.37 42.01 12.17
N VAL F 162 10.90 42.90 13.05
CA VAL F 162 11.71 43.35 14.18
C VAL F 162 11.82 42.24 15.23
N TYR F 163 10.75 41.49 15.45
CA TYR F 163 10.80 40.39 16.41
C TYR F 163 11.83 39.35 16.00
N TYR F 164 11.94 39.07 14.70
CA TYR F 164 12.95 38.13 14.23
C TYR F 164 14.36 38.70 14.35
N ALA F 165 14.55 39.96 13.95
CA ALA F 165 15.89 40.55 13.98
C ALA F 165 16.44 40.70 15.40
N LYS F 166 15.57 40.94 16.38
CA LYS F 166 16.06 41.13 17.74
C LYS F 166 16.34 39.79 18.41
N ASN F 167 15.47 38.80 18.22
CA ASN F 167 15.59 37.52 18.89
C ASN F 167 15.80 36.40 17.88
N LEU F 168 16.79 36.56 17.01
CA LEU F 168 17.13 35.54 16.02
C LEU F 168 17.68 34.30 16.72
N SER F 169 17.06 33.15 16.47
CA SER F 169 17.48 31.91 17.09
C SER F 169 17.48 30.78 16.07
N PHE F 170 18.24 29.72 16.38
CA PHE F 170 18.22 28.52 15.55
C PHE F 170 16.86 27.83 15.64
N MSE F 171 16.30 27.76 16.84
CA MSE F 171 14.95 27.25 17.05
C MSE F 171 13.95 28.04 16.21
O MSE F 171 13.09 27.48 15.54
CB MSE F 171 14.57 27.32 18.52
CG MSE F 171 15.71 27.02 19.48
SE MSE F 171 15.96 25.11 19.78
CE MSE F 171 14.29 24.74 20.72
N LEU F 172 14.09 29.37 16.26
CA LEU F 172 13.20 30.23 15.50
C LEU F 172 13.39 30.04 14.01
N ASP F 173 14.64 29.86 13.56
CA ASP F 173 14.90 29.62 12.14
C ASP F 173 14.33 28.27 11.70
N VAL F 174 14.52 27.23 12.51
CA VAL F 174 13.93 25.94 12.18
C VAL F 174 12.41 26.08 12.07
N LYS F 175 11.82 26.87 12.96
CA LYS F 175 10.40 27.16 12.87
C LYS F 175 10.04 27.81 11.54
N ILE F 176 10.90 28.71 11.05
CA ILE F 176 10.64 29.35 9.76
C ILE F 176 10.72 28.32 8.63
N ALA F 177 11.70 27.42 8.69
CA ALA F 177 11.84 26.40 7.65
C ALA F 177 10.62 25.49 7.62
N LEU F 178 10.15 25.08 8.79
CA LEU F 178 8.96 24.22 8.86
C LEU F 178 7.71 24.95 8.37
N GLN F 179 7.55 26.22 8.76
CA GLN F 179 6.43 27.00 8.27
C GLN F 179 6.50 27.28 6.77
N THR F 180 7.70 27.24 6.19
CA THR F 180 7.83 27.50 4.75
C THR F 180 7.39 26.28 3.93
N ILE F 181 7.72 25.07 4.37
CA ILE F 181 7.31 23.89 3.63
C ILE F 181 5.80 23.65 3.76
N GLU F 182 5.19 24.02 4.89
CA GLU F 182 3.74 23.95 4.97
C GLU F 182 3.08 25.00 4.08
N LYS F 183 3.77 26.11 3.84
CA LYS F 183 3.28 27.11 2.90
C LYS F 183 3.21 26.54 1.47
N VAL F 184 4.21 25.77 1.08
CA VAL F 184 4.25 25.20 -0.27
C VAL F 184 3.41 23.95 -0.44
N LEU F 185 2.88 23.38 0.65
CA LEU F 185 1.98 22.23 0.50
C LEU F 185 0.68 22.62 -0.18
N LYS F 186 0.24 23.86 -0.02
CA LYS F 186 -0.93 24.39 -0.69
C LYS F 186 -0.52 25.20 -1.91
N ARG F 187 -1.52 25.62 -2.68
CA ARG F 187 -1.27 26.33 -3.93
C ARG F 187 -0.57 27.67 -3.70
N SER G 3 -13.28 -32.03 -45.41
CA SER G 3 -14.60 -31.89 -44.79
C SER G 3 -15.30 -30.63 -45.29
N GLY G 4 -15.90 -29.88 -44.36
CA GLY G 4 -16.60 -28.67 -44.70
C GLY G 4 -17.93 -28.55 -43.98
N MSE G 5 -18.73 -29.60 -44.04
CA MSE G 5 -20.03 -29.61 -43.38
C MSE G 5 -19.86 -29.71 -41.88
O MSE G 5 -20.59 -29.08 -41.11
CB MSE G 5 -20.89 -30.78 -43.90
CG MSE G 5 -20.82 -30.96 -45.41
SE MSE G 5 -21.20 -29.32 -46.39
CE MSE G 5 -23.16 -29.38 -46.30
N TYR G 6 -18.89 -30.53 -41.46
CA TYR G 6 -18.53 -30.59 -40.04
C TYR G 6 -18.02 -29.26 -39.52
N ARG G 7 -17.32 -28.50 -40.37
CA ARG G 7 -16.70 -27.26 -39.92
C ARG G 7 -17.74 -26.17 -39.63
N ASN G 8 -18.78 -26.08 -40.45
CA ASN G 8 -19.71 -24.97 -40.38
C ASN G 8 -20.95 -25.28 -39.55
N PHE G 9 -21.05 -26.49 -38.99
CA PHE G 9 -22.26 -26.87 -38.27
C PHE G 9 -21.96 -27.90 -37.19
N LEU G 10 -21.50 -29.08 -37.59
CA LEU G 10 -21.43 -30.20 -36.65
C LEU G 10 -20.40 -29.96 -35.56
N LYS G 11 -19.28 -29.29 -35.88
CA LYS G 11 -18.30 -29.00 -34.84
C LYS G 11 -18.88 -28.06 -33.78
N ARG G 12 -19.68 -27.08 -34.21
CA ARG G 12 -20.31 -26.18 -33.26
C ARG G 12 -21.41 -26.87 -32.46
N VAL G 13 -22.14 -27.80 -33.09
CA VAL G 13 -23.20 -28.52 -32.37
C VAL G 13 -22.61 -29.36 -31.24
N ILE G 14 -21.52 -30.07 -31.53
CA ILE G 14 -20.84 -30.82 -30.48
C ILE G 14 -20.33 -29.88 -29.40
N ASP G 15 -19.93 -28.67 -29.78
CA ASP G 15 -19.51 -27.68 -28.80
C ASP G 15 -20.69 -27.23 -27.93
N ILE G 16 -21.83 -26.95 -28.56
CA ILE G 16 -22.99 -26.46 -27.82
C ILE G 16 -23.54 -27.55 -26.91
N LEU G 17 -23.84 -28.72 -27.47
CA LEU G 17 -24.40 -29.81 -26.68
C LEU G 17 -23.42 -30.31 -25.63
N GLY G 18 -22.16 -30.52 -26.04
CA GLY G 18 -21.17 -31.05 -25.10
C GLY G 18 -20.90 -30.11 -23.94
N ALA G 19 -20.69 -28.82 -24.23
CA ALA G 19 -20.46 -27.86 -23.16
C ALA G 19 -21.68 -27.71 -22.27
N LEU G 20 -22.88 -27.71 -22.86
CA LEU G 20 -24.09 -27.57 -22.07
C LEU G 20 -24.26 -28.73 -21.10
N PHE G 21 -24.02 -29.95 -21.56
CA PHE G 21 -24.16 -31.12 -20.71
C PHE G 21 -23.16 -31.09 -19.54
N LEU G 22 -21.89 -30.80 -19.84
CA LEU G 22 -20.87 -30.80 -18.79
C LEU G 22 -21.10 -29.70 -17.77
N LEU G 23 -21.69 -28.57 -18.19
CA LEU G 23 -22.02 -27.53 -17.23
C LEU G 23 -23.09 -28.02 -16.26
N ILE G 24 -24.12 -28.69 -16.77
CA ILE G 24 -25.14 -29.28 -15.90
C ILE G 24 -24.56 -30.42 -15.09
N LEU G 25 -23.58 -31.13 -15.64
CA LEU G 25 -23.03 -32.31 -14.96
C LEU G 25 -22.19 -31.91 -13.76
N THR G 26 -21.40 -30.85 -13.89
CA THR G 26 -20.50 -30.40 -12.83
C THR G 26 -21.01 -29.16 -12.11
N SER G 27 -22.31 -28.84 -12.23
CA SER G 27 -22.85 -27.61 -11.68
C SER G 27 -22.82 -27.51 -10.15
N PRO G 28 -23.03 -28.59 -9.38
CA PRO G 28 -22.87 -28.45 -7.92
C PRO G 28 -21.45 -28.07 -7.50
N ILE G 29 -20.43 -28.64 -8.14
CA ILE G 29 -19.06 -28.27 -7.84
C ILE G 29 -18.81 -26.82 -8.24
N ILE G 30 -19.42 -26.36 -9.34
CA ILE G 30 -19.27 -24.98 -9.77
C ILE G 30 -19.85 -24.03 -8.72
N ILE G 31 -21.07 -24.32 -8.25
CA ILE G 31 -21.70 -23.47 -7.26
C ILE G 31 -20.99 -23.57 -5.92
N ALA G 32 -20.52 -24.77 -5.56
CA ALA G 32 -19.77 -24.93 -4.32
C ALA G 32 -18.47 -24.15 -4.36
N THR G 33 -17.73 -24.25 -5.47
CA THR G 33 -16.49 -23.50 -5.62
C THR G 33 -16.76 -22.00 -5.53
N ALA G 34 -17.75 -21.50 -6.28
CA ALA G 34 -18.07 -20.08 -6.26
C ALA G 34 -18.46 -19.61 -4.86
N ILE G 35 -19.20 -20.44 -4.12
CA ILE G 35 -19.57 -20.11 -2.75
C ILE G 35 -18.32 -20.05 -1.87
N PHE G 36 -17.45 -21.06 -1.98
CA PHE G 36 -16.22 -21.08 -1.21
C PHE G 36 -15.34 -19.88 -1.53
N ILE G 37 -15.16 -19.59 -2.82
CA ILE G 37 -14.34 -18.46 -3.22
C ILE G 37 -14.93 -17.15 -2.72
N TYR G 38 -16.26 -17.03 -2.76
CA TYR G 38 -16.90 -15.80 -2.32
C TYR G 38 -16.61 -15.49 -0.86
N PHE G 39 -16.64 -16.51 0.00
CA PHE G 39 -16.53 -16.29 1.44
C PHE G 39 -15.11 -16.40 1.97
N LYS G 40 -14.20 -17.05 1.24
CA LYS G 40 -12.86 -17.31 1.74
C LYS G 40 -11.74 -16.79 0.86
N VAL G 41 -12.03 -16.38 -0.38
CA VAL G 41 -11.00 -15.87 -1.28
C VAL G 41 -11.35 -14.45 -1.68
N SER G 42 -12.38 -14.29 -2.51
CA SER G 42 -12.74 -12.98 -3.03
C SER G 42 -14.23 -12.98 -3.34
N ARG G 43 -14.89 -11.87 -3.00
CA ARG G 43 -16.32 -11.73 -3.26
C ARG G 43 -16.63 -11.36 -4.71
N ASP G 44 -15.60 -11.25 -5.56
CA ASP G 44 -15.79 -11.10 -6.99
C ASP G 44 -15.84 -12.44 -7.71
N VAL G 45 -15.26 -13.49 -7.11
CA VAL G 45 -15.43 -14.87 -7.51
C VAL G 45 -14.78 -15.17 -8.86
N ILE G 46 -15.12 -14.39 -9.88
CA ILE G 46 -14.67 -14.62 -11.24
C ILE G 46 -13.75 -13.49 -11.66
N PHE G 47 -12.65 -13.84 -12.33
CA PHE G 47 -11.79 -12.86 -12.99
C PHE G 47 -11.61 -13.27 -14.44
N THR G 48 -11.49 -12.26 -15.31
CA THR G 48 -11.43 -12.47 -16.75
C THR G 48 -10.07 -12.09 -17.31
N GLN G 49 -9.74 -12.65 -18.47
CA GLN G 49 -8.52 -12.35 -19.19
C GLN G 49 -8.87 -12.13 -20.66
N ALA G 50 -8.53 -10.96 -21.19
CA ALA G 50 -8.83 -10.63 -22.58
C ALA G 50 -7.81 -11.30 -23.48
N ARG G 51 -8.30 -12.09 -24.43
CA ARG G 51 -7.46 -12.87 -25.34
C ARG G 51 -8.06 -12.82 -26.73
N PRO G 52 -7.22 -12.88 -27.77
CA PRO G 52 -7.74 -12.90 -29.14
C PRO G 52 -8.28 -14.27 -29.51
N GLY G 53 -9.39 -14.27 -30.25
CA GLY G 53 -10.05 -15.51 -30.63
C GLY G 53 -10.22 -15.65 -32.13
N LEU G 54 -11.40 -16.07 -32.57
CA LEU G 54 -11.65 -16.27 -33.99
C LEU G 54 -11.54 -14.95 -34.73
N ASN G 55 -10.76 -14.94 -35.81
CA ASN G 55 -10.46 -13.74 -36.58
C ASN G 55 -9.84 -12.66 -35.72
N GLU G 56 -9.07 -13.07 -34.71
CA GLU G 56 -8.33 -12.20 -33.78
C GLU G 56 -9.23 -11.31 -32.94
N LYS G 57 -10.54 -11.55 -32.94
CA LYS G 57 -11.44 -10.71 -32.16
C LYS G 57 -11.27 -11.01 -30.69
N ILE G 58 -11.18 -9.96 -29.87
CA ILE G 58 -10.88 -10.12 -28.45
C ILE G 58 -12.13 -10.59 -27.72
N PHE G 59 -11.94 -11.51 -26.78
CA PHE G 59 -13.01 -12.03 -25.93
C PHE G 59 -12.49 -12.24 -24.52
N LYS G 60 -13.42 -12.38 -23.58
CA LYS G 60 -13.10 -12.58 -22.17
C LYS G 60 -13.01 -14.06 -21.85
N ILE G 61 -11.88 -14.50 -21.30
CA ILE G 61 -11.75 -15.86 -20.79
C ILE G 61 -12.15 -15.88 -19.32
N TYR G 62 -13.10 -16.73 -18.98
CA TYR G 62 -13.61 -16.83 -17.62
C TYR G 62 -12.87 -17.89 -16.82
N LYS G 63 -12.60 -17.57 -15.57
CA LYS G 63 -11.85 -18.44 -14.66
C LYS G 63 -12.23 -18.03 -13.24
N PHE G 64 -12.22 -19.01 -12.34
CA PHE G 64 -12.50 -18.71 -10.94
C PHE G 64 -11.30 -18.00 -10.33
N LYS G 65 -11.58 -17.03 -9.47
CA LYS G 65 -10.52 -16.28 -8.83
C LYS G 65 -9.87 -17.09 -7.72
N THR G 66 -8.56 -17.24 -7.78
CA THR G 66 -7.79 -17.98 -6.81
C THR G 66 -6.86 -17.11 -5.97
N MSE G 67 -6.66 -15.86 -6.36
CA MSE G 67 -5.75 -14.98 -5.66
C MSE G 67 -6.49 -13.88 -4.89
O MSE G 67 -7.48 -13.34 -5.38
CB MSE G 67 -4.75 -14.35 -6.63
CG MSE G 67 -3.88 -15.35 -7.36
SE MSE G 67 -2.40 -14.50 -8.29
CE MSE G 67 -3.42 -13.38 -9.53
N SER G 68 -6.00 -13.57 -3.70
CA SER G 68 -6.54 -12.49 -2.91
C SER G 68 -6.19 -11.14 -3.56
N ASP G 69 -6.77 -10.08 -3.00
CA ASP G 69 -6.48 -8.72 -3.46
C ASP G 69 -5.59 -8.00 -2.45
N GLU G 70 -4.71 -8.75 -1.79
CA GLU G 70 -3.85 -8.16 -0.77
C GLU G 70 -2.82 -7.24 -1.43
N ARG G 71 -2.56 -6.11 -0.80
CA ARG G 71 -1.67 -5.11 -1.37
C ARG G 71 -0.50 -4.84 -0.43
N ASP G 72 0.40 -3.96 -0.86
CA ASP G 72 1.63 -3.68 -0.15
C ASP G 72 1.73 -2.22 0.27
N ALA G 73 2.81 -1.93 1.02
CA ALA G 73 3.05 -0.60 1.57
C ALA G 73 3.00 0.51 0.52
N ASN G 74 3.29 0.19 -0.73
CA ASN G 74 3.30 1.19 -1.80
C ASN G 74 1.94 1.39 -2.45
N GLY G 75 0.95 0.55 -2.14
CA GLY G 75 -0.34 0.64 -2.79
C GLY G 75 -0.60 -0.45 -3.80
N GLU G 76 0.47 -1.01 -4.37
CA GLU G 76 0.37 -1.90 -5.51
C GLU G 76 0.02 -3.31 -5.07
N LEU G 77 -0.06 -4.22 -6.05
CA LEU G 77 -0.49 -5.58 -5.80
C LEU G 77 0.74 -6.45 -5.49
N LEU G 78 0.52 -7.45 -4.65
CA LEU G 78 1.59 -8.35 -4.28
C LEU G 78 1.91 -9.32 -5.40
N PRO G 79 3.12 -9.88 -5.42
CA PRO G 79 3.43 -10.94 -6.37
C PRO G 79 2.53 -12.15 -6.13
N ASP G 80 2.42 -12.99 -7.16
CA ASP G 80 1.52 -14.14 -7.11
C ASP G 80 1.86 -15.08 -5.95
N ASP G 81 3.04 -14.94 -5.35
CA ASP G 81 3.43 -15.83 -4.26
C ASP G 81 2.55 -15.62 -3.02
N GLN G 82 2.30 -14.36 -2.64
CA GLN G 82 1.63 -14.06 -1.38
C GLN G 82 0.13 -13.84 -1.51
N ARG G 83 -0.38 -13.68 -2.73
CA ARG G 83 -1.81 -13.49 -2.93
C ARG G 83 -2.53 -14.81 -3.11
N LEU G 84 -1.80 -15.91 -3.11
CA LEU G 84 -2.35 -17.24 -3.32
C LEU G 84 -2.21 -17.99 -2.00
N GLY G 85 -3.30 -18.02 -1.23
CA GLY G 85 -3.29 -18.67 0.06
C GLY G 85 -3.21 -20.17 -0.08
N LYS G 86 -3.32 -20.85 1.06
CA LYS G 86 -3.28 -22.32 1.05
C LYS G 86 -4.42 -22.88 0.22
N PHE G 87 -5.63 -22.34 0.40
CA PHE G 87 -6.79 -22.82 -0.34
C PHE G 87 -6.72 -22.43 -1.81
N GLY G 88 -6.06 -21.32 -2.13
CA GLY G 88 -5.89 -20.94 -3.52
C GLY G 88 -5.01 -21.91 -4.29
N LYS G 89 -3.93 -22.38 -3.65
CA LYS G 89 -3.07 -23.36 -4.30
C LYS G 89 -3.81 -24.68 -4.55
N LEU G 90 -4.65 -25.09 -3.60
CA LEU G 90 -5.40 -26.34 -3.76
C LEU G 90 -6.41 -26.25 -4.91
N ILE G 91 -7.11 -25.11 -5.03
CA ILE G 91 -8.10 -24.96 -6.09
C ILE G 91 -7.44 -25.02 -7.46
N ARG G 92 -6.28 -24.39 -7.61
CA ARG G 92 -5.57 -24.46 -8.89
C ARG G 92 -5.11 -25.87 -9.20
N SER G 93 -4.67 -26.62 -8.19
CA SER G 93 -4.16 -27.97 -8.42
C SER G 93 -5.24 -28.90 -8.93
N LEU G 94 -6.44 -28.82 -8.37
CA LEU G 94 -7.55 -29.65 -8.82
C LEU G 94 -8.22 -29.11 -10.08
N SER G 95 -7.70 -28.02 -10.65
CA SER G 95 -8.21 -27.42 -11.88
C SER G 95 -9.67 -27.00 -11.76
N LEU G 96 -10.14 -26.76 -10.54
CA LEU G 96 -11.52 -26.32 -10.36
C LEU G 96 -11.74 -24.92 -10.91
N ASP G 97 -10.73 -24.05 -10.80
CA ASP G 97 -10.84 -22.70 -11.32
C ASP G 97 -11.02 -22.66 -12.83
N GLU G 98 -10.67 -23.74 -13.53
CA GLU G 98 -10.76 -23.78 -14.99
C GLU G 98 -12.18 -24.01 -15.50
N LEU G 99 -13.10 -24.41 -14.63
CA LEU G 99 -14.44 -24.78 -15.07
C LEU G 99 -15.20 -23.68 -15.81
N PRO G 100 -15.16 -22.40 -15.40
CA PRO G 100 -15.94 -21.38 -16.12
C PRO G 100 -15.64 -21.27 -17.60
N GLN G 101 -14.52 -21.82 -18.07
CA GLN G 101 -14.22 -21.77 -19.50
C GLN G 101 -15.20 -22.58 -20.33
N LEU G 102 -15.96 -23.48 -19.70
CA LEU G 102 -17.03 -24.19 -20.42
C LEU G 102 -18.06 -23.21 -20.97
N PHE G 103 -18.33 -22.11 -20.25
CA PHE G 103 -19.24 -21.10 -20.75
C PHE G 103 -18.68 -20.42 -22.00
N ASN G 104 -17.36 -20.22 -22.04
CA ASN G 104 -16.72 -19.72 -23.26
C ASN G 104 -17.00 -20.62 -24.44
N VAL G 105 -16.92 -21.94 -24.24
CA VAL G 105 -17.22 -22.88 -25.32
C VAL G 105 -18.69 -22.80 -25.71
N LEU G 106 -19.57 -22.63 -24.72
CA LEU G 106 -21.01 -22.65 -25.00
C LEU G 106 -21.44 -21.45 -25.83
N LYS G 107 -20.91 -20.27 -25.53
CA LYS G 107 -21.36 -19.05 -26.21
C LYS G 107 -20.62 -18.79 -27.51
N GLY G 108 -19.67 -19.64 -27.90
CA GLY G 108 -18.98 -19.52 -29.15
C GLY G 108 -17.59 -18.90 -29.08
N ASP G 109 -17.20 -18.37 -27.91
CA ASP G 109 -15.88 -17.78 -27.78
C ASP G 109 -14.78 -18.79 -28.12
N MSE G 110 -14.97 -20.04 -27.72
CA MSE G 110 -14.02 -21.09 -28.04
C MSE G 110 -14.75 -22.31 -28.59
O MSE G 110 -15.98 -22.40 -28.54
CB MSE G 110 -13.22 -21.53 -26.81
CG MSE G 110 -12.87 -20.41 -25.86
SE MSE G 110 -11.65 -21.07 -24.48
CE MSE G 110 -11.48 -19.44 -23.43
N SER G 111 -13.97 -23.23 -29.14
CA SER G 111 -14.43 -24.59 -29.42
C SER G 111 -13.79 -25.53 -28.41
N PHE G 112 -14.27 -26.77 -28.41
CA PHE G 112 -13.63 -27.78 -27.56
C PHE G 112 -12.22 -28.09 -28.06
N ILE G 113 -12.01 -28.04 -29.37
CA ILE G 113 -10.71 -28.31 -29.99
C ILE G 113 -10.31 -27.11 -30.83
N GLY G 114 -9.15 -26.54 -30.53
CA GLY G 114 -8.64 -25.39 -31.25
C GLY G 114 -7.34 -24.91 -30.64
N PRO G 115 -6.72 -23.90 -31.27
CA PRO G 115 -5.45 -23.38 -30.75
C PRO G 115 -5.63 -22.74 -29.38
N ARG G 116 -4.51 -22.67 -28.64
CA ARG G 116 -4.55 -22.15 -27.28
C ARG G 116 -4.60 -20.63 -27.31
N PRO G 117 -5.49 -20.00 -26.53
CA PRO G 117 -5.54 -18.54 -26.48
C PRO G 117 -4.30 -17.97 -25.81
N LEU G 118 -3.55 -17.17 -26.56
CA LEU G 118 -2.30 -16.59 -26.09
C LEU G 118 -2.47 -15.08 -25.89
N LEU G 119 -1.43 -14.45 -25.35
CA LEU G 119 -1.50 -13.04 -24.99
C LEU G 119 -1.81 -12.18 -26.21
N VAL G 120 -2.34 -10.98 -25.94
CA VAL G 120 -2.63 -10.01 -26.99
C VAL G 120 -1.36 -9.34 -27.51
N GLU G 121 -0.26 -9.40 -26.75
CA GLU G 121 1.00 -8.82 -27.22
C GLU G 121 1.46 -9.45 -28.52
N TYR G 122 1.12 -10.72 -28.75
CA TYR G 122 1.66 -11.49 -29.86
C TYR G 122 1.02 -11.14 -31.20
N LEU G 123 0.00 -10.28 -31.22
CA LEU G 123 -0.70 -9.98 -32.47
C LEU G 123 0.23 -9.37 -33.54
N PRO G 124 1.04 -8.35 -33.24
CA PRO G 124 1.95 -7.84 -34.29
C PRO G 124 3.14 -8.75 -34.56
N ILE G 125 3.40 -9.75 -33.72
CA ILE G 125 4.56 -10.59 -33.94
C ILE G 125 4.26 -11.66 -34.98
N TYR G 126 3.01 -12.10 -35.08
CA TYR G 126 2.66 -13.10 -36.08
C TYR G 126 2.85 -12.51 -37.49
N ASN G 127 3.43 -13.31 -38.38
CA ASN G 127 3.56 -12.90 -39.77
C ASN G 127 2.29 -13.27 -40.53
N GLU G 128 2.29 -13.05 -41.85
CA GLU G 128 1.12 -13.34 -42.64
C GLU G 128 0.73 -14.82 -42.62
N THR G 129 1.69 -15.70 -42.33
CA THR G 129 1.41 -17.14 -42.24
C THR G 129 0.93 -17.54 -40.86
N GLN G 130 1.50 -16.97 -39.81
CA GLN G 130 1.15 -17.33 -38.44
C GLN G 130 -0.25 -16.82 -38.07
N LYS G 131 -0.77 -15.84 -38.80
CA LYS G 131 -2.11 -15.32 -38.54
C LYS G 131 -3.19 -16.37 -38.75
N HIS G 132 -2.92 -17.40 -39.57
CA HIS G 132 -3.92 -18.40 -39.88
C HIS G 132 -4.32 -19.25 -38.68
N ARG G 133 -3.58 -19.20 -37.57
CA ARG G 133 -3.99 -19.96 -36.39
C ARG G 133 -5.31 -19.47 -35.83
N HIS G 134 -5.69 -18.22 -36.12
CA HIS G 134 -6.96 -17.65 -35.66
C HIS G 134 -8.07 -17.77 -36.70
N ASP G 135 -7.89 -18.62 -37.71
CA ASP G 135 -8.96 -18.88 -38.67
C ASP G 135 -10.03 -19.81 -38.11
N VAL G 136 -9.82 -20.37 -36.91
CA VAL G 136 -10.78 -21.23 -36.25
C VAL G 136 -10.91 -20.77 -34.81
N ARG G 137 -11.97 -21.24 -34.15
CA ARG G 137 -12.19 -20.89 -32.75
C ARG G 137 -11.09 -21.51 -31.89
N PRO G 138 -10.67 -20.82 -30.83
CA PRO G 138 -9.68 -21.41 -29.91
C PRO G 138 -10.29 -22.60 -29.17
N GLY G 139 -9.42 -23.35 -28.49
CA GLY G 139 -9.83 -24.59 -27.87
C GLY G 139 -9.26 -24.75 -26.48
N ILE G 140 -9.97 -25.55 -25.68
CA ILE G 140 -9.44 -25.94 -24.38
C ILE G 140 -8.22 -26.85 -24.55
N THR G 141 -8.29 -27.77 -25.50
CA THR G 141 -7.16 -28.56 -25.93
C THR G 141 -7.08 -28.51 -27.45
N GLY G 142 -5.99 -29.00 -28.00
CA GLY G 142 -5.83 -28.92 -29.44
C GLY G 142 -4.65 -29.75 -29.91
N LEU G 143 -4.31 -29.56 -31.19
CA LEU G 143 -3.24 -30.32 -31.81
C LEU G 143 -1.89 -30.01 -31.19
N ALA G 144 -1.73 -28.80 -30.66
CA ALA G 144 -0.46 -28.42 -30.03
C ALA G 144 -0.36 -28.89 -28.58
N GLN G 145 -1.48 -28.94 -27.86
CA GLN G 145 -1.44 -29.24 -26.44
C GLN G 145 -1.03 -30.69 -26.17
N VAL G 146 -1.47 -31.61 -27.02
CA VAL G 146 -1.19 -33.03 -26.78
C VAL G 146 0.20 -33.46 -27.23
N ASN G 147 0.87 -32.69 -28.09
CA ASN G 147 2.19 -33.05 -28.62
C ASN G 147 3.33 -32.38 -27.87
N GLY G 148 3.29 -32.36 -26.53
CA GLY G 148 4.38 -31.78 -25.76
C GLY G 148 5.57 -32.73 -25.67
N ARG G 149 6.76 -32.22 -25.99
CA ARG G 149 7.98 -33.02 -26.04
C ARG G 149 9.10 -32.40 -25.20
N ASN G 150 8.74 -31.68 -24.14
CA ASN G 150 9.71 -31.01 -23.26
C ASN G 150 10.65 -30.09 -24.03
N ALA G 151 10.05 -29.28 -24.91
CA ALA G 151 10.81 -28.33 -25.72
C ALA G 151 9.91 -27.15 -26.06
N ILE G 152 10.47 -25.94 -25.93
CA ILE G 152 9.73 -24.70 -26.17
C ILE G 152 9.95 -24.22 -27.60
N SER G 153 9.35 -24.91 -28.56
CA SER G 153 9.43 -24.51 -29.97
C SER G 153 8.13 -23.81 -30.34
N TRP G 154 8.09 -22.48 -30.14
CA TRP G 154 6.88 -21.72 -30.46
C TRP G 154 6.51 -21.84 -31.93
N GLU G 155 7.51 -21.83 -32.82
CA GLU G 155 7.23 -21.88 -34.25
C GLU G 155 6.61 -23.21 -34.68
N LYS G 156 6.97 -24.30 -34.02
CA LYS G 156 6.36 -25.58 -34.34
C LYS G 156 4.94 -25.68 -33.77
N LYS G 157 4.69 -25.08 -32.61
CA LYS G 157 3.32 -24.98 -32.11
C LYS G 157 2.42 -24.27 -33.10
N PHE G 158 2.92 -23.20 -33.72
CA PHE G 158 2.12 -22.48 -34.70
C PHE G 158 1.93 -23.29 -35.97
N GLU G 159 2.88 -24.18 -36.28
CA GLU G 159 2.72 -25.09 -37.41
C GLU G 159 1.55 -26.02 -37.19
N TYR G 160 1.41 -26.56 -35.97
CA TYR G 160 0.27 -27.42 -35.65
C TYR G 160 -1.04 -26.64 -35.75
N ASP G 161 -1.02 -25.37 -35.31
CA ASP G 161 -2.22 -24.56 -35.36
C ASP G 161 -2.68 -24.32 -36.79
N VAL G 162 -1.76 -23.96 -37.69
CA VAL G 162 -2.14 -23.66 -39.05
C VAL G 162 -2.54 -24.92 -39.80
N TYR G 163 -1.82 -26.03 -39.57
CA TYR G 163 -2.21 -27.29 -40.19
C TYR G 163 -3.60 -27.71 -39.73
N TYR G 164 -3.93 -27.45 -38.46
CA TYR G 164 -5.27 -27.75 -37.99
C TYR G 164 -6.30 -26.84 -38.66
N ALA G 165 -6.00 -25.54 -38.74
CA ALA G 165 -6.92 -24.62 -39.40
C ALA G 165 -7.02 -24.90 -40.89
N LYS G 166 -5.94 -25.38 -41.51
CA LYS G 166 -5.97 -25.68 -42.94
C LYS G 166 -6.59 -27.04 -43.21
N ASN G 167 -6.25 -28.04 -42.39
CA ASN G 167 -6.73 -29.40 -42.61
C ASN G 167 -7.55 -29.88 -41.42
N LEU G 168 -8.56 -29.09 -41.04
CA LEU G 168 -9.47 -29.45 -39.96
C LEU G 168 -10.34 -30.64 -40.35
N SER G 169 -10.31 -31.69 -39.53
CA SER G 169 -11.10 -32.88 -39.79
C SER G 169 -11.76 -33.35 -38.51
N PHE G 170 -12.85 -34.10 -38.66
CA PHE G 170 -13.52 -34.70 -37.51
C PHE G 170 -12.65 -35.76 -36.85
N MSE G 171 -12.06 -36.65 -37.65
CA MSE G 171 -11.21 -37.70 -37.12
C MSE G 171 -9.94 -37.09 -36.53
O MSE G 171 -9.36 -37.64 -35.59
CB MSE G 171 -10.88 -38.73 -38.20
CG MSE G 171 -11.95 -39.78 -38.38
SE MSE G 171 -11.45 -41.52 -37.65
CE MSE G 171 -10.19 -42.08 -39.03
N LEU G 172 -9.50 -35.97 -37.11
CA LEU G 172 -8.44 -35.20 -36.48
C LEU G 172 -8.89 -34.69 -35.11
N ASP G 173 -10.15 -34.27 -35.00
CA ASP G 173 -10.69 -33.84 -33.72
C ASP G 173 -10.78 -35.02 -32.76
N VAL G 174 -11.25 -36.17 -33.24
CA VAL G 174 -11.30 -37.37 -32.42
C VAL G 174 -9.90 -37.76 -31.94
N LYS G 175 -8.92 -37.68 -32.82
CA LYS G 175 -7.54 -37.98 -32.43
C LYS G 175 -7.06 -37.07 -31.31
N ILE G 176 -7.40 -35.78 -31.39
CA ILE G 176 -6.99 -34.84 -30.34
C ILE G 176 -7.69 -35.16 -29.01
N ALA G 177 -8.98 -35.48 -29.07
CA ALA G 177 -9.72 -35.76 -27.85
C ALA G 177 -9.20 -37.01 -27.15
N LEU G 178 -8.90 -38.07 -27.91
CA LEU G 178 -8.37 -39.29 -27.30
C LEU G 178 -6.99 -39.04 -26.68
N GLN G 179 -6.14 -38.29 -27.37
CA GLN G 179 -4.82 -37.99 -26.81
C GLN G 179 -4.91 -37.13 -25.56
N THR G 180 -5.99 -36.35 -25.41
CA THR G 180 -6.12 -35.53 -24.21
C THR G 180 -6.56 -36.36 -23.01
N ILE G 181 -7.47 -37.31 -23.21
CA ILE G 181 -7.87 -38.19 -22.12
C ILE G 181 -6.76 -39.19 -21.82
N GLU G 182 -5.94 -39.52 -22.81
CA GLU G 182 -4.75 -40.35 -22.57
C GLU G 182 -3.72 -39.64 -21.71
N LYS G 183 -3.73 -38.30 -21.71
CA LYS G 183 -2.84 -37.54 -20.85
C LYS G 183 -3.10 -37.80 -19.37
N VAL G 184 -4.36 -37.99 -18.97
CA VAL G 184 -4.66 -38.05 -17.54
C VAL G 184 -4.28 -39.36 -16.88
N LEU G 185 -3.96 -40.41 -17.64
CA LEU G 185 -3.38 -41.59 -17.01
C LEU G 185 -1.94 -41.33 -16.57
N LYS G 186 -1.24 -40.46 -17.29
CA LYS G 186 0.11 -40.04 -16.94
C LYS G 186 0.10 -38.67 -16.26
N ARG G 187 1.27 -38.24 -15.82
CA ARG G 187 1.45 -36.99 -15.09
C ARG G 187 1.10 -35.78 -15.94
N SER H 3 44.07 13.44 21.50
CA SER H 3 42.81 14.03 21.05
C SER H 3 41.62 13.17 21.45
N GLY H 4 40.69 12.98 20.52
CA GLY H 4 39.52 12.17 20.78
C GLY H 4 38.24 12.79 20.24
N MSE H 5 38.24 14.11 20.10
CA MSE H 5 37.08 14.82 19.58
C MSE H 5 36.89 14.54 18.09
O MSE H 5 35.85 14.05 17.67
CB MSE H 5 37.20 16.33 19.82
CG MSE H 5 36.25 16.87 20.87
SE MSE H 5 34.38 16.61 20.39
CE MSE H 5 33.99 18.39 19.72
N TYR H 6 37.94 14.86 17.30
CA TYR H 6 37.95 14.47 15.90
C TYR H 6 37.77 12.97 15.74
N ARG H 7 38.25 12.19 16.71
CA ARG H 7 38.19 10.74 16.60
C ARG H 7 36.76 10.23 16.73
N ASN H 8 35.99 10.82 17.65
CA ASN H 8 34.64 10.36 17.96
C ASN H 8 33.55 11.20 17.30
N PHE H 9 33.90 12.22 16.51
CA PHE H 9 32.89 13.15 16.02
C PHE H 9 33.22 13.76 14.67
N LEU H 10 34.30 14.55 14.60
CA LEU H 10 34.53 15.39 13.43
C LEU H 10 34.85 14.57 12.17
N LYS H 11 35.59 13.46 12.33
CA LYS H 11 35.97 12.68 11.15
C LYS H 11 34.78 12.07 10.43
N ARG H 12 33.78 11.59 11.19
CA ARG H 12 32.59 11.04 10.55
C ARG H 12 31.76 12.14 9.90
N VAL H 13 31.73 13.33 10.50
CA VAL H 13 31.01 14.45 9.91
C VAL H 13 31.66 14.85 8.58
N ILE H 14 32.99 14.92 8.57
CA ILE H 14 33.70 15.20 7.32
C ILE H 14 33.42 14.11 6.29
N ASP H 15 33.23 12.87 6.74
CA ASP H 15 32.87 11.80 5.82
C ASP H 15 31.46 12.00 5.26
N ILE H 16 30.52 12.40 6.12
CA ILE H 16 29.13 12.54 5.68
C ILE H 16 29.00 13.72 4.71
N LEU H 17 29.46 14.90 5.11
CA LEU H 17 29.33 16.08 4.26
C LEU H 17 30.13 15.92 2.97
N GLY H 18 31.38 15.46 3.07
CA GLY H 18 32.21 15.34 1.89
C GLY H 18 31.65 14.38 0.87
N ALA H 19 31.20 13.20 1.32
CA ALA H 19 30.60 12.23 0.41
C ALA H 19 29.29 12.77 -0.16
N LEU H 20 28.50 13.45 0.66
CA LEU H 20 27.23 13.99 0.20
C LEU H 20 27.44 15.05 -0.88
N PHE H 21 28.41 15.94 -0.68
CA PHE H 21 28.68 16.97 -1.67
C PHE H 21 29.20 16.36 -2.98
N LEU H 22 30.15 15.42 -2.88
CA LEU H 22 30.73 14.82 -4.08
C LEU H 22 29.71 13.98 -4.82
N LEU H 23 28.74 13.39 -4.12
CA LEU H 23 27.68 12.65 -4.81
C LEU H 23 26.83 13.59 -5.66
N ILE H 24 26.49 14.76 -5.11
CA ILE H 24 25.78 15.76 -5.89
C ILE H 24 26.66 16.32 -7.00
N LEU H 25 27.98 16.36 -6.77
CA LEU H 25 28.87 16.97 -7.75
C LEU H 25 29.01 16.11 -9.01
N THR H 26 29.08 14.78 -8.83
CA THR H 26 29.27 13.87 -9.95
C THR H 26 27.99 13.13 -10.32
N SER H 27 26.83 13.63 -9.91
CA SER H 27 25.58 12.93 -10.15
C SER H 27 25.22 12.81 -11.63
N PRO H 28 25.47 13.82 -12.48
CA PRO H 28 25.23 13.58 -13.93
C PRO H 28 26.12 12.50 -14.51
N ILE H 29 27.39 12.45 -14.10
CA ILE H 29 28.28 11.39 -14.57
C ILE H 29 27.82 10.03 -14.06
N ILE H 30 27.32 9.99 -12.82
CA ILE H 30 26.82 8.73 -12.26
C ILE H 30 25.62 8.24 -13.05
N ILE H 31 24.65 9.13 -13.30
CA ILE H 31 23.46 8.74 -14.04
C ILE H 31 23.81 8.44 -15.49
N ALA H 32 24.73 9.20 -16.08
CA ALA H 32 25.17 8.90 -17.44
C ALA H 32 25.86 7.54 -17.50
N THR H 33 26.75 7.27 -16.56
CA THR H 33 27.41 5.97 -16.51
C THR H 33 26.39 4.85 -16.32
N ALA H 34 25.50 4.99 -15.35
CA ALA H 34 24.49 3.96 -15.08
C ALA H 34 23.60 3.71 -16.30
N ILE H 35 23.23 4.77 -17.02
CA ILE H 35 22.43 4.62 -18.22
C ILE H 35 23.22 3.89 -19.30
N PHE H 36 24.47 4.31 -19.52
CA PHE H 36 25.30 3.67 -20.53
C PHE H 36 25.54 2.20 -20.19
N ILE H 37 25.88 1.91 -18.93
CA ILE H 37 26.14 0.53 -18.53
C ILE H 37 24.89 -0.32 -18.73
N TYR H 38 23.71 0.25 -18.42
CA TYR H 38 22.46 -0.49 -18.56
C TYR H 38 22.22 -0.91 -20.00
N PHE H 39 22.50 -0.03 -20.96
CA PHE H 39 22.14 -0.29 -22.35
C PHE H 39 23.25 -0.92 -23.17
N LYS H 40 24.51 -0.82 -22.73
CA LYS H 40 25.62 -1.28 -23.54
C LYS H 40 26.49 -2.32 -22.85
N VAL H 41 26.35 -2.52 -21.55
CA VAL H 41 27.15 -3.51 -20.84
C VAL H 41 26.26 -4.54 -20.18
N SER H 42 25.57 -4.15 -19.11
CA SER H 42 24.77 -5.08 -18.33
C SER H 42 23.65 -4.31 -17.64
N ARG H 43 22.47 -4.92 -17.60
CA ARG H 43 21.32 -4.31 -16.94
C ARG H 43 21.36 -4.49 -15.42
N ASP H 44 22.44 -5.05 -14.86
CA ASP H 44 22.60 -5.11 -13.42
C ASP H 44 23.31 -3.88 -12.87
N VAL H 45 24.12 -3.20 -13.69
CA VAL H 45 24.67 -1.88 -13.41
C VAL H 45 25.63 -1.92 -12.23
N ILE H 46 25.18 -2.45 -11.10
CA ILE H 46 25.96 -2.47 -9.87
C ILE H 46 26.25 -3.92 -9.50
N PHE H 47 27.49 -4.20 -9.10
CA PHE H 47 27.82 -5.47 -8.46
C PHE H 47 28.56 -5.17 -7.17
N THR H 48 28.34 -6.02 -6.17
CA THR H 48 28.85 -5.81 -4.82
C THR H 48 29.89 -6.85 -4.43
N GLN H 49 30.71 -6.49 -3.44
CA GLN H 49 31.73 -7.38 -2.89
C GLN H 49 31.66 -7.31 -1.37
N ALA H 50 31.46 -8.47 -0.74
CA ALA H 50 31.39 -8.55 0.71
C ALA H 50 32.79 -8.51 1.28
N ARG H 51 33.06 -7.54 2.16
CA ARG H 51 34.38 -7.33 2.71
C ARG H 51 34.26 -6.97 4.18
N PRO H 52 35.25 -7.33 5.00
CA PRO H 52 35.20 -6.97 6.41
C PRO H 52 35.54 -5.51 6.63
N GLY H 53 34.79 -4.88 7.55
CA GLY H 53 34.95 -3.46 7.82
C GLY H 53 35.21 -3.18 9.28
N LEU H 54 34.52 -2.18 9.83
CA LEU H 54 34.71 -1.80 11.23
C LEU H 54 34.31 -2.95 12.13
N ASN H 55 35.20 -3.32 13.05
CA ASN H 55 35.01 -4.46 13.94
C ASN H 55 34.80 -5.76 13.16
N GLU H 56 35.44 -5.87 12.00
CA GLU H 56 35.43 -7.05 11.14
C GLU H 56 34.05 -7.36 10.57
N LYS H 57 33.09 -6.45 10.69
CA LYS H 57 31.75 -6.72 10.19
C LYS H 57 31.71 -6.66 8.66
N ILE H 58 31.03 -7.62 8.07
CA ILE H 58 30.99 -7.73 6.61
C ILE H 58 30.00 -6.69 6.07
N PHE H 59 30.39 -6.04 4.97
CA PHE H 59 29.52 -5.09 4.30
C PHE H 59 29.69 -5.21 2.79
N LYS H 60 28.74 -4.65 2.05
CA LYS H 60 28.75 -4.69 0.60
C LYS H 60 29.50 -3.47 0.08
N ILE H 61 30.52 -3.69 -0.74
CA ILE H 61 31.19 -2.60 -1.44
C ILE H 61 30.51 -2.40 -2.78
N TYR H 62 30.04 -1.18 -3.03
CA TYR H 62 29.33 -0.87 -4.25
C TYR H 62 30.28 -0.37 -5.34
N LYS H 63 30.03 -0.85 -6.56
CA LYS H 63 30.88 -0.55 -7.71
C LYS H 63 30.04 -0.76 -8.96
N PHE H 64 30.34 0.01 -9.99
CA PHE H 64 29.63 -0.14 -11.25
C PHE H 64 30.06 -1.41 -11.95
N LYS H 65 29.11 -2.08 -12.59
CA LYS H 65 29.41 -3.30 -13.32
C LYS H 65 30.06 -2.98 -14.65
N THR H 66 31.23 -3.56 -14.89
CA THR H 66 31.97 -3.35 -16.12
C THR H 66 32.06 -4.61 -16.97
N MSE H 67 31.70 -5.76 -16.41
CA MSE H 67 31.92 -7.03 -17.09
C MSE H 67 30.63 -7.59 -17.65
O MSE H 67 29.58 -7.54 -17.00
CB MSE H 67 32.54 -8.04 -16.12
CG MSE H 67 33.76 -7.52 -15.38
SE MSE H 67 35.07 -8.90 -15.02
CE MSE H 67 35.63 -9.19 -16.86
N SER H 68 30.70 -8.13 -18.87
CA SER H 68 29.54 -8.80 -19.43
C SER H 68 29.34 -10.13 -18.72
N ASP H 69 28.21 -10.77 -19.02
CA ASP H 69 27.91 -12.08 -18.47
C ASP H 69 28.09 -13.15 -19.55
N GLU H 70 29.11 -12.99 -20.38
CA GLU H 70 29.32 -13.94 -21.47
C GLU H 70 29.72 -15.29 -20.88
N ARG H 71 29.26 -16.35 -21.53
CA ARG H 71 29.41 -17.70 -20.98
C ARG H 71 30.37 -18.54 -21.82
N ASP H 72 30.53 -19.78 -21.39
CA ASP H 72 31.51 -20.70 -21.94
C ASP H 72 30.81 -21.91 -22.55
N ALA H 73 31.59 -22.68 -23.32
CA ALA H 73 31.09 -23.91 -23.91
C ALA H 73 30.55 -24.85 -22.85
N ASN H 74 31.11 -24.78 -21.64
CA ASN H 74 30.73 -25.62 -20.52
C ASN H 74 29.65 -25.01 -19.62
N GLY H 75 29.29 -23.74 -19.83
CA GLY H 75 28.32 -23.09 -18.97
C GLY H 75 28.90 -22.04 -18.04
N GLU H 76 30.19 -22.12 -17.72
CA GLU H 76 30.79 -21.31 -16.68
C GLU H 76 31.06 -19.89 -17.19
N LEU H 77 31.73 -19.10 -16.37
CA LEU H 77 32.01 -17.72 -16.72
C LEU H 77 33.35 -17.65 -17.43
N LEU H 78 33.45 -16.74 -18.38
CA LEU H 78 34.69 -16.59 -19.11
C LEU H 78 35.75 -15.88 -18.26
N PRO H 79 37.02 -16.04 -18.59
CA PRO H 79 38.06 -15.29 -17.89
C PRO H 79 37.85 -13.80 -18.08
N ASP H 80 38.42 -13.01 -17.17
CA ASP H 80 38.18 -11.57 -17.17
C ASP H 80 38.61 -10.90 -18.47
N ASP H 81 39.39 -11.57 -19.31
CA ASP H 81 39.80 -10.97 -20.57
C ASP H 81 38.63 -10.79 -21.53
N GLN H 82 37.76 -11.79 -21.63
CA GLN H 82 36.72 -11.82 -22.66
C GLN H 82 35.39 -11.25 -22.22
N ARG H 83 35.18 -11.04 -20.93
CA ARG H 83 33.95 -10.45 -20.42
C ARG H 83 34.05 -8.94 -20.31
N LEU H 84 35.20 -8.37 -20.65
CA LEU H 84 35.48 -6.94 -20.52
C LEU H 84 35.60 -6.38 -21.95
N GLY H 85 34.51 -5.81 -22.44
CA GLY H 85 34.46 -5.23 -23.77
C GLY H 85 35.29 -3.96 -23.86
N LYS H 86 35.20 -3.31 -25.02
CA LYS H 86 35.91 -2.05 -25.20
C LYS H 86 35.43 -1.01 -24.20
N PHE H 87 34.12 -0.93 -23.99
CA PHE H 87 33.56 0.05 -23.07
C PHE H 87 33.90 -0.29 -21.62
N GLY H 88 34.07 -1.58 -21.31
CA GLY H 88 34.46 -1.97 -19.96
C GLY H 88 35.85 -1.49 -19.59
N LYS H 89 36.80 -1.62 -20.51
CA LYS H 89 38.15 -1.12 -20.25
C LYS H 89 38.16 0.41 -20.13
N LEU H 90 37.39 1.09 -20.97
CA LEU H 90 37.33 2.55 -20.92
C LEU H 90 36.73 3.04 -19.61
N ILE H 91 35.64 2.41 -19.15
CA ILE H 91 35.01 2.82 -17.91
C ILE H 91 35.94 2.60 -16.73
N ARG H 92 36.64 1.46 -16.71
CA ARG H 92 37.61 1.21 -15.66
C ARG H 92 38.78 2.17 -15.74
N SER H 93 39.22 2.53 -16.95
CA SER H 93 40.38 3.39 -17.11
C SER H 93 40.12 4.78 -16.53
N LEU H 94 38.93 5.33 -16.77
CA LEU H 94 38.57 6.63 -16.23
C LEU H 94 38.14 6.57 -14.78
N SER H 95 38.23 5.40 -14.14
CA SER H 95 37.88 5.21 -12.73
C SER H 95 36.42 5.55 -12.43
N LEU H 96 35.56 5.51 -13.45
CA LEU H 96 34.15 5.82 -13.24
C LEU H 96 33.45 4.74 -12.43
N ASP H 97 33.82 3.48 -12.61
CA ASP H 97 33.17 2.39 -11.87
C ASP H 97 33.40 2.49 -10.37
N GLU H 98 34.42 3.23 -9.93
CA GLU H 98 34.72 3.33 -8.50
C GLU H 98 33.79 4.29 -7.77
N LEU H 99 33.04 5.11 -8.50
CA LEU H 99 32.24 6.17 -7.88
C LEU H 99 31.21 5.70 -6.86
N PRO H 100 30.46 4.61 -7.06
CA PRO H 100 29.45 4.22 -6.07
C PRO H 100 29.99 4.02 -4.66
N GLN H 101 31.31 3.88 -4.48
CA GLN H 101 31.86 3.73 -3.14
C GLN H 101 31.68 5.00 -2.31
N LEU H 102 31.38 6.14 -2.94
CA LEU H 102 31.04 7.34 -2.19
C LEU H 102 29.83 7.10 -1.30
N PHE H 103 28.87 6.29 -1.78
CA PHE H 103 27.71 5.95 -0.96
C PHE H 103 28.11 5.08 0.23
N ASN H 104 29.09 4.19 0.04
CA ASN H 104 29.63 3.43 1.16
C ASN H 104 30.17 4.34 2.24
N VAL H 105 30.88 5.40 1.84
CA VAL H 105 31.40 6.36 2.81
C VAL H 105 30.25 7.10 3.50
N LEU H 106 29.21 7.44 2.74
CA LEU H 106 28.13 8.24 3.29
C LEU H 106 27.33 7.49 4.36
N LYS H 107 27.06 6.21 4.13
CA LYS H 107 26.20 5.45 5.03
C LYS H 107 26.95 4.84 6.22
N GLY H 108 28.26 5.05 6.31
CA GLY H 108 29.04 4.58 7.42
C GLY H 108 29.84 3.31 7.15
N ASP H 109 29.61 2.65 6.02
CA ASP H 109 30.40 1.47 5.68
C ASP H 109 31.88 1.79 5.59
N MSE H 110 32.22 2.99 5.14
CA MSE H 110 33.61 3.38 4.91
C MSE H 110 33.90 4.77 5.43
O MSE H 110 32.99 5.56 5.69
CB MSE H 110 33.92 3.34 3.41
CG MSE H 110 33.97 1.96 2.81
SE MSE H 110 34.74 2.05 1.03
CE MSE H 110 34.82 0.14 0.68
N SER H 111 35.18 5.07 5.57
CA SER H 111 35.65 6.42 5.78
C SER H 111 36.41 6.88 4.54
N PHE H 112 36.71 8.17 4.48
CA PHE H 112 37.52 8.67 3.38
C PHE H 112 38.96 8.19 3.48
N ILE H 113 39.47 8.06 4.71
CA ILE H 113 40.83 7.61 4.97
C ILE H 113 40.79 6.42 5.91
N GLY H 114 41.39 5.30 5.47
CA GLY H 114 41.42 4.10 6.26
C GLY H 114 42.10 2.95 5.52
N PRO H 115 42.23 1.82 6.19
CA PRO H 115 42.88 0.67 5.55
C PRO H 115 42.10 0.17 4.35
N ARG H 116 42.80 -0.54 3.47
CA ARG H 116 42.19 -1.01 2.23
C ARG H 116 41.32 -2.23 2.52
N PRO H 117 40.09 -2.27 2.01
CA PRO H 117 39.23 -3.44 2.24
C PRO H 117 39.77 -4.65 1.51
N LEU H 118 40.11 -5.68 2.26
CA LEU H 118 40.71 -6.90 1.73
C LEU H 118 39.75 -8.06 1.85
N LEU H 119 40.16 -9.19 1.27
CA LEU H 119 39.29 -10.35 1.17
C LEU H 119 38.83 -10.85 2.54
N VAL H 120 37.71 -11.59 2.53
CA VAL H 120 37.20 -12.23 3.72
C VAL H 120 38.01 -13.47 4.10
N GLU H 121 38.76 -14.02 3.15
CA GLU H 121 39.62 -15.17 3.45
C GLU H 121 40.64 -14.84 4.52
N TYR H 122 41.06 -13.58 4.60
CA TYR H 122 42.16 -13.16 5.45
C TYR H 122 41.77 -13.02 6.92
N LEU H 123 40.50 -13.16 7.27
CA LEU H 123 40.09 -12.93 8.66
C LEU H 123 40.76 -13.88 9.64
N PRO H 124 40.82 -15.20 9.42
CA PRO H 124 41.54 -16.07 10.36
C PRO H 124 43.05 -15.95 10.26
N ILE H 125 43.59 -15.31 9.21
CA ILE H 125 45.03 -15.25 9.03
C ILE H 125 45.66 -14.14 9.88
N TYR H 126 44.92 -13.06 10.15
CA TYR H 126 45.46 -11.99 10.98
C TYR H 126 45.75 -12.50 12.38
N ASN H 127 46.87 -12.06 12.95
CA ASN H 127 47.15 -12.43 14.32
C ASN H 127 46.43 -11.48 15.27
N GLU H 128 46.61 -11.69 16.58
CA GLU H 128 45.93 -10.88 17.57
C GLU H 128 46.34 -9.41 17.53
N THR H 129 47.51 -9.09 17.00
CA THR H 129 47.93 -7.71 16.87
C THR H 129 47.39 -7.08 15.59
N GLN H 130 47.37 -7.85 14.51
CA GLN H 130 46.88 -7.35 13.23
C GLN H 130 45.36 -7.17 13.23
N LYS H 131 44.65 -7.81 14.17
CA LYS H 131 43.19 -7.63 14.23
C LYS H 131 42.82 -6.17 14.45
N HIS H 132 43.72 -5.39 15.04
CA HIS H 132 43.45 -3.99 15.32
C HIS H 132 43.31 -3.13 14.07
N ARG H 133 43.69 -3.63 12.89
CA ARG H 133 43.50 -2.85 11.67
C ARG H 133 42.01 -2.61 11.38
N HIS H 134 41.13 -3.45 11.90
CA HIS H 134 39.69 -3.30 11.73
C HIS H 134 39.04 -2.56 12.89
N ASP H 135 39.83 -1.88 13.72
CA ASP H 135 39.28 -1.04 14.78
C ASP H 135 38.74 0.28 14.26
N VAL H 136 38.95 0.57 12.97
CA VAL H 136 38.44 1.77 12.33
C VAL H 136 37.79 1.37 11.01
N ARG H 137 36.98 2.26 10.47
CA ARG H 137 36.34 2.02 9.19
C ARG H 137 37.38 1.99 8.07
N PRO H 138 37.19 1.15 7.06
CA PRO H 138 38.10 1.15 5.91
C PRO H 138 37.99 2.47 5.15
N GLY H 139 38.94 2.67 4.23
CA GLY H 139 39.06 3.94 3.56
C GLY H 139 39.29 3.78 2.07
N ILE H 140 38.93 4.85 1.34
CA ILE H 140 39.26 4.91 -0.08
C ILE H 140 40.76 5.02 -0.27
N THR H 141 41.41 5.84 0.55
CA THR H 141 42.86 5.92 0.63
C THR H 141 43.26 5.84 2.10
N GLY H 142 44.56 5.70 2.35
CA GLY H 142 45.00 5.59 3.71
C GLY H 142 46.51 5.69 3.81
N LEU H 143 47.01 5.41 5.02
CA LEU H 143 48.45 5.49 5.26
C LEU H 143 49.21 4.43 4.47
N ALA H 144 48.55 3.30 4.17
CA ALA H 144 49.19 2.26 3.39
C ALA H 144 49.10 2.53 1.89
N GLN H 145 48.01 3.15 1.44
CA GLN H 145 47.84 3.37 0.00
C GLN H 145 48.83 4.42 -0.51
N VAL H 146 49.12 5.44 0.31
CA VAL H 146 50.04 6.49 -0.14
C VAL H 146 51.50 6.09 0.01
N ASN H 147 51.80 5.11 0.86
CA ASN H 147 53.15 4.61 1.05
C ASN H 147 53.40 3.33 0.26
N GLY H 148 52.91 3.29 -0.98
CA GLY H 148 53.12 2.14 -1.84
C GLY H 148 54.51 2.15 -2.46
N ARG H 149 55.18 1.00 -2.40
CA ARG H 149 56.57 0.90 -2.84
C ARG H 149 56.74 -0.20 -3.89
N ASN H 150 55.70 -0.45 -4.69
CA ASN H 150 55.73 -1.44 -5.77
C ASN H 150 56.15 -2.83 -5.28
N ALA H 151 55.57 -3.24 -4.16
CA ALA H 151 55.89 -4.54 -3.59
C ALA H 151 54.72 -5.04 -2.76
N ILE H 152 54.39 -6.32 -2.91
CA ILE H 152 53.30 -6.90 -2.13
C ILE H 152 53.91 -7.48 -0.86
N SER H 153 54.38 -6.59 0.01
CA SER H 153 54.94 -6.96 1.32
C SER H 153 53.81 -6.70 2.31
N TRP H 154 53.01 -7.74 2.55
CA TRP H 154 51.83 -7.62 3.39
C TRP H 154 52.18 -7.13 4.79
N GLU H 155 53.32 -7.56 5.34
CA GLU H 155 53.66 -7.20 6.71
C GLU H 155 53.91 -5.70 6.87
N LYS H 156 54.42 -5.03 5.84
CA LYS H 156 54.64 -3.59 5.93
C LYS H 156 53.35 -2.81 5.76
N LYS H 157 52.44 -3.29 4.91
CA LYS H 157 51.12 -2.69 4.78
C LYS H 157 50.35 -2.70 6.11
N PHE H 158 50.42 -3.82 6.84
CA PHE H 158 49.70 -3.92 8.11
C PHE H 158 50.30 -3.05 9.20
N GLU H 159 51.61 -2.79 9.15
CA GLU H 159 52.23 -1.91 10.15
C GLU H 159 51.68 -0.49 10.08
N TYR H 160 51.58 0.06 8.88
CA TYR H 160 51.04 1.41 8.72
C TYR H 160 49.58 1.48 9.14
N ASP H 161 48.78 0.45 8.83
CA ASP H 161 47.37 0.46 9.19
C ASP H 161 47.17 0.46 10.69
N VAL H 162 47.94 -0.34 11.43
CA VAL H 162 47.75 -0.42 12.87
C VAL H 162 48.18 0.89 13.54
N TYR H 163 49.28 1.48 13.05
CA TYR H 163 49.67 2.79 13.56
C TYR H 163 48.60 3.84 13.28
N TYR H 164 47.94 3.74 12.13
CA TYR H 164 46.86 4.67 11.82
C TYR H 164 45.67 4.45 12.75
N ALA H 165 45.29 3.17 12.98
CA ALA H 165 44.19 2.89 13.88
C ALA H 165 44.52 3.29 15.31
N LYS H 166 45.80 3.23 15.67
CA LYS H 166 46.21 3.59 17.03
C LYS H 166 46.32 5.10 17.21
N ASN H 167 46.90 5.81 16.25
CA ASN H 167 47.15 7.23 16.40
C ASN H 167 46.42 8.08 15.35
N LEU H 168 45.11 7.90 15.22
CA LEU H 168 44.33 8.71 14.29
C LEU H 168 44.25 10.16 14.78
N SER H 169 44.68 11.10 13.94
CA SER H 169 44.64 12.52 14.25
C SER H 169 44.14 13.27 13.03
N PHE H 170 43.65 14.49 13.25
CA PHE H 170 43.22 15.31 12.14
C PHE H 170 44.40 15.71 11.24
N MSE H 171 45.55 15.99 11.84
CA MSE H 171 46.74 16.35 11.08
C MSE H 171 47.23 15.18 10.24
O MSE H 171 47.66 15.36 9.10
CB MSE H 171 47.86 16.85 12.00
CG MSE H 171 47.52 18.12 12.74
SE MSE H 171 46.71 19.44 11.56
CE MSE H 171 48.33 20.37 10.98
N LEU H 172 47.19 13.97 10.83
CA LEU H 172 47.61 12.79 10.09
C LEU H 172 46.68 12.53 8.90
N ASP H 173 45.38 12.76 9.07
CA ASP H 173 44.44 12.56 7.98
C ASP H 173 44.69 13.57 6.84
N VAL H 174 44.92 14.84 7.19
CA VAL H 174 45.24 15.82 6.17
C VAL H 174 46.52 15.44 5.44
N LYS H 175 47.52 14.95 6.19
CA LYS H 175 48.75 14.48 5.58
C LYS H 175 48.48 13.35 4.59
N ILE H 176 47.57 12.43 4.93
CA ILE H 176 47.23 11.34 4.01
C ILE H 176 46.53 11.88 2.77
N ALA H 177 45.61 12.82 2.95
CA ALA H 177 44.88 13.38 1.81
C ALA H 177 45.84 14.10 0.86
N LEU H 178 46.76 14.89 1.41
CA LEU H 178 47.76 15.55 0.58
C LEU H 178 48.69 14.54 -0.09
N GLN H 179 49.06 13.48 0.63
CA GLN H 179 49.84 12.41 0.00
C GLN H 179 49.03 11.68 -1.06
N THR H 180 47.70 11.69 -0.94
CA THR H 180 46.85 11.03 -1.93
C THR H 180 46.70 11.87 -3.19
N ILE H 181 46.58 13.20 -3.06
CA ILE H 181 46.50 14.01 -4.26
C ILE H 181 47.85 14.03 -4.98
N GLU H 182 48.95 13.88 -4.23
CA GLU H 182 50.25 13.71 -4.86
C GLU H 182 50.34 12.36 -5.56
N LYS H 183 49.57 11.36 -5.13
CA LYS H 183 49.53 10.09 -5.83
C LYS H 183 49.00 10.27 -7.25
N VAL H 184 47.97 11.10 -7.42
CA VAL H 184 47.44 11.35 -8.77
C VAL H 184 48.22 12.45 -9.48
N LEU H 185 49.07 13.19 -8.76
CA LEU H 185 49.97 14.14 -9.41
C LEU H 185 51.05 13.43 -10.21
N LYS H 186 51.43 12.22 -9.80
CA LYS H 186 52.41 11.40 -10.49
C LYS H 186 51.72 10.38 -11.37
N ARG H 187 52.53 9.64 -12.13
CA ARG H 187 52.05 8.67 -13.10
C ARG H 187 51.26 7.56 -12.43
#